data_3IA2
#
_entry.id   3IA2
#
_cell.length_a   146.215
_cell.length_b   146.215
_cell.length_c   129.964
_cell.angle_alpha   90.00
_cell.angle_beta   90.00
_cell.angle_gamma   120.00
#
_symmetry.space_group_name_H-M   'P 32'
#
loop_
_entity.id
_entity.type
_entity.pdbx_description
1 polymer Arylesterase
2 non-polymer (2R)-butane-2-sulfonate
3 non-polymer GLYCEROL
4 non-polymer 'SULFATE ION'
5 water water
#
_entity_poly.entity_id   1
_entity_poly.type   'polypeptide(L)'
_entity_poly.pdbx_seq_one_letter_code
;STFVAKDGTQIYFKDWGSGKPVLFSHGWLLDADMWEYQMEYLSSRGYRTIAFDRRGFGRSDQPWTGNDYDTFADDIAQLI
EHLDLKEVTLVGFSMGGGDVARYIARHGSARVAGLVLLGAVTPLFGQKPDYPQGVPLDVFARFKTELLKDRAQFISDFNA
PFYGINKGQVVSQGVQTQTLQIALLASLKATVDCVTAFAETDFRPDMAKIDVPTLVIHGDGDQIVPFETTGKVAAELIKG
AELKVYKDAPHGFAVTHAQQLNEDLLAFLKR
;
_entity_poly.pdbx_strand_id   A,B,C,D,E,F
#
loop_
_chem_comp.id
_chem_comp.type
_chem_comp.name
_chem_comp.formula
GOL non-polymer GLYCEROL 'C3 H8 O3'
J6Z non-polymer (2R)-butane-2-sulfonate 'C4 H9 O3 S -1'
SO4 non-polymer 'SULFATE ION' 'O4 S -2'
#
# COMPACT_ATOMS: atom_id res chain seq x y z
N SER A 1 -47.54 -6.31 22.21
CA SER A 1 -48.32 -6.74 21.01
C SER A 1 -48.13 -5.72 19.89
N THR A 2 -48.45 -6.13 18.67
CA THR A 2 -48.38 -5.23 17.53
C THR A 2 -49.53 -5.48 16.55
N PHE A 3 -49.91 -4.44 15.82
CA PHE A 3 -50.78 -4.60 14.66
C PHE A 3 -50.22 -3.76 13.53
N VAL A 4 -50.64 -4.03 12.31
CA VAL A 4 -50.15 -3.30 11.14
C VAL A 4 -51.23 -2.38 10.59
N ALA A 5 -50.92 -1.08 10.53
CA ALA A 5 -51.86 -0.09 10.06
C ALA A 5 -52.01 -0.19 8.54
N LYS A 6 -52.98 0.55 8.00
CA LYS A 6 -53.26 0.52 6.57
C LYS A 6 -52.01 0.70 5.71
N ASP A 7 -51.16 1.65 6.08
CA ASP A 7 -50.00 1.99 5.26
C ASP A 7 -48.76 1.12 5.54
N GLY A 8 -48.92 0.12 6.39
CA GLY A 8 -47.84 -0.82 6.67
C GLY A 8 -47.12 -0.57 7.97
N THR A 9 -47.45 0.53 8.64
CA THR A 9 -46.81 0.90 9.89
C THR A 9 -47.16 -0.08 11.00
N GLN A 10 -46.14 -0.67 11.62
CA GLN A 10 -46.34 -1.56 12.76
C GLN A 10 -46.47 -0.73 14.04
N ILE A 11 -47.56 -0.94 14.76
N ILE A 11 -47.54 -0.93 14.78
CA ILE A 11 -47.84 -0.20 15.99
CA ILE A 11 -47.82 -0.16 15.98
C ILE A 11 -47.74 -1.11 17.20
C ILE A 11 -47.83 -1.04 17.24
N TYR A 12 -46.99 -0.69 18.21
CA TYR A 12 -46.87 -1.44 19.46
C TYR A 12 -48.00 -1.05 20.42
N PHE A 13 -48.52 -2.04 21.13
CA PHE A 13 -49.50 -1.77 22.18
C PHE A 13 -49.46 -2.79 23.29
N LYS A 14 -50.00 -2.40 24.45
CA LYS A 14 -50.17 -3.31 25.57
C LYS A 14 -51.66 -3.51 25.80
N ASP A 15 -52.03 -4.74 26.12
CA ASP A 15 -53.42 -5.11 26.39
C ASP A 15 -53.42 -5.91 27.69
N TRP A 16 -53.82 -5.26 28.79
CA TRP A 16 -53.74 -5.86 30.12
C TRP A 16 -55.10 -6.11 30.75
N GLY A 17 -55.23 -7.24 31.43
CA GLY A 17 -56.39 -7.52 32.27
C GLY A 17 -57.64 -7.92 31.51
N SER A 18 -58.77 -7.88 32.19
CA SER A 18 -60.04 -8.26 31.58
C SER A 18 -61.19 -7.42 32.12
N GLY A 19 -62.30 -7.40 31.39
CA GLY A 19 -63.44 -6.58 31.77
C GLY A 19 -63.70 -5.48 30.75
N LYS A 20 -64.46 -4.46 31.16
CA LYS A 20 -64.72 -3.34 30.27
C LYS A 20 -63.40 -2.67 29.90
N PRO A 21 -63.21 -2.39 28.60
CA PRO A 21 -61.93 -1.88 28.11
C PRO A 21 -61.75 -0.37 28.28
N VAL A 22 -60.53 0.03 28.63
CA VAL A 22 -60.15 1.43 28.72
C VAL A 22 -58.91 1.63 27.84
N LEU A 23 -59.04 2.48 26.82
CA LEU A 23 -57.96 2.68 25.85
C LEU A 23 -57.31 4.04 26.03
N PHE A 24 -55.98 4.04 26.22
CA PHE A 24 -55.23 5.25 26.53
C PHE A 24 -54.41 5.76 25.32
N SER A 25 -54.45 7.08 25.11
CA SER A 25 -53.69 7.72 24.05
C SER A 25 -52.73 8.76 24.63
N HIS A 26 -51.42 8.49 24.51
CA HIS A 26 -50.41 9.30 25.20
C HIS A 26 -50.13 10.67 24.55
N GLY A 27 -49.39 11.50 25.27
CA GLY A 27 -49.04 12.83 24.79
C GLY A 27 -47.78 12.86 23.93
N TRP A 28 -47.38 14.06 23.54
CA TRP A 28 -46.22 14.27 22.67
C TRP A 28 -44.94 13.80 23.37
N LEU A 29 -44.06 13.15 22.61
CA LEU A 29 -42.73 12.77 23.11
C LEU A 29 -42.70 11.47 23.90
N LEU A 30 -43.82 11.14 24.54
CA LEU A 30 -43.87 9.98 25.42
C LEU A 30 -44.24 8.70 24.66
N ASP A 31 -44.70 7.69 25.39
CA ASP A 31 -45.29 6.50 24.76
C ASP A 31 -46.24 5.81 25.73
N ALA A 32 -46.62 4.57 25.43
CA ALA A 32 -47.60 3.86 26.26
C ALA A 32 -47.18 3.74 27.72
N ASP A 33 -45.88 3.87 27.98
CA ASP A 33 -45.37 3.73 29.34
C ASP A 33 -45.84 4.84 30.28
N MET A 34 -46.23 5.99 29.73
CA MET A 34 -46.70 7.09 30.57
C MET A 34 -47.94 6.68 31.35
N TRP A 35 -48.62 5.64 30.89
CA TRP A 35 -49.88 5.20 31.50
C TRP A 35 -49.72 4.03 32.47
N GLU A 36 -48.49 3.57 32.66
CA GLU A 36 -48.27 2.32 33.39
C GLU A 36 -49.00 2.27 34.74
N TYR A 37 -48.97 3.36 35.49
CA TYR A 37 -49.60 3.38 36.81
C TYR A 37 -51.12 3.35 36.75
N GLN A 38 -51.71 4.10 35.81
CA GLN A 38 -53.16 4.06 35.63
C GLN A 38 -53.63 2.69 35.16
N MET A 39 -52.85 2.07 34.28
CA MET A 39 -53.18 0.74 33.78
C MET A 39 -53.15 -0.31 34.88
N GLU A 40 -52.10 -0.30 35.70
CA GLU A 40 -52.00 -1.25 36.81
C GLU A 40 -53.11 -1.01 37.82
N TYR A 41 -53.41 0.25 38.08
CA TYR A 41 -54.44 0.62 39.05
C TYR A 41 -55.81 0.07 38.63
N LEU A 42 -56.18 0.31 37.38
CA LEU A 42 -57.49 -0.09 36.89
C LEU A 42 -57.60 -1.57 36.58
N SER A 43 -56.54 -2.17 36.05
CA SER A 43 -56.58 -3.59 35.70
C SER A 43 -56.55 -4.50 36.92
N SER A 44 -56.06 -3.97 38.05
N SER A 44 -56.07 -3.97 38.05
CA SER A 44 -56.11 -4.72 39.30
CA SER A 44 -56.11 -4.70 39.31
C SER A 44 -57.44 -4.47 40.00
C SER A 44 -57.50 -4.56 39.93
N ARG A 45 -58.31 -3.70 39.34
CA ARG A 45 -59.63 -3.39 39.89
C ARG A 45 -60.76 -3.72 38.91
N GLY A 46 -60.54 -4.73 38.07
CA GLY A 46 -61.61 -5.29 37.25
C GLY A 46 -61.79 -4.70 35.86
N TYR A 47 -60.79 -3.97 35.38
CA TYR A 47 -60.87 -3.39 34.05
C TYR A 47 -59.79 -3.91 33.12
N ARG A 48 -60.07 -3.88 31.82
CA ARG A 48 -59.09 -4.22 30.81
C ARG A 48 -58.51 -2.92 30.29
N THR A 49 -57.20 -2.80 30.31
CA THR A 49 -56.56 -1.57 29.88
C THR A 49 -55.68 -1.79 28.64
N ILE A 50 -55.78 -0.85 27.70
CA ILE A 50 -55.03 -0.92 26.45
C ILE A 50 -54.33 0.41 26.21
N ALA A 51 -53.05 0.36 25.85
CA ALA A 51 -52.31 1.57 25.52
C ALA A 51 -51.34 1.30 24.38
N PHE A 52 -51.30 2.21 23.41
CA PHE A 52 -50.45 2.05 22.22
C PHE A 52 -49.35 3.10 22.18
N ASP A 53 -48.28 2.81 21.44
CA ASP A 53 -47.26 3.80 21.12
C ASP A 53 -47.67 4.44 19.79
N ARG A 54 -47.91 5.75 19.78
CA ARG A 54 -48.32 6.42 18.55
C ARG A 54 -47.27 6.19 17.46
N ARG A 55 -47.70 6.08 16.20
CA ARG A 55 -46.75 5.94 15.11
C ARG A 55 -45.65 6.98 15.25
N GLY A 56 -44.40 6.55 15.11
CA GLY A 56 -43.25 7.44 15.25
C GLY A 56 -42.69 7.57 16.65
N PHE A 57 -43.34 6.94 17.62
CA PHE A 57 -42.94 7.05 19.03
C PHE A 57 -42.72 5.70 19.70
N GLY A 58 -41.94 5.70 20.76
CA GLY A 58 -41.71 4.49 21.53
C GLY A 58 -41.23 3.32 20.69
N ARG A 59 -41.95 2.21 20.79
CA ARG A 59 -41.57 0.96 20.16
C ARG A 59 -42.25 0.73 18.80
N SER A 60 -42.99 1.73 18.32
CA SER A 60 -43.66 1.62 17.02
C SER A 60 -42.74 2.04 15.87
N ASP A 61 -43.10 1.65 14.65
CA ASP A 61 -42.37 2.05 13.46
C ASP A 61 -42.41 3.57 13.29
N GLN A 62 -41.52 4.09 12.45
CA GLN A 62 -41.36 5.53 12.24
C GLN A 62 -41.59 5.94 10.78
N PRO A 63 -42.85 5.96 10.34
CA PRO A 63 -43.14 6.33 8.96
C PRO A 63 -42.86 7.81 8.67
N TRP A 64 -42.42 8.09 7.45
CA TRP A 64 -42.22 9.46 6.99
C TRP A 64 -43.57 10.17 6.81
N THR A 65 -44.58 9.42 6.40
CA THR A 65 -45.91 9.98 6.14
C THR A 65 -46.95 9.56 7.19
N GLY A 66 -48.08 10.24 7.18
CA GLY A 66 -49.21 9.87 8.03
C GLY A 66 -49.15 10.42 9.44
N ASN A 67 -48.25 11.37 9.67
CA ASN A 67 -48.11 11.99 10.98
C ASN A 67 -49.09 13.16 11.14
N ASP A 68 -50.38 12.83 11.11
CA ASP A 68 -51.44 13.81 11.21
C ASP A 68 -52.64 13.21 11.94
N TYR A 69 -53.54 14.06 12.42
CA TYR A 69 -54.63 13.59 13.27
C TYR A 69 -55.60 12.63 12.61
N ASP A 70 -55.92 12.85 11.33
CA ASP A 70 -56.81 11.93 10.64
C ASP A 70 -56.21 10.52 10.62
N THR A 71 -54.92 10.43 10.37
CA THR A 71 -54.22 9.13 10.39
C THR A 71 -54.13 8.57 11.80
N PHE A 72 -53.80 9.41 12.79
CA PHE A 72 -53.76 8.97 14.18
C PHE A 72 -55.11 8.36 14.58
N ALA A 73 -56.19 9.04 14.20
CA ALA A 73 -57.54 8.59 14.53
C ALA A 73 -57.84 7.25 13.87
N ASP A 74 -57.39 7.08 12.63
CA ASP A 74 -57.63 5.83 11.92
C ASP A 74 -56.77 4.70 12.48
N ASP A 75 -55.59 5.04 13.00
CA ASP A 75 -54.77 4.06 13.70
C ASP A 75 -55.54 3.52 14.92
N ILE A 76 -56.14 4.43 15.68
CA ILE A 76 -56.94 4.05 16.84
C ILE A 76 -58.13 3.18 16.42
N ALA A 77 -58.79 3.57 15.34
CA ALA A 77 -59.89 2.78 14.81
C ALA A 77 -59.47 1.36 14.47
N GLN A 78 -58.29 1.23 13.85
N GLN A 78 -58.31 1.20 13.83
CA GLN A 78 -57.77 -0.08 13.47
CA GLN A 78 -57.85 -0.14 13.49
C GLN A 78 -57.45 -0.97 14.67
C GLN A 78 -57.58 -0.96 14.74
N LEU A 79 -56.96 -0.35 15.75
CA LEU A 79 -56.66 -1.06 16.98
C LEU A 79 -57.96 -1.56 17.61
N ILE A 80 -58.95 -0.68 17.67
CA ILE A 80 -60.25 -1.01 18.22
C ILE A 80 -60.91 -2.16 17.48
N GLU A 81 -60.82 -2.14 16.14
CA GLU A 81 -61.34 -3.23 15.33
C GLU A 81 -60.49 -4.49 15.46
N HIS A 82 -59.18 -4.31 15.58
CA HIS A 82 -58.26 -5.42 15.74
C HIS A 82 -58.61 -6.26 16.96
N LEU A 83 -59.00 -5.60 18.04
CA LEU A 83 -59.33 -6.27 19.29
C LEU A 83 -60.84 -6.44 19.46
N ASP A 84 -61.61 -5.91 18.52
CA ASP A 84 -63.07 -5.96 18.57
C ASP A 84 -63.58 -5.40 19.90
N LEU A 85 -63.09 -4.21 20.26
CA LEU A 85 -63.46 -3.59 21.53
C LEU A 85 -64.86 -3.01 21.48
N LYS A 86 -65.58 -3.16 22.59
CA LYS A 86 -66.92 -2.59 22.73
C LYS A 86 -67.06 -1.90 24.08
N GLU A 87 -67.90 -0.88 24.13
N GLU A 87 -67.89 -0.86 24.14
CA GLU A 87 -68.10 -0.10 25.35
CA GLU A 87 -68.06 -0.10 25.37
C GLU A 87 -66.76 0.36 25.93
C GLU A 87 -66.71 0.41 25.90
N VAL A 88 -65.91 0.89 25.06
N VAL A 88 -65.88 0.92 24.99
CA VAL A 88 -64.58 1.33 25.47
CA VAL A 88 -64.55 1.39 25.35
C VAL A 88 -64.60 2.77 25.96
C VAL A 88 -64.59 2.81 25.94
N THR A 89 -63.83 3.02 27.00
CA THR A 89 -63.67 4.36 27.54
C THR A 89 -62.35 4.90 27.00
N LEU A 90 -62.42 5.96 26.19
CA LEU A 90 -61.23 6.56 25.59
C LEU A 90 -60.63 7.61 26.51
N VAL A 91 -59.32 7.51 26.74
CA VAL A 91 -58.62 8.42 27.63
C VAL A 91 -57.42 9.01 26.90
N GLY A 92 -57.42 10.32 26.71
CA GLY A 92 -56.32 10.99 26.00
C GLY A 92 -55.64 12.06 26.83
N PHE A 93 -54.31 12.11 26.74
CA PHE A 93 -53.53 13.15 27.41
C PHE A 93 -52.86 14.08 26.42
N SER A 94 -52.95 15.39 26.68
CA SER A 94 -52.27 16.39 25.86
C SER A 94 -52.67 16.25 24.38
N MET A 95 -51.71 16.04 23.49
CA MET A 95 -52.04 15.89 22.08
C MET A 95 -52.89 14.64 21.83
N GLY A 96 -52.82 13.68 22.74
CA GLY A 96 -53.58 12.44 22.64
C GLY A 96 -55.07 12.64 22.85
N GLY A 97 -55.44 13.78 23.42
CA GLY A 97 -56.85 14.15 23.52
C GLY A 97 -57.39 14.38 22.13
N GLY A 98 -56.52 14.83 21.23
CA GLY A 98 -56.88 15.11 19.86
C GLY A 98 -57.24 13.90 19.03
N ASP A 99 -56.45 12.83 19.12
CA ASP A 99 -56.75 11.67 18.27
C ASP A 99 -57.93 10.80 18.74
N VAL A 100 -58.21 10.79 20.04
CA VAL A 100 -59.41 10.11 20.52
C VAL A 100 -60.67 10.91 20.15
N ALA A 101 -60.57 12.24 20.19
CA ALA A 101 -61.67 13.10 19.77
C ALA A 101 -61.90 12.94 18.28
N ARG A 102 -60.83 12.96 17.51
CA ARG A 102 -60.92 12.82 16.06
C ARG A 102 -61.39 11.42 15.64
N TYR A 103 -61.07 10.41 16.46
CA TYR A 103 -61.57 9.07 16.18
C TYR A 103 -63.09 9.05 16.23
N ILE A 104 -63.67 9.66 17.25
CA ILE A 104 -65.13 9.71 17.39
C ILE A 104 -65.75 10.49 16.24
N ALA A 105 -65.13 11.62 15.89
CA ALA A 105 -65.63 12.47 14.82
C ALA A 105 -65.62 11.75 13.47
N ARG A 106 -64.60 10.93 13.24
CA ARG A 106 -64.46 10.22 11.97
C ARG A 106 -65.21 8.89 11.94
N HIS A 107 -65.36 8.25 13.09
CA HIS A 107 -65.87 6.87 13.13
C HIS A 107 -67.16 6.70 13.93
N GLY A 108 -67.58 7.75 14.63
CA GLY A 108 -68.77 7.66 15.46
C GLY A 108 -68.47 7.00 16.81
N SER A 109 -69.49 6.89 17.65
CA SER A 109 -69.29 6.41 19.01
C SER A 109 -69.96 5.06 19.31
N ALA A 110 -70.28 4.30 18.27
CA ALA A 110 -70.96 3.01 18.47
C ALA A 110 -70.19 2.11 19.46
N ARG A 111 -68.87 2.14 19.38
CA ARG A 111 -68.04 1.28 20.23
C ARG A 111 -67.59 1.97 21.52
N VAL A 112 -68.00 3.23 21.70
CA VAL A 112 -67.48 4.05 22.79
C VAL A 112 -68.49 4.24 23.92
N ALA A 113 -68.04 4.03 25.15
CA ALA A 113 -68.88 4.19 26.33
C ALA A 113 -68.67 5.53 27.02
N GLY A 114 -67.48 6.11 26.85
CA GLY A 114 -67.15 7.37 27.51
C GLY A 114 -65.84 7.96 27.02
N LEU A 115 -65.60 9.22 27.37
CA LEU A 115 -64.40 9.92 26.94
C LEU A 115 -63.80 10.72 28.10
N VAL A 116 -62.48 10.65 28.22
CA VAL A 116 -61.77 11.42 29.24
C VAL A 116 -60.64 12.23 28.59
N LEU A 117 -60.65 13.54 28.80
CA LEU A 117 -59.66 14.43 28.21
C LEU A 117 -58.77 15.04 29.28
N LEU A 118 -57.50 14.64 29.31
CA LEU A 118 -56.56 15.06 30.34
C LEU A 118 -55.53 16.06 29.82
N GLY A 119 -55.53 17.27 30.37
CA GLY A 119 -54.63 18.33 29.89
C GLY A 119 -54.56 18.38 28.38
N ALA A 120 -55.72 18.20 27.75
CA ALA A 120 -55.78 18.01 26.29
C ALA A 120 -55.75 19.31 25.49
N VAL A 121 -55.31 19.20 24.24
CA VAL A 121 -55.21 20.36 23.35
C VAL A 121 -56.57 20.79 22.81
N THR A 122 -57.58 19.94 23.01
CA THR A 122 -58.96 20.23 22.60
C THR A 122 -59.51 21.46 23.32
N PRO A 123 -60.35 22.25 22.64
CA PRO A 123 -60.85 22.00 21.29
C PRO A 123 -59.93 22.57 20.21
N LEU A 124 -58.98 23.42 20.63
N LEU A 124 -59.00 23.43 20.61
CA LEU A 124 -58.04 24.09 19.72
CA LEU A 124 -57.94 23.86 19.73
C LEU A 124 -56.85 24.67 20.49
C LEU A 124 -56.83 24.49 20.55
N PHE A 125 -55.65 24.47 19.98
CA PHE A 125 -54.42 24.86 20.69
C PHE A 125 -53.86 26.18 20.16
N GLY A 126 -53.50 26.21 18.89
CA GLY A 126 -52.91 27.41 18.29
C GLY A 126 -53.92 28.46 17.85
N GLN A 127 -53.41 29.65 17.54
CA GLN A 127 -54.25 30.76 17.08
C GLN A 127 -54.94 30.46 15.75
N LYS A 128 -56.16 30.96 15.62
CA LYS A 128 -56.87 31.00 14.35
C LYS A 128 -57.45 32.40 14.20
N PRO A 129 -57.94 32.74 13.00
CA PRO A 129 -58.50 34.09 12.81
C PRO A 129 -59.59 34.43 13.83
N ASP A 130 -60.42 33.45 14.17
CA ASP A 130 -61.49 33.64 15.16
C ASP A 130 -61.06 33.16 16.55
N TYR A 131 -59.77 32.89 16.71
CA TYR A 131 -59.26 32.41 18.00
C TYR A 131 -57.91 33.03 18.33
N PRO A 132 -57.87 34.38 18.42
CA PRO A 132 -56.62 35.06 18.75
C PRO A 132 -56.14 34.75 20.16
N GLN A 133 -57.01 34.16 20.99
CA GLN A 133 -56.63 33.82 22.36
C GLN A 133 -55.74 32.58 22.42
N GLY A 134 -55.69 31.84 21.31
CA GLY A 134 -54.84 30.65 21.24
C GLY A 134 -53.36 30.98 21.29
N VAL A 135 -52.53 29.94 21.27
CA VAL A 135 -51.08 30.14 21.31
C VAL A 135 -50.56 30.56 19.94
N PRO A 136 -49.87 31.71 19.88
CA PRO A 136 -49.33 32.19 18.61
C PRO A 136 -48.49 31.11 17.94
N LEU A 137 -48.61 31.00 16.62
CA LEU A 137 -47.93 29.93 15.90
C LEU A 137 -46.41 30.07 15.91
N ASP A 138 -45.91 31.28 16.10
CA ASP A 138 -44.45 31.47 16.15
C ASP A 138 -43.84 30.79 17.37
N VAL A 139 -44.67 30.47 18.35
CA VAL A 139 -44.23 29.69 19.51
C VAL A 139 -43.88 28.28 19.08
N PHE A 140 -44.74 27.72 18.22
CA PHE A 140 -44.55 26.37 17.71
C PHE A 140 -43.48 26.32 16.62
N ALA A 141 -43.37 27.40 15.84
CA ALA A 141 -42.29 27.50 14.87
C ALA A 141 -40.96 27.42 15.61
N ARG A 142 -40.91 28.01 16.80
CA ARG A 142 -39.70 27.99 17.62
C ARG A 142 -39.41 26.58 18.15
N PHE A 143 -40.44 25.86 18.57
CA PHE A 143 -40.28 24.45 18.94
C PHE A 143 -39.55 23.73 17.82
N LYS A 144 -40.06 23.87 16.60
CA LYS A 144 -39.50 23.16 15.44
C LYS A 144 -38.04 23.53 15.18
N THR A 145 -37.72 24.82 15.24
CA THR A 145 -36.36 25.27 14.99
CA THR A 145 -36.36 25.30 15.01
C THR A 145 -35.39 24.67 16.01
N GLU A 146 -35.82 24.62 17.27
CA GLU A 146 -34.99 24.08 18.33
C GLU A 146 -34.86 22.56 18.20
N LEU A 147 -35.97 21.88 17.88
CA LEU A 147 -35.96 20.43 17.68
C LEU A 147 -35.05 20.03 16.53
N LEU A 148 -35.03 20.84 15.48
CA LEU A 148 -34.24 20.54 14.29
C LEU A 148 -32.75 20.85 14.48
N LYS A 149 -32.41 21.45 15.62
CA LYS A 149 -31.01 21.68 15.98
C LYS A 149 -30.52 20.64 16.98
N ASP A 150 -31.32 20.38 18.02
CA ASP A 150 -30.91 19.48 19.09
C ASP A 150 -32.15 19.02 19.85
N ARG A 151 -32.80 17.98 19.35
CA ARG A 151 -34.03 17.52 19.99
C ARG A 151 -33.78 16.89 21.35
N ALA A 152 -32.63 16.25 21.53
CA ALA A 152 -32.29 15.65 22.81
C ALA A 152 -32.29 16.70 23.94
N GLN A 153 -31.62 17.83 23.72
CA GLN A 153 -31.57 18.87 24.73
C GLN A 153 -32.92 19.58 24.87
N PHE A 154 -33.65 19.70 23.76
CA PHE A 154 -35.00 20.26 23.84
C PHE A 154 -35.86 19.47 24.82
N ILE A 155 -35.83 18.15 24.68
CA ILE A 155 -36.61 17.27 25.55
C ILE A 155 -36.20 17.46 27.01
N SER A 156 -34.89 17.46 27.25
CA SER A 156 -34.36 17.62 28.60
CA SER A 156 -34.36 17.62 28.60
C SER A 156 -34.83 18.93 29.23
N ASP A 157 -34.75 20.02 28.46
CA ASP A 157 -35.19 21.33 28.94
C ASP A 157 -36.70 21.42 29.13
N PHE A 158 -37.43 20.60 28.38
CA PHE A 158 -38.89 20.58 28.44
C PHE A 158 -39.41 19.99 29.76
N ASN A 159 -38.59 19.14 30.38
CA ASN A 159 -38.98 18.51 31.65
C ASN A 159 -39.47 19.50 32.71
N ALA A 160 -38.77 20.62 32.85
CA ALA A 160 -39.05 21.58 33.92
C ALA A 160 -40.46 22.18 33.86
N PRO A 161 -40.80 22.86 32.76
CA PRO A 161 -42.15 23.44 32.63
C PRO A 161 -43.22 22.36 32.48
N PHE A 162 -42.84 21.22 31.93
CA PHE A 162 -43.77 20.11 31.75
C PHE A 162 -44.30 19.62 33.09
N TYR A 163 -43.39 19.40 34.03
CA TYR A 163 -43.74 18.87 35.34
C TYR A 163 -43.96 19.97 36.39
N GLY A 164 -43.70 21.21 36.01
CA GLY A 164 -43.85 22.35 36.93
C GLY A 164 -42.76 22.38 37.97
N ILE A 165 -41.60 21.82 37.64
CA ILE A 165 -40.46 21.80 38.54
C ILE A 165 -40.01 23.24 38.82
N ASN A 166 -40.17 24.10 37.82
CA ASN A 166 -39.83 25.51 37.96
C ASN A 166 -40.83 26.26 38.83
N LYS A 167 -41.90 25.60 39.25
CA LYS A 167 -42.91 26.23 40.10
C LYS A 167 -43.33 25.38 41.31
N GLY A 168 -42.36 24.76 41.96
CA GLY A 168 -42.62 24.11 43.25
C GLY A 168 -43.00 22.63 43.24
N GLN A 169 -43.26 22.08 42.06
CA GLN A 169 -43.58 20.65 41.98
C GLN A 169 -42.32 19.83 42.20
N VAL A 170 -42.45 18.73 42.94
CA VAL A 170 -41.31 17.87 43.21
C VAL A 170 -41.41 16.61 42.35
N VAL A 171 -40.39 16.42 41.50
N VAL A 171 -40.41 16.42 41.49
CA VAL A 171 -40.32 15.25 40.63
CA VAL A 171 -40.34 15.23 40.65
C VAL A 171 -38.90 14.68 40.67
C VAL A 171 -38.92 14.69 40.68
N SER A 172 -38.79 13.38 40.88
CA SER A 172 -37.49 12.74 41.01
C SER A 172 -36.65 12.81 39.74
N GLN A 173 -35.33 12.67 39.90
N GLN A 173 -35.33 12.67 39.90
CA GLN A 173 -34.45 12.59 38.75
CA GLN A 173 -34.45 12.59 38.74
C GLN A 173 -34.76 11.34 37.94
C GLN A 173 -34.77 11.34 37.93
N GLY A 174 -35.22 10.30 38.62
CA GLY A 174 -35.60 9.05 37.96
C GLY A 174 -36.69 9.28 36.92
N VAL A 175 -37.74 9.99 37.33
CA VAL A 175 -38.84 10.30 36.41
C VAL A 175 -38.33 11.12 35.22
N GLN A 176 -37.48 12.10 35.48
CA GLN A 176 -36.96 12.94 34.43
C GLN A 176 -36.08 12.13 33.47
N THR A 177 -35.32 11.19 34.01
CA THR A 177 -34.48 10.32 33.21
C THR A 177 -35.33 9.39 32.33
N GLN A 178 -36.37 8.81 32.91
CA GLN A 178 -37.25 7.91 32.14
C GLN A 178 -37.97 8.68 31.02
N THR A 179 -38.38 9.91 31.33
CA THR A 179 -39.06 10.76 30.36
C THR A 179 -38.16 10.98 29.14
N LEU A 180 -36.90 11.33 29.41
CA LEU A 180 -35.94 11.57 28.34
C LEU A 180 -35.67 10.29 27.55
N GLN A 181 -35.47 9.19 28.27
CA GLN A 181 -35.19 7.90 27.62
C GLN A 181 -36.28 7.52 26.61
N ILE A 182 -37.53 7.61 27.04
CA ILE A 182 -38.65 7.27 26.18
C ILE A 182 -38.75 8.21 24.97
N ALA A 183 -38.58 9.50 25.21
CA ALA A 183 -38.68 10.51 24.16
C ALA A 183 -37.64 10.29 23.07
N LEU A 184 -36.46 9.82 23.45
CA LEU A 184 -35.36 9.63 22.51
C LEU A 184 -35.60 8.45 21.58
N LEU A 185 -36.50 7.55 21.98
CA LEU A 185 -36.89 6.43 21.12
C LEU A 185 -37.60 6.94 19.87
N ALA A 186 -38.30 8.05 20.00
CA ALA A 186 -39.14 8.57 18.92
C ALA A 186 -38.37 9.05 17.70
N SER A 187 -39.08 9.19 16.58
CA SER A 187 -38.54 9.74 15.34
C SER A 187 -38.44 11.26 15.37
N LEU A 188 -37.33 11.80 14.89
CA LEU A 188 -37.20 13.24 14.74
C LEU A 188 -38.34 13.79 13.87
N LYS A 189 -38.63 13.08 12.77
CA LYS A 189 -39.68 13.50 11.84
C LYS A 189 -41.06 13.50 12.48
N ALA A 190 -41.40 12.42 13.17
CA ALA A 190 -42.68 12.33 13.84
C ALA A 190 -42.80 13.42 14.90
N THR A 191 -41.71 13.64 15.62
CA THR A 191 -41.68 14.63 16.69
C THR A 191 -42.00 16.04 16.15
N VAL A 192 -41.38 16.39 15.03
CA VAL A 192 -41.60 17.71 14.44
C VAL A 192 -42.98 17.82 13.78
N ASP A 193 -43.38 16.78 13.05
CA ASP A 193 -44.71 16.73 12.42
C ASP A 193 -45.84 16.90 13.43
N CYS A 194 -45.67 16.30 14.60
CA CYS A 194 -46.68 16.41 15.64
C CYS A 194 -46.90 17.85 16.10
N VAL A 195 -45.84 18.65 16.09
CA VAL A 195 -45.98 20.06 16.42
C VAL A 195 -46.97 20.71 15.45
N THR A 196 -46.75 20.51 14.16
CA THR A 196 -47.67 21.02 13.14
C THR A 196 -49.09 20.56 13.43
N ALA A 197 -49.24 19.26 13.71
CA ALA A 197 -50.54 18.66 13.99
C ALA A 197 -51.26 19.33 15.16
N PHE A 198 -50.67 19.32 16.35
CA PHE A 198 -51.36 19.89 17.51
C PHE A 198 -51.42 21.41 17.52
N ALA A 199 -50.51 22.05 16.79
CA ALA A 199 -50.50 23.52 16.71
C ALA A 199 -51.67 24.05 15.89
N GLU A 200 -52.04 23.33 14.83
CA GLU A 200 -52.93 23.91 13.81
C GLU A 200 -54.25 23.17 13.58
N THR A 201 -54.43 22.02 14.21
CA THR A 201 -55.65 21.24 13.99
C THR A 201 -56.80 21.75 14.86
N ASP A 202 -57.94 21.98 14.22
CA ASP A 202 -59.14 22.51 14.89
C ASP A 202 -60.10 21.37 15.23
N PHE A 203 -60.34 21.17 16.52
CA PHE A 203 -61.20 20.08 16.98
C PHE A 203 -62.58 20.58 17.42
N ARG A 204 -62.90 21.83 17.10
CA ARG A 204 -64.18 22.38 17.51
C ARG A 204 -65.35 21.64 16.85
N PRO A 205 -65.21 21.30 15.56
CA PRO A 205 -66.21 20.45 14.91
C PRO A 205 -66.35 19.11 15.61
N ASP A 206 -65.23 18.56 16.07
CA ASP A 206 -65.23 17.28 16.79
C ASP A 206 -66.06 17.35 18.06
N MET A 207 -65.99 18.47 18.76
CA MET A 207 -66.67 18.62 20.04
C MET A 207 -68.17 18.36 19.90
N ALA A 208 -68.74 18.79 18.78
CA ALA A 208 -70.18 18.67 18.54
C ALA A 208 -70.62 17.24 18.23
N LYS A 209 -69.66 16.38 17.88
CA LYS A 209 -69.96 14.99 17.55
C LYS A 209 -69.76 14.06 18.74
N ILE A 210 -69.34 14.62 19.87
CA ILE A 210 -69.14 13.80 21.07
C ILE A 210 -70.45 13.64 21.84
N ASP A 211 -71.06 12.47 21.70
CA ASP A 211 -72.36 12.20 22.29
C ASP A 211 -72.29 11.11 23.37
N VAL A 212 -71.20 11.11 24.13
CA VAL A 212 -71.03 10.16 25.23
C VAL A 212 -70.62 10.90 26.49
N PRO A 213 -70.82 10.26 27.66
CA PRO A 213 -70.36 10.88 28.89
C PRO A 213 -68.89 11.26 28.76
N THR A 214 -68.55 12.47 29.21
N THR A 214 -68.55 12.47 29.20
CA THR A 214 -67.19 12.99 29.05
CA THR A 214 -67.18 12.97 29.05
C THR A 214 -66.69 13.66 30.33
C THR A 214 -66.70 13.62 30.33
N LEU A 215 -65.45 13.36 30.68
CA LEU A 215 -64.81 13.99 31.84
C LEU A 215 -63.58 14.74 31.36
N VAL A 216 -63.51 16.02 31.68
CA VAL A 216 -62.37 16.85 31.34
C VAL A 216 -61.60 17.19 32.61
N ILE A 217 -60.32 16.82 32.64
CA ILE A 217 -59.46 17.17 33.77
C ILE A 217 -58.27 17.98 33.28
N HIS A 218 -57.95 19.05 34.00
CA HIS A 218 -56.88 19.95 33.60
C HIS A 218 -56.29 20.60 34.83
N GLY A 219 -54.99 20.85 34.80
CA GLY A 219 -54.35 21.62 35.87
C GLY A 219 -54.38 23.10 35.51
N ASP A 220 -54.76 23.95 36.46
CA ASP A 220 -54.79 25.38 36.18
C ASP A 220 -53.43 26.05 36.41
N GLY A 221 -52.40 25.23 36.60
CA GLY A 221 -51.02 25.71 36.63
C GLY A 221 -50.27 25.22 35.40
N ASP A 222 -51.02 24.68 34.44
CA ASP A 222 -50.45 24.11 33.22
C ASP A 222 -49.73 25.15 32.37
N GLN A 223 -48.40 25.02 32.27
CA GLN A 223 -47.59 25.97 31.52
C GLN A 223 -47.46 25.61 30.05
N ILE A 224 -47.97 24.44 29.67
CA ILE A 224 -47.79 23.95 28.30
C ILE A 224 -49.05 24.11 27.47
N VAL A 225 -50.16 23.59 28.00
CA VAL A 225 -51.46 23.67 27.34
C VAL A 225 -52.39 24.47 28.24
N PRO A 226 -52.63 25.75 27.87
CA PRO A 226 -53.35 26.72 28.70
C PRO A 226 -54.78 26.27 29.01
N PHE A 227 -55.07 26.07 30.29
CA PHE A 227 -56.40 25.64 30.71
C PHE A 227 -57.50 26.54 30.15
N GLU A 228 -57.29 27.85 30.23
CA GLU A 228 -58.33 28.83 29.90
C GLU A 228 -58.87 28.72 28.47
N THR A 229 -58.02 28.29 27.55
CA THR A 229 -58.40 28.25 26.12
C THR A 229 -58.51 26.83 25.57
N THR A 230 -58.26 25.84 26.42
CA THR A 230 -58.43 24.45 26.03
C THR A 230 -59.46 23.74 26.92
N GLY A 231 -58.99 23.06 27.96
CA GLY A 231 -59.88 22.30 28.84
C GLY A 231 -61.15 23.04 29.25
N LYS A 232 -60.99 24.29 29.64
CA LYS A 232 -62.14 25.10 30.07
C LYS A 232 -63.20 25.19 28.98
N VAL A 233 -62.76 25.36 27.74
CA VAL A 233 -63.67 25.50 26.61
C VAL A 233 -64.25 24.17 26.18
N ALA A 234 -63.40 23.14 26.14
CA ALA A 234 -63.85 21.80 25.77
C ALA A 234 -65.01 21.33 26.64
N ALA A 235 -64.91 21.57 27.94
CA ALA A 235 -65.95 21.15 28.88
C ALA A 235 -67.29 21.82 28.58
N GLU A 236 -67.22 23.04 28.03
CA GLU A 236 -68.43 23.78 27.69
C GLU A 236 -69.01 23.32 26.35
N LEU A 237 -68.13 23.04 25.40
CA LEU A 237 -68.54 22.69 24.04
C LEU A 237 -69.09 21.27 23.93
N ILE A 238 -68.66 20.39 24.82
CA ILE A 238 -69.13 19.01 24.83
C ILE A 238 -70.38 18.88 25.71
N LYS A 239 -71.49 18.49 25.09
CA LYS A 239 -72.76 18.37 25.81
C LYS A 239 -72.67 17.38 26.96
N GLY A 240 -72.99 17.86 28.16
CA GLY A 240 -73.05 17.00 29.34
C GLY A 240 -71.70 16.74 29.99
N ALA A 241 -70.65 17.33 29.45
CA ALA A 241 -69.29 17.09 29.93
C ALA A 241 -69.08 17.56 31.37
N GLU A 242 -68.32 16.77 32.13
CA GLU A 242 -67.96 17.13 33.49
C GLU A 242 -66.53 17.70 33.51
N LEU A 243 -66.31 18.70 34.36
CA LEU A 243 -64.99 19.33 34.44
C LEU A 243 -64.39 19.25 35.84
N LYS A 244 -63.17 18.75 35.93
CA LYS A 244 -62.42 18.76 37.18
C LYS A 244 -61.10 19.50 37.00
N VAL A 245 -60.87 20.50 37.85
CA VAL A 245 -59.64 21.28 37.78
C VAL A 245 -58.73 21.00 38.98
N TYR A 246 -57.54 20.50 38.71
CA TYR A 246 -56.54 20.24 39.74
C TYR A 246 -55.80 21.54 40.08
N LYS A 247 -55.99 22.03 41.30
CA LYS A 247 -55.44 23.34 41.67
C LYS A 247 -53.92 23.42 41.57
N ASP A 248 -53.44 24.36 40.76
CA ASP A 248 -52.00 24.63 40.62
C ASP A 248 -51.24 23.49 39.96
N ALA A 249 -51.95 22.44 39.57
CA ALA A 249 -51.30 21.28 38.95
C ALA A 249 -50.62 21.66 37.64
N PRO A 250 -49.52 20.97 37.30
CA PRO A 250 -48.78 21.22 36.08
C PRO A 250 -49.40 20.47 34.91
N HIS A 251 -48.77 20.55 33.75
CA HIS A 251 -49.22 19.79 32.60
C HIS A 251 -49.08 18.29 32.84
N GLY A 252 -47.92 17.88 33.36
CA GLY A 252 -47.63 16.47 33.57
C GLY A 252 -48.20 15.92 34.87
N PHE A 253 -49.50 16.13 35.08
CA PHE A 253 -50.12 15.79 36.37
C PHE A 253 -50.43 14.31 36.55
N ALA A 254 -50.26 13.50 35.51
CA ALA A 254 -50.38 12.05 35.68
C ALA A 254 -49.25 11.55 36.57
N VAL A 255 -48.18 12.34 36.65
CA VAL A 255 -47.07 12.06 37.55
C VAL A 255 -47.26 12.72 38.92
N THR A 256 -47.51 14.03 38.91
CA THR A 256 -47.58 14.80 40.14
C THR A 256 -48.86 14.54 40.94
N HIS A 257 -49.93 14.21 40.23
CA HIS A 257 -51.23 13.96 40.85
C HIS A 257 -51.75 12.57 40.50
N ALA A 258 -50.84 11.59 40.47
CA ALA A 258 -51.17 10.23 40.05
C ALA A 258 -52.34 9.61 40.81
N GLN A 259 -52.30 9.68 42.15
CA GLN A 259 -53.32 9.01 42.95
C GLN A 259 -54.69 9.64 42.73
N GLN A 260 -54.73 10.97 42.68
CA GLN A 260 -55.97 11.70 42.44
C GLN A 260 -56.57 11.33 41.09
N LEU A 261 -55.71 11.25 40.07
CA LEU A 261 -56.14 10.85 38.75
C LEU A 261 -56.69 9.42 38.75
N ASN A 262 -55.95 8.51 39.36
CA ASN A 262 -56.39 7.11 39.44
C ASN A 262 -57.80 7.01 40.00
N GLU A 263 -58.03 7.68 41.11
CA GLU A 263 -59.32 7.62 41.78
C GLU A 263 -60.43 8.27 40.95
N ASP A 264 -60.11 9.37 40.28
CA ASP A 264 -61.06 10.06 39.42
C ASP A 264 -61.45 9.22 38.21
N LEU A 265 -60.50 8.48 37.65
CA LEU A 265 -60.78 7.59 36.52
C LEU A 265 -61.71 6.46 36.96
N LEU A 266 -61.41 5.87 38.12
CA LEU A 266 -62.22 4.78 38.64
C LEU A 266 -63.65 5.24 38.90
N ALA A 267 -63.77 6.42 39.51
CA ALA A 267 -65.08 7.00 39.83
C ALA A 267 -65.89 7.27 38.56
N PHE A 268 -65.20 7.68 37.51
CA PHE A 268 -65.85 7.93 36.22
C PHE A 268 -66.35 6.62 35.62
N LEU A 269 -65.54 5.58 35.72
CA LEU A 269 -65.91 4.28 35.19
C LEU A 269 -67.09 3.66 35.95
N LYS A 270 -67.21 4.02 37.22
CA LYS A 270 -68.22 3.42 38.09
C LYS A 270 -69.54 4.18 38.12
N ARG A 271 -69.59 5.32 37.43
N ARG A 271 -69.60 5.31 37.43
CA ARG A 271 -70.81 6.11 37.33
CA ARG A 271 -70.85 6.07 37.38
C ARG A 271 -71.83 5.44 36.42
C ARG A 271 -71.84 5.38 36.45
N SER B 1 -38.69 -0.55 9.91
CA SER B 1 -38.72 -1.68 8.96
C SER B 1 -37.62 -2.67 9.30
N THR B 2 -37.77 -3.90 8.82
CA THR B 2 -36.73 -4.92 8.99
C THR B 2 -36.60 -5.77 7.74
N PHE B 3 -35.41 -6.34 7.56
CA PHE B 3 -35.23 -7.44 6.62
C PHE B 3 -34.35 -8.49 7.30
N VAL B 4 -34.41 -9.71 6.81
CA VAL B 4 -33.63 -10.79 7.40
C VAL B 4 -32.45 -11.13 6.50
N ALA B 5 -31.24 -11.01 7.06
CA ALA B 5 -30.03 -11.32 6.32
C ALA B 5 -29.95 -12.81 6.04
N LYS B 6 -29.04 -13.19 5.15
CA LYS B 6 -28.93 -14.60 4.76
C LYS B 6 -28.79 -15.54 5.95
N ASP B 7 -28.04 -15.12 6.96
CA ASP B 7 -27.78 -15.98 8.13
C ASP B 7 -28.88 -15.91 9.19
N GLY B 8 -29.93 -15.15 8.91
CA GLY B 8 -31.08 -15.06 9.82
C GLY B 8 -31.11 -13.81 10.69
N THR B 9 -30.07 -12.99 10.59
CA THR B 9 -29.99 -11.76 11.36
C THR B 9 -31.04 -10.75 10.91
N GLN B 10 -31.90 -10.33 11.82
CA GLN B 10 -32.87 -9.29 11.54
C GLN B 10 -32.22 -7.91 11.61
N ILE B 11 -32.28 -7.17 10.52
CA ILE B 11 -31.68 -5.84 10.44
C ILE B 11 -32.76 -4.75 10.40
N TYR B 12 -32.67 -3.81 11.33
CA TYR B 12 -33.62 -2.69 11.37
C TYR B 12 -33.19 -1.59 10.41
N PHE B 13 -34.15 -0.97 9.74
CA PHE B 13 -33.86 0.20 8.91
C PHE B 13 -35.03 1.15 8.80
N LYS B 14 -34.74 2.37 8.39
CA LYS B 14 -35.75 3.38 8.12
C LYS B 14 -35.69 3.74 6.64
N ASP B 15 -36.86 3.91 6.04
CA ASP B 15 -36.99 4.25 4.63
C ASP B 15 -37.95 5.43 4.56
N TRP B 16 -37.41 6.63 4.36
CA TRP B 16 -38.19 7.86 4.41
C TRP B 16 -38.26 8.59 3.06
N GLY B 17 -39.43 9.17 2.76
CA GLY B 17 -39.57 10.06 1.61
C GLY B 17 -39.58 9.38 0.26
N SER B 18 -39.50 10.19 -0.80
CA SER B 18 -39.47 9.65 -2.15
C SER B 18 -38.49 10.42 -3.03
N GLY B 19 -38.11 9.82 -4.15
CA GLY B 19 -37.12 10.40 -5.05
C GLY B 19 -35.89 9.52 -5.15
N LYS B 20 -34.81 10.09 -5.67
CA LYS B 20 -33.55 9.36 -5.74
C LYS B 20 -33.08 9.00 -4.34
N PRO B 21 -32.61 7.76 -4.16
CA PRO B 21 -32.28 7.25 -2.84
C PRO B 21 -30.89 7.64 -2.34
N VAL B 22 -30.82 7.92 -1.04
CA VAL B 22 -29.55 8.15 -0.35
C VAL B 22 -29.50 7.18 0.83
N LEU B 23 -28.48 6.33 0.84
CA LEU B 23 -28.38 5.28 1.87
C LEU B 23 -27.20 5.55 2.81
N PHE B 24 -27.51 5.62 4.10
CA PHE B 24 -26.54 6.02 5.13
C PHE B 24 -26.03 4.83 5.95
N SER B 25 -24.71 4.81 6.18
CA SER B 25 -24.07 3.76 6.99
C SER B 25 -23.37 4.38 8.21
N HIS B 26 -23.87 4.09 9.40
CA HIS B 26 -23.41 4.74 10.62
C HIS B 26 -22.04 4.26 11.11
N GLY B 27 -21.47 4.99 12.06
CA GLY B 27 -20.19 4.63 12.63
C GLY B 27 -20.30 3.69 13.83
N TRP B 28 -19.16 3.42 14.46
CA TRP B 28 -19.07 2.49 15.59
C TRP B 28 -19.90 3.00 16.77
N LEU B 29 -20.58 2.09 17.46
CA LEU B 29 -21.28 2.44 18.70
C LEU B 29 -22.67 3.03 18.49
N LEU B 30 -22.87 3.73 17.37
CA LEU B 30 -24.14 4.41 17.12
C LEU B 30 -25.17 3.52 16.43
N ASP B 31 -26.16 4.15 15.81
CA ASP B 31 -27.10 3.44 14.96
C ASP B 31 -27.73 4.40 13.96
N ALA B 32 -28.80 3.98 13.30
CA ALA B 32 -29.40 4.80 12.23
C ALA B 32 -29.83 6.19 12.72
N ASP B 33 -30.06 6.33 14.01
CA ASP B 33 -30.49 7.61 14.56
C ASP B 33 -29.44 8.71 14.43
N MET B 34 -28.18 8.35 14.23
CA MET B 34 -27.13 9.38 14.07
C MET B 34 -27.38 10.22 12.82
N TRP B 35 -28.20 9.69 11.91
CA TRP B 35 -28.46 10.33 10.62
C TRP B 35 -29.77 11.12 10.59
N GLU B 36 -30.50 11.12 11.69
CA GLU B 36 -31.87 11.65 11.69
C GLU B 36 -31.98 13.06 11.09
N TYR B 37 -31.02 13.94 11.39
CA TYR B 37 -31.09 15.31 10.87
C TYR B 37 -30.78 15.41 9.38
N GLN B 38 -29.84 14.60 8.89
CA GLN B 38 -29.54 14.58 7.45
C GLN B 38 -30.71 13.97 6.67
N MET B 39 -31.33 12.94 7.25
CA MET B 39 -32.48 12.30 6.61
C MET B 39 -33.67 13.26 6.49
N GLU B 40 -34.01 13.93 7.58
CA GLU B 40 -35.13 14.88 7.55
C GLU B 40 -34.83 16.01 6.57
N TYR B 41 -33.59 16.49 6.59
CA TYR B 41 -33.17 17.58 5.72
C TYR B 41 -33.34 17.23 4.25
N LEU B 42 -32.85 16.05 3.86
CA LEU B 42 -32.87 15.64 2.46
C LEU B 42 -34.24 15.16 1.99
N SER B 43 -34.96 14.45 2.84
CA SER B 43 -36.28 13.94 2.46
C SER B 43 -37.33 15.04 2.36
N SER B 44 -37.10 16.14 3.07
N SER B 44 -37.12 16.15 3.06
CA SER B 44 -37.94 17.32 2.98
CA SER B 44 -38.02 17.28 2.92
C SER B 44 -37.61 18.11 1.72
C SER B 44 -37.63 18.09 1.70
N ARG B 45 -36.56 17.67 1.01
CA ARG B 45 -36.09 18.39 -0.17
C ARG B 45 -36.00 17.50 -1.40
N GLY B 46 -36.87 16.49 -1.46
CA GLY B 46 -37.08 15.71 -2.67
C GLY B 46 -36.27 14.43 -2.82
N TYR B 47 -35.66 13.96 -1.74
CA TYR B 47 -34.90 12.72 -1.81
C TYR B 47 -35.48 11.65 -0.89
N ARG B 48 -35.22 10.39 -1.26
CA ARG B 48 -35.57 9.26 -0.42
C ARG B 48 -34.34 8.91 0.40
N THR B 49 -34.51 8.80 1.72
CA THR B 49 -33.38 8.49 2.58
C THR B 49 -33.59 7.15 3.31
N ILE B 50 -32.51 6.36 3.35
CA ILE B 50 -32.55 5.05 3.98
C ILE B 50 -31.37 4.93 4.94
N ALA B 51 -31.61 4.38 6.12
CA ALA B 51 -30.55 4.20 7.10
C ALA B 51 -30.84 2.95 7.93
N PHE B 52 -29.83 2.10 8.08
CA PHE B 52 -29.99 0.84 8.79
C PHE B 52 -29.16 0.82 10.07
N ASP B 53 -29.55 -0.03 11.01
CA ASP B 53 -28.73 -0.32 12.19
C ASP B 53 -27.84 -1.51 11.84
N ARG B 54 -26.53 -1.33 11.87
CA ARG B 54 -25.60 -2.41 11.57
C ARG B 54 -25.87 -3.61 12.46
N ARG B 55 -25.71 -4.82 11.92
CA ARG B 55 -25.89 -6.01 12.74
C ARG B 55 -25.11 -5.85 14.04
N GLY B 56 -25.76 -6.16 15.16
CA GLY B 56 -25.12 -6.02 16.47
C GLY B 56 -25.32 -4.67 17.12
N PHE B 57 -25.99 -3.75 16.42
CA PHE B 57 -26.18 -2.40 16.93
C PHE B 57 -27.63 -1.94 16.90
N GLY B 58 -27.96 -0.97 17.74
CA GLY B 58 -29.29 -0.39 17.77
C GLY B 58 -30.38 -1.44 17.93
N ARG B 59 -31.34 -1.40 17.00
CA ARG B 59 -32.53 -2.25 17.06
C ARG B 59 -32.38 -3.54 16.26
N SER B 60 -31.18 -3.80 15.75
CA SER B 60 -30.91 -5.01 14.98
C SER B 60 -30.55 -6.19 15.89
N ASP B 61 -30.68 -7.40 15.36
CA ASP B 61 -30.27 -8.61 16.08
C ASP B 61 -28.76 -8.57 16.36
N GLN B 62 -28.32 -9.41 17.29
CA GLN B 62 -26.93 -9.45 17.73
C GLN B 62 -26.27 -10.80 17.50
N PRO B 63 -25.92 -11.11 16.24
CA PRO B 63 -25.28 -12.38 15.92
C PRO B 63 -23.87 -12.49 16.49
N TRP B 64 -23.48 -13.71 16.86
CA TRP B 64 -22.14 -13.96 17.36
C TRP B 64 -21.13 -13.92 16.20
N THR B 65 -21.59 -14.33 15.01
CA THR B 65 -20.73 -14.39 13.83
C THR B 65 -21.12 -13.35 12.78
N GLY B 66 -20.22 -13.12 11.81
CA GLY B 66 -20.50 -12.22 10.71
C GLY B 66 -20.18 -10.77 10.99
N ASN B 67 -19.47 -10.52 12.08
CA ASN B 67 -19.08 -9.15 12.42
C ASN B 67 -17.79 -8.74 11.74
N ASP B 68 -17.82 -8.71 10.42
CA ASP B 68 -16.66 -8.37 9.60
C ASP B 68 -17.13 -7.59 8.38
N TYR B 69 -16.20 -6.93 7.70
CA TYR B 69 -16.57 -6.02 6.61
C TYR B 69 -17.20 -6.71 5.41
N ASP B 70 -16.75 -7.92 5.07
CA ASP B 70 -17.36 -8.65 3.97
C ASP B 70 -18.84 -8.89 4.24
N THR B 71 -19.16 -9.29 5.47
CA THR B 71 -20.55 -9.51 5.85
C THR B 71 -21.33 -8.20 5.90
N PHE B 72 -20.72 -7.16 6.47
CA PHE B 72 -21.37 -5.84 6.51
C PHE B 72 -21.73 -5.39 5.11
N ALA B 73 -20.80 -5.58 4.18
CA ALA B 73 -21.01 -5.20 2.78
C ALA B 73 -22.16 -5.99 2.15
N ASP B 74 -22.23 -7.28 2.46
CA ASP B 74 -23.28 -8.14 1.91
C ASP B 74 -24.64 -7.81 2.53
N ASP B 75 -24.65 -7.36 3.79
CA ASP B 75 -25.88 -6.88 4.42
C ASP B 75 -26.42 -5.68 3.65
N ILE B 76 -25.52 -4.75 3.31
CA ILE B 76 -25.89 -3.57 2.54
C ILE B 76 -26.43 -3.99 1.16
N ALA B 77 -25.76 -4.95 0.55
CA ALA B 77 -26.17 -5.47 -0.74
C ALA B 77 -27.60 -6.02 -0.68
N GLN B 78 -27.91 -6.74 0.40
N GLN B 78 -27.92 -6.76 0.37
CA GLN B 78 -29.23 -7.32 0.59
CA GLN B 78 -29.26 -7.29 0.50
C GLN B 78 -30.31 -6.25 0.77
C GLN B 78 -30.27 -6.16 0.64
N LEU B 79 -29.96 -5.19 1.51
CA LEU B 79 -30.88 -4.07 1.71
C LEU B 79 -31.18 -3.39 0.37
N ILE B 80 -30.13 -3.13 -0.39
CA ILE B 80 -30.27 -2.46 -1.67
C ILE B 80 -31.13 -3.26 -2.65
N GLU B 81 -30.86 -4.55 -2.74
CA GLU B 81 -31.63 -5.42 -3.63
C GLU B 81 -33.04 -5.66 -3.10
N HIS B 82 -33.13 -5.79 -1.77
CA HIS B 82 -34.40 -5.83 -1.04
C HIS B 82 -35.36 -4.77 -1.54
N LEU B 83 -34.89 -3.52 -1.58
CA LEU B 83 -35.72 -2.39 -1.99
C LEU B 83 -35.60 -2.08 -3.48
N ASP B 84 -34.78 -2.85 -4.18
CA ASP B 84 -34.53 -2.63 -5.61
C ASP B 84 -34.12 -1.17 -5.86
N LEU B 85 -33.17 -0.68 -5.07
CA LEU B 85 -32.70 0.70 -5.20
C LEU B 85 -31.84 0.88 -6.44
N LYS B 86 -31.98 2.03 -7.09
CA LYS B 86 -31.17 2.36 -8.25
C LYS B 86 -30.67 3.80 -8.14
N GLU B 87 -29.51 4.04 -8.75
N GLU B 87 -29.51 4.09 -8.73
CA GLU B 87 -28.82 5.32 -8.66
CA GLU B 87 -28.96 5.44 -8.62
C GLU B 87 -28.78 5.81 -7.21
C GLU B 87 -28.79 5.85 -7.16
N VAL B 88 -28.36 4.91 -6.32
CA VAL B 88 -28.26 5.24 -4.91
CA VAL B 88 -28.21 5.16 -4.89
C VAL B 88 -26.95 5.97 -4.60
N THR B 89 -27.05 6.96 -3.73
CA THR B 89 -25.87 7.68 -3.24
C THR B 89 -25.53 7.11 -1.88
N LEU B 90 -24.35 6.50 -1.76
CA LEU B 90 -23.93 5.87 -0.51
C LEU B 90 -23.18 6.87 0.37
N VAL B 91 -23.57 6.96 1.63
CA VAL B 91 -22.94 7.87 2.57
C VAL B 91 -22.52 7.11 3.82
N GLY B 92 -21.21 7.08 4.09
CA GLY B 92 -20.69 6.35 5.23
C GLY B 92 -19.92 7.22 6.20
N PHE B 93 -20.16 7.04 7.50
CA PHE B 93 -19.40 7.75 8.52
C PHE B 93 -18.48 6.82 9.30
N SER B 94 -17.24 7.24 9.51
CA SER B 94 -16.28 6.50 10.35
C SER B 94 -16.11 5.07 9.82
N MET B 95 -16.36 4.06 10.66
CA MET B 95 -16.22 2.67 10.20
C MET B 95 -17.24 2.34 9.09
N GLY B 96 -18.31 3.13 9.03
CA GLY B 96 -19.34 2.95 8.00
C GLY B 96 -18.88 3.34 6.61
N GLY B 97 -17.79 4.08 6.54
CA GLY B 97 -17.17 4.38 5.25
C GLY B 97 -16.60 3.10 4.66
N GLY B 98 -16.17 2.22 5.55
CA GLY B 98 -15.61 0.94 5.15
C GLY B 98 -16.60 0.00 4.49
N ASP B 99 -17.81 -0.12 5.05
CA ASP B 99 -18.73 -1.12 4.48
C ASP B 99 -19.42 -0.68 3.19
N VAL B 100 -19.59 0.62 2.98
CA VAL B 100 -20.11 1.09 1.69
C VAL B 100 -19.03 0.95 0.60
N ALA B 101 -17.78 1.21 0.96
CA ALA B 101 -16.68 0.99 0.03
C ALA B 101 -16.56 -0.49 -0.33
N ARG B 102 -16.62 -1.35 0.68
CA ARG B 102 -16.52 -2.80 0.47
C ARG B 102 -17.71 -3.35 -0.30
N TYR B 103 -18.87 -2.70 -0.15
CA TYR B 103 -20.02 -3.07 -0.96
C TYR B 103 -19.73 -2.88 -2.44
N ILE B 104 -19.18 -1.72 -2.80
CA ILE B 104 -18.84 -1.45 -4.18
C ILE B 104 -17.74 -2.40 -4.67
N ALA B 105 -16.75 -2.64 -3.82
CA ALA B 105 -15.67 -3.55 -4.18
C ALA B 105 -16.19 -4.96 -4.48
N ARG B 106 -17.13 -5.42 -3.67
CA ARG B 106 -17.65 -6.79 -3.81
C ARG B 106 -18.78 -6.94 -4.83
N HIS B 107 -19.61 -5.91 -4.98
CA HIS B 107 -20.82 -6.04 -5.78
C HIS B 107 -20.88 -5.14 -7.01
N GLY B 108 -19.89 -4.25 -7.15
CA GLY B 108 -19.87 -3.32 -8.27
C GLY B 108 -20.75 -2.11 -8.02
N SER B 109 -20.79 -1.20 -8.99
CA SER B 109 -21.48 0.07 -8.82
C SER B 109 -22.71 0.27 -9.73
N ALA B 110 -23.25 -0.82 -10.24
CA ALA B 110 -24.38 -0.72 -11.17
C ALA B 110 -25.56 0.04 -10.57
N ARG B 111 -25.77 -0.12 -9.27
CA ARG B 111 -26.91 0.53 -8.60
C ARG B 111 -26.51 1.85 -7.94
N VAL B 112 -25.25 2.25 -8.09
CA VAL B 112 -24.70 3.37 -7.36
C VAL B 112 -24.44 4.61 -8.22
N ALA B 113 -24.94 5.76 -7.75
CA ALA B 113 -24.76 7.02 -8.47
C ALA B 113 -23.62 7.86 -7.90
N GLY B 114 -23.27 7.61 -6.64
CA GLY B 114 -22.22 8.40 -5.99
C GLY B 114 -21.86 7.87 -4.61
N LEU B 115 -20.74 8.35 -4.09
CA LEU B 115 -20.23 7.92 -2.78
C LEU B 115 -19.76 9.09 -1.95
N VAL B 116 -20.13 9.09 -0.67
CA VAL B 116 -19.67 10.11 0.27
C VAL B 116 -19.02 9.44 1.49
N LEU B 117 -17.79 9.84 1.78
CA LEU B 117 -17.03 9.29 2.89
C LEU B 117 -16.77 10.35 3.95
N LEU B 118 -17.43 10.21 5.10
CA LEU B 118 -17.35 11.21 6.18
C LEU B 118 -16.52 10.71 7.36
N GLY B 119 -15.42 11.40 7.64
CA GLY B 119 -14.51 11.00 8.71
C GLY B 119 -14.23 9.50 8.68
N ALA B 120 -14.06 8.97 7.48
CA ALA B 120 -14.02 7.53 7.28
C ALA B 120 -12.64 6.90 7.52
N VAL B 121 -12.66 5.61 7.86
CA VAL B 121 -11.44 4.86 8.15
C VAL B 121 -10.67 4.48 6.87
N THR B 122 -11.32 4.66 5.72
CA THR B 122 -10.69 4.43 4.42
C THR B 122 -9.52 5.38 4.20
N PRO B 123 -8.48 4.91 3.50
CA PRO B 123 -8.39 3.59 2.87
C PRO B 123 -7.85 2.53 3.84
N LEU B 124 -7.32 2.97 4.98
N LEU B 124 -7.29 2.97 4.96
CA LEU B 124 -6.71 2.09 5.98
CA LEU B 124 -6.92 2.07 6.02
C LEU B 124 -6.50 2.84 7.30
C LEU B 124 -6.64 2.86 7.28
N PHE B 125 -6.84 2.21 8.42
CA PHE B 125 -6.83 2.87 9.72
C PHE B 125 -5.58 2.47 10.52
N GLY B 126 -5.43 1.19 10.81
CA GLY B 126 -4.33 0.71 11.63
C GLY B 126 -3.03 0.50 10.86
N GLN B 127 -1.94 0.35 11.60
CA GLN B 127 -0.61 0.14 11.01
C GLN B 127 -0.50 -1.12 10.17
N LYS B 128 0.27 -1.01 9.09
CA LYS B 128 0.70 -2.17 8.32
C LYS B 128 2.20 -1.99 8.09
N PRO B 129 2.89 -3.07 7.67
CA PRO B 129 4.32 -2.94 7.41
C PRO B 129 4.65 -1.82 6.44
N ASP B 130 3.83 -1.65 5.40
CA ASP B 130 4.03 -0.57 4.43
C ASP B 130 3.22 0.67 4.80
N TYR B 131 2.63 0.68 5.99
CA TYR B 131 1.87 1.82 6.45
C TYR B 131 2.13 2.10 7.93
N PRO B 132 3.39 2.40 8.28
CA PRO B 132 3.77 2.70 9.66
C PRO B 132 3.09 3.97 10.19
N GLN B 133 2.59 4.81 9.28
CA GLN B 133 1.91 6.03 9.69
C GLN B 133 0.51 5.76 10.23
N GLY B 134 0.02 4.53 10.04
CA GLY B 134 -1.29 4.15 10.58
C GLY B 134 -1.27 4.12 12.10
N VAL B 135 -2.43 3.89 12.71
CA VAL B 135 -2.52 3.81 14.16
C VAL B 135 -1.99 2.46 14.65
N PRO B 136 -1.05 2.48 15.60
CA PRO B 136 -0.51 1.24 16.14
C PRO B 136 -1.61 0.34 16.67
N LEU B 137 -1.52 -0.95 16.37
CA LEU B 137 -2.57 -1.90 16.74
C LEU B 137 -2.75 -2.03 18.26
N ASP B 138 -1.73 -1.69 19.03
CA ASP B 138 -1.86 -1.79 20.49
C ASP B 138 -2.81 -0.73 21.05
N VAL B 139 -3.06 0.33 20.28
CA VAL B 139 -4.06 1.31 20.65
C VAL B 139 -5.43 0.63 20.65
N PHE B 140 -5.66 -0.18 19.62
CA PHE B 140 -6.94 -0.87 19.48
C PHE B 140 -7.03 -2.07 20.42
N ALA B 141 -5.91 -2.70 20.70
CA ALA B 141 -5.86 -3.76 21.69
C ALA B 141 -6.32 -3.22 23.04
N ARG B 142 -5.91 -1.99 23.35
CA ARG B 142 -6.30 -1.35 24.60
C ARG B 142 -7.80 -1.03 24.63
N PHE B 143 -8.34 -0.59 23.48
CA PHE B 143 -9.78 -0.40 23.33
C PHE B 143 -10.50 -1.67 23.78
N LYS B 144 -10.09 -2.80 23.21
CA LYS B 144 -10.74 -4.08 23.50
C LYS B 144 -10.64 -4.44 24.98
N THR B 145 -9.45 -4.26 25.55
CA THR B 145 -9.23 -4.56 26.96
C THR B 145 -10.17 -3.76 27.87
N GLU B 146 -10.33 -2.47 27.56
CA GLU B 146 -11.22 -1.62 28.34
C GLU B 146 -12.70 -1.98 28.11
N LEU B 147 -13.06 -2.28 26.87
CA LEU B 147 -14.43 -2.66 26.53
C LEU B 147 -14.84 -3.95 27.24
N LEU B 148 -13.89 -4.87 27.40
CA LEU B 148 -14.20 -6.17 28.01
C LEU B 148 -14.22 -6.08 29.54
N LYS B 149 -13.91 -4.91 30.07
CA LYS B 149 -14.04 -4.66 31.50
C LYS B 149 -15.32 -3.86 31.80
N ASP B 150 -15.51 -2.77 31.07
CA ASP B 150 -16.62 -1.85 31.34
C ASP B 150 -16.91 -1.03 30.08
N ARG B 151 -17.72 -1.58 29.18
CA ARG B 151 -18.00 -0.88 27.94
C ARG B 151 -18.85 0.36 28.16
N ALA B 152 -19.72 0.32 29.16
CA ALA B 152 -20.60 1.46 29.43
C ALA B 152 -19.78 2.70 29.72
N GLN B 153 -18.79 2.58 30.60
CA GLN B 153 -17.95 3.73 30.94
C GLN B 153 -17.00 4.10 29.80
N PHE B 154 -16.56 3.10 29.02
CA PHE B 154 -15.75 3.39 27.85
C PHE B 154 -16.50 4.34 26.91
N ILE B 155 -17.74 3.98 26.59
CA ILE B 155 -18.58 4.81 25.74
C ILE B 155 -18.68 6.22 26.29
N SER B 156 -19.00 6.32 27.58
CA SER B 156 -19.16 7.62 28.22
C SER B 156 -17.90 8.47 28.09
N ASP B 157 -16.74 7.87 28.39
CA ASP B 157 -15.46 8.57 28.28
C ASP B 157 -15.15 8.95 26.84
N PHE B 158 -15.65 8.16 25.91
CA PHE B 158 -15.36 8.35 24.48
C PHE B 158 -16.01 9.61 23.92
N ASN B 159 -17.11 10.04 24.55
CA ASN B 159 -17.83 11.23 24.10
C ASN B 159 -16.92 12.45 23.94
N ALA B 160 -16.02 12.66 24.89
CA ALA B 160 -15.16 13.85 24.89
C ALA B 160 -14.31 13.97 23.61
N PRO B 161 -13.41 13.01 23.37
CA PRO B 161 -12.58 13.11 22.15
C PRO B 161 -13.39 12.91 20.87
N PHE B 162 -14.50 12.17 20.97
CA PHE B 162 -15.34 11.93 19.81
C PHE B 162 -15.88 13.24 19.26
N TYR B 163 -16.45 14.06 20.15
CA TYR B 163 -17.07 15.32 19.74
C TYR B 163 -16.10 16.50 19.86
N GLY B 164 -14.88 16.23 20.32
CA GLY B 164 -13.89 17.28 20.50
C GLY B 164 -14.21 18.21 21.66
N ILE B 165 -14.95 17.69 22.63
CA ILE B 165 -15.32 18.46 23.81
C ILE B 165 -14.06 18.85 24.60
N ASN B 166 -13.05 17.99 24.55
CA ASN B 166 -11.79 18.26 25.21
C ASN B 166 -10.96 19.30 24.46
N LYS B 167 -11.42 19.70 23.27
CA LYS B 167 -10.69 20.64 22.44
C LYS B 167 -11.56 21.72 21.80
N GLY B 168 -12.34 22.41 22.62
CA GLY B 168 -13.03 23.61 22.18
C GLY B 168 -14.39 23.48 21.53
N GLN B 169 -14.91 22.27 21.42
N GLN B 169 -14.90 22.26 21.41
CA GLN B 169 -16.23 22.05 20.82
CA GLN B 169 -16.23 22.09 20.84
C GLN B 169 -17.31 22.03 21.89
C GLN B 169 -17.30 22.06 21.90
N VAL B 170 -18.48 22.54 21.56
CA VAL B 170 -19.60 22.61 22.50
C VAL B 170 -20.72 21.67 22.08
N VAL B 171 -21.01 20.68 22.93
CA VAL B 171 -22.06 19.71 22.66
C VAL B 171 -22.91 19.54 23.91
N SER B 172 -24.23 19.54 23.75
CA SER B 172 -25.15 19.51 24.89
C SER B 172 -25.09 18.20 25.67
N GLN B 173 -25.55 18.26 26.92
CA GLN B 173 -25.69 17.06 27.73
C GLN B 173 -26.68 16.09 27.08
N GLY B 174 -27.71 16.65 26.44
CA GLY B 174 -28.70 15.84 25.73
C GLY B 174 -28.08 14.94 24.67
N VAL B 175 -27.22 15.52 23.84
CA VAL B 175 -26.55 14.76 22.79
C VAL B 175 -25.67 13.66 23.37
N GLN B 176 -24.93 13.99 24.42
CA GLN B 176 -24.07 13.01 25.08
C GLN B 176 -24.88 11.88 25.70
N THR B 177 -26.02 12.22 26.29
CA THR B 177 -26.92 11.22 26.86
C THR B 177 -27.51 10.30 25.78
N GLN B 178 -27.95 10.88 24.68
CA GLN B 178 -28.51 10.10 23.57
C GLN B 178 -27.45 9.18 22.97
N THR B 179 -26.22 9.70 22.84
CA THR B 179 -25.12 8.91 22.30
C THR B 179 -24.90 7.66 23.16
N LEU B 180 -24.84 7.85 24.47
CA LEU B 180 -24.67 6.72 25.39
C LEU B 180 -25.85 5.75 25.32
N GLN B 181 -27.08 6.27 25.33
CA GLN B 181 -28.27 5.43 25.29
C GLN B 181 -28.26 4.49 24.08
N ILE B 182 -27.98 5.07 22.91
CA ILE B 182 -27.92 4.28 21.68
C ILE B 182 -26.81 3.24 21.72
N ALA B 183 -25.63 3.64 22.17
CA ALA B 183 -24.49 2.74 22.21
C ALA B 183 -24.73 1.55 23.12
N LEU B 184 -25.48 1.75 24.20
CA LEU B 184 -25.74 0.68 25.16
C LEU B 184 -26.67 -0.40 24.58
N LEU B 185 -27.44 -0.03 23.55
CA LEU B 185 -28.31 -0.98 22.86
C LEU B 185 -27.51 -2.10 22.20
N ALA B 186 -26.28 -1.76 21.80
CA ALA B 186 -25.46 -2.64 21.01
C ALA B 186 -24.95 -3.86 21.76
N SER B 187 -24.53 -4.87 20.99
CA SER B 187 -23.91 -6.07 21.53
C SER B 187 -22.48 -5.84 22.00
N LEU B 188 -22.12 -6.39 23.16
CA LEU B 188 -20.74 -6.36 23.60
C LEU B 188 -19.83 -7.02 22.56
N LYS B 189 -20.27 -8.16 22.05
CA LYS B 189 -19.48 -8.92 21.06
C LYS B 189 -19.29 -8.14 19.76
N ALA B 190 -20.37 -7.56 19.25
CA ALA B 190 -20.29 -6.79 18.01
C ALA B 190 -19.37 -5.58 18.20
N THR B 191 -19.48 -4.95 19.37
CA THR B 191 -18.70 -3.77 19.69
C THR B 191 -17.20 -4.08 19.63
N VAL B 192 -16.82 -5.20 20.22
CA VAL B 192 -15.42 -5.61 20.25
C VAL B 192 -14.95 -6.11 18.88
N ASP B 193 -15.77 -6.92 18.22
CA ASP B 193 -15.43 -7.43 16.89
C ASP B 193 -15.19 -6.30 15.89
N CYS B 194 -15.97 -5.24 16.00
CA CYS B 194 -15.82 -4.11 15.08
C CYS B 194 -14.45 -3.45 15.22
N VAL B 195 -13.90 -3.44 16.43
CA VAL B 195 -12.57 -2.90 16.62
C VAL B 195 -11.56 -3.66 15.77
N THR B 196 -11.59 -4.99 15.86
CA THR B 196 -10.75 -5.83 15.01
C THR B 196 -10.95 -5.49 13.54
N ALA B 197 -12.21 -5.37 13.13
CA ALA B 197 -12.54 -5.07 11.74
C ALA B 197 -11.95 -3.75 11.25
N PHE B 198 -12.25 -2.65 11.94
CA PHE B 198 -11.77 -1.35 11.44
C PHE B 198 -10.29 -1.10 11.71
N ALA B 199 -9.74 -1.82 12.68
CA ALA B 199 -8.32 -1.72 12.99
C ALA B 199 -7.44 -2.31 11.89
N GLU B 200 -7.87 -3.44 11.34
CA GLU B 200 -6.97 -4.25 10.51
C GLU B 200 -7.38 -4.43 9.05
N THR B 201 -8.59 -4.01 8.70
CA THR B 201 -9.05 -4.17 7.32
C THR B 201 -8.41 -3.15 6.37
N ASP B 202 -7.87 -3.64 5.27
CA ASP B 202 -7.21 -2.81 4.27
C ASP B 202 -8.17 -2.52 3.11
N PHE B 203 -8.54 -1.25 2.93
CA PHE B 203 -9.49 -0.88 1.87
C PHE B 203 -8.78 -0.28 0.66
N ARG B 204 -7.47 -0.40 0.59
CA ARG B 204 -6.75 0.20 -0.53
C ARG B 204 -7.13 -0.44 -1.87
N PRO B 205 -7.31 -1.76 -1.90
CA PRO B 205 -7.83 -2.40 -3.11
C PRO B 205 -9.20 -1.86 -3.48
N ASP B 206 -10.05 -1.62 -2.47
CA ASP B 206 -11.39 -1.09 -2.70
C ASP B 206 -11.36 0.25 -3.43
N MET B 207 -10.42 1.11 -3.05
CA MET B 207 -10.33 2.44 -3.62
C MET B 207 -10.22 2.40 -5.14
N ALA B 208 -9.50 1.41 -5.66
CA ALA B 208 -9.28 1.29 -7.10
C ALA B 208 -10.55 0.83 -7.83
N LYS B 209 -11.52 0.31 -7.08
CA LYS B 209 -12.75 -0.20 -7.67
C LYS B 209 -13.86 0.84 -7.67
N ILE B 210 -13.61 1.98 -7.04
CA ILE B 210 -14.63 3.02 -6.96
C ILE B 210 -14.63 3.89 -8.21
N ASP B 211 -15.64 3.68 -9.05
CA ASP B 211 -15.72 4.37 -10.34
C ASP B 211 -16.95 5.26 -10.43
N VAL B 212 -17.29 5.90 -9.31
CA VAL B 212 -18.40 6.84 -9.29
C VAL B 212 -17.93 8.15 -8.66
N PRO B 213 -18.67 9.24 -8.90
CA PRO B 213 -18.37 10.51 -8.27
C PRO B 213 -18.30 10.35 -6.75
N THR B 214 -17.26 10.90 -6.14
CA THR B 214 -17.02 10.70 -4.72
C THR B 214 -16.66 12.00 -4.01
N LEU B 215 -17.27 12.21 -2.85
CA LEU B 215 -16.96 13.35 -2.01
C LEU B 215 -16.43 12.84 -0.68
N VAL B 216 -15.22 13.30 -0.32
CA VAL B 216 -14.63 12.96 0.96
C VAL B 216 -14.65 14.18 1.87
N ILE B 217 -15.24 14.03 3.04
CA ILE B 217 -15.28 15.11 4.01
C ILE B 217 -14.65 14.65 5.32
N HIS B 218 -13.79 15.48 5.90
CA HIS B 218 -13.08 15.12 7.10
C HIS B 218 -12.78 16.37 7.92
N GLY B 219 -12.85 16.24 9.25
CA GLY B 219 -12.46 17.34 10.12
C GLY B 219 -10.96 17.23 10.36
N ASP B 220 -10.25 18.35 10.27
CA ASP B 220 -8.81 18.28 10.49
C ASP B 220 -8.47 18.42 11.97
N GLY B 221 -9.49 18.37 12.82
CA GLY B 221 -9.29 18.29 14.26
C GLY B 221 -9.68 16.91 14.78
N ASP B 222 -9.85 15.96 13.86
CA ASP B 222 -10.32 14.61 14.19
C ASP B 222 -9.33 13.86 15.07
N GLN B 223 -9.73 13.59 16.32
CA GLN B 223 -8.86 12.92 17.29
C GLN B 223 -8.98 11.40 17.22
N ILE B 224 -9.98 10.92 16.49
CA ILE B 224 -10.28 9.50 16.46
C ILE B 224 -9.74 8.84 15.20
N VAL B 225 -10.10 9.41 14.06
CA VAL B 225 -9.67 8.92 12.76
C VAL B 225 -8.84 10.01 12.08
N PRO B 226 -7.50 9.86 12.13
CA PRO B 226 -6.58 10.90 11.67
C PRO B 226 -6.76 11.26 10.20
N PHE B 227 -7.09 12.52 9.93
CA PHE B 227 -7.30 13.00 8.56
C PHE B 227 -6.14 12.66 7.63
N GLU B 228 -4.92 12.94 8.09
CA GLU B 228 -3.74 12.83 7.24
C GLU B 228 -3.53 11.45 6.64
N THR B 229 -3.90 10.41 7.39
CA THR B 229 -3.64 9.04 6.94
C THR B 229 -4.88 8.30 6.49
N THR B 230 -6.03 8.98 6.49
CA THR B 230 -7.27 8.38 6.03
C THR B 230 -7.91 9.20 4.91
N GLY B 231 -8.81 10.11 5.27
CA GLY B 231 -9.51 10.94 4.29
C GLY B 231 -8.60 11.58 3.26
N LYS B 232 -7.50 12.15 3.72
CA LYS B 232 -6.53 12.80 2.82
C LYS B 232 -6.07 11.84 1.72
N VAL B 233 -5.80 10.60 2.11
CA VAL B 233 -5.29 9.59 1.19
C VAL B 233 -6.40 9.01 0.32
N ALA B 234 -7.57 8.77 0.91
CA ALA B 234 -8.70 8.25 0.16
C ALA B 234 -9.04 9.16 -1.02
N ALA B 235 -9.00 10.46 -0.79
CA ALA B 235 -9.33 11.45 -1.81
C ALA B 235 -8.36 11.38 -3.00
N GLU B 236 -7.12 10.95 -2.73
CA GLU B 236 -6.12 10.82 -3.79
C GLU B 236 -6.24 9.50 -4.53
N LEU B 237 -6.57 8.44 -3.80
CA LEU B 237 -6.63 7.09 -4.37
C LEU B 237 -7.89 6.86 -5.21
N ILE B 238 -8.96 7.59 -4.91
CA ILE B 238 -10.19 7.46 -5.68
C ILE B 238 -10.19 8.44 -6.84
N LYS B 239 -10.19 7.91 -8.06
CA LYS B 239 -10.13 8.75 -9.25
C LYS B 239 -11.29 9.74 -9.28
N GLY B 240 -10.95 11.03 -9.42
CA GLY B 240 -11.95 12.08 -9.57
C GLY B 240 -12.62 12.53 -8.28
N ALA B 241 -12.18 11.97 -7.16
CA ALA B 241 -12.77 12.29 -5.86
C ALA B 241 -12.57 13.76 -5.47
N GLU B 242 -13.57 14.33 -4.82
CA GLU B 242 -13.51 15.68 -4.29
C GLU B 242 -13.23 15.61 -2.79
N LEU B 243 -12.46 16.56 -2.27
CA LEU B 243 -12.14 16.59 -0.85
C LEU B 243 -12.56 17.91 -0.20
N LYS B 244 -13.29 17.82 0.90
CA LYS B 244 -13.61 19.00 1.71
C LYS B 244 -13.14 18.77 3.15
N VAL B 245 -12.34 19.70 3.64
CA VAL B 245 -11.84 19.65 5.01
C VAL B 245 -12.56 20.71 5.84
N TYR B 246 -13.23 20.26 6.90
CA TYR B 246 -13.90 21.17 7.83
C TYR B 246 -12.89 21.64 8.87
N LYS B 247 -12.62 22.95 8.89
CA LYS B 247 -11.57 23.49 9.75
C LYS B 247 -11.84 23.28 11.25
N ASP B 248 -10.91 22.58 11.91
CA ASP B 248 -10.96 22.38 13.36
C ASP B 248 -12.06 21.41 13.81
N ALA B 249 -12.89 20.99 12.86
CA ALA B 249 -13.99 20.08 13.18
C ALA B 249 -13.47 18.81 13.84
N PRO B 250 -14.26 18.26 14.77
CA PRO B 250 -13.90 17.02 15.45
C PRO B 250 -14.30 15.82 14.62
N HIS B 251 -14.17 14.63 15.19
CA HIS B 251 -14.63 13.43 14.50
C HIS B 251 -16.14 13.44 14.29
N GLY B 252 -16.88 13.74 15.36
CA GLY B 252 -18.35 13.69 15.30
C GLY B 252 -18.97 14.93 14.70
N PHE B 253 -18.52 15.29 13.50
CA PHE B 253 -18.94 16.57 12.91
C PHE B 253 -20.35 16.59 12.32
N ALA B 254 -21.00 15.43 12.25
CA ALA B 254 -22.41 15.41 11.85
C ALA B 254 -23.27 16.11 12.90
N VAL B 255 -22.74 16.17 14.12
CA VAL B 255 -23.41 16.90 15.21
C VAL B 255 -22.94 18.35 15.23
N THR B 256 -21.62 18.54 15.31
CA THR B 256 -21.05 19.87 15.49
C THR B 256 -21.14 20.75 14.23
N HIS B 257 -21.16 20.12 13.07
CA HIS B 257 -21.22 20.85 11.80
C HIS B 257 -22.40 20.37 10.95
N ALA B 258 -23.54 20.13 11.61
CA ALA B 258 -24.72 19.57 10.95
C ALA B 258 -25.19 20.36 9.74
N GLN B 259 -25.36 21.66 9.89
CA GLN B 259 -25.90 22.47 8.80
C GLN B 259 -24.97 22.47 7.59
N GLN B 260 -23.68 22.63 7.85
CA GLN B 260 -22.68 22.62 6.79
C GLN B 260 -22.69 21.28 6.05
N LEU B 261 -22.80 20.19 6.82
CA LEU B 261 -22.87 18.86 6.23
C LEU B 261 -24.14 18.69 5.40
N ASN B 262 -25.27 19.13 5.94
CA ASN B 262 -26.54 19.06 5.22
C ASN B 262 -26.44 19.72 3.85
N GLU B 263 -25.89 20.93 3.84
CA GLU B 263 -25.79 21.72 2.62
C GLU B 263 -24.81 21.10 1.64
N ASP B 264 -23.72 20.53 2.15
CA ASP B 264 -22.73 19.87 1.29
C ASP B 264 -23.29 18.59 0.67
N LEU B 265 -24.08 17.84 1.42
CA LEU B 265 -24.73 16.65 0.86
C LEU B 265 -25.69 17.03 -0.27
N LEU B 266 -26.49 18.07 -0.02
CA LEU B 266 -27.45 18.52 -1.02
C LEU B 266 -26.73 18.98 -2.28
N ALA B 267 -25.65 19.72 -2.12
CA ALA B 267 -24.88 20.23 -3.25
C ALA B 267 -24.29 19.09 -4.07
N PHE B 268 -23.81 18.07 -3.38
CA PHE B 268 -23.24 16.90 -4.04
C PHE B 268 -24.31 16.19 -4.87
N LEU B 269 -25.49 16.02 -4.29
CA LEU B 269 -26.60 15.35 -4.98
C LEU B 269 -27.05 16.13 -6.21
N LYS B 270 -26.97 17.46 -6.14
CA LYS B 270 -27.44 18.31 -7.23
C LYS B 270 -26.34 18.67 -8.22
N ARG B 271 -25.17 18.08 -8.06
CA ARG B 271 -24.03 18.40 -8.91
C ARG B 271 -24.39 18.28 -10.39
N SER C 1 -33.01 -12.92 18.83
CA SER C 1 -33.96 -13.99 18.45
C SER C 1 -35.22 -13.91 19.29
N THR C 2 -36.28 -14.55 18.83
CA THR C 2 -37.52 -14.62 19.61
C THR C 2 -38.18 -15.97 19.47
N PHE C 3 -38.97 -16.33 20.48
CA PHE C 3 -39.91 -17.45 20.37
C PHE C 3 -41.20 -17.00 21.05
N VAL C 4 -42.30 -17.68 20.74
CA VAL C 4 -43.58 -17.34 21.32
C VAL C 4 -43.98 -18.37 22.36
N ALA C 5 -44.26 -17.90 23.57
CA ALA C 5 -44.66 -18.78 24.66
C ALA C 5 -46.10 -19.27 24.44
N LYS C 6 -46.50 -20.24 25.25
CA LYS C 6 -47.83 -20.82 25.14
C LYS C 6 -48.95 -19.76 25.11
N ASP C 7 -48.86 -18.77 25.99
CA ASP C 7 -49.94 -17.77 26.11
C ASP C 7 -49.81 -16.64 25.08
N GLY C 8 -48.84 -16.76 24.17
CA GLY C 8 -48.68 -15.78 23.10
C GLY C 8 -47.58 -14.76 23.36
N THR C 9 -46.97 -14.83 24.54
CA THR C 9 -45.92 -13.90 24.92
C THR C 9 -44.65 -14.11 24.09
N GLN C 10 -44.21 -13.07 23.39
CA GLN C 10 -42.97 -13.15 22.62
C GLN C 10 -41.78 -12.90 23.54
N ILE C 11 -40.84 -13.84 23.56
CA ILE C 11 -39.68 -13.76 24.43
C ILE C 11 -38.40 -13.56 23.63
N TYR C 12 -37.64 -12.51 23.98
CA TYR C 12 -36.36 -12.24 23.32
C TYR C 12 -35.23 -13.05 23.92
N PHE C 13 -34.32 -13.52 23.08
CA PHE C 13 -33.14 -14.22 23.56
C PHE C 13 -31.95 -14.07 22.63
N LYS C 14 -30.75 -14.30 23.17
CA LYS C 14 -29.53 -14.35 22.39
C LYS C 14 -28.98 -15.77 22.43
N ASP C 15 -28.47 -16.22 21.29
CA ASP C 15 -27.87 -17.54 21.16
C ASP C 15 -26.52 -17.35 20.47
N TRP C 16 -25.44 -17.43 21.25
CA TRP C 16 -24.09 -17.14 20.76
C TRP C 16 -23.18 -18.37 20.77
N GLY C 17 -22.40 -18.51 19.71
CA GLY C 17 -21.33 -19.52 19.68
C GLY C 17 -21.81 -20.94 19.45
N SER C 18 -20.90 -21.88 19.66
CA SER C 18 -21.19 -23.29 19.44
C SER C 18 -20.52 -24.13 20.51
N GLY C 19 -21.00 -25.36 20.68
CA GLY C 19 -20.50 -26.26 21.71
C GLY C 19 -21.58 -26.59 22.72
N LYS C 20 -21.19 -27.14 23.85
CA LYS C 20 -22.15 -27.45 24.91
C LYS C 20 -22.80 -26.15 25.38
N PRO C 21 -24.12 -26.20 25.60
CA PRO C 21 -24.91 -25.00 25.90
C PRO C 21 -24.90 -24.58 27.37
N VAL C 22 -24.82 -23.27 27.58
CA VAL C 22 -24.96 -22.67 28.89
C VAL C 22 -26.08 -21.66 28.81
N LEU C 23 -27.15 -21.89 29.59
CA LEU C 23 -28.34 -21.05 29.53
C LEU C 23 -28.44 -20.18 30.78
N PHE C 24 -28.51 -18.86 30.58
CA PHE C 24 -28.48 -17.88 31.66
C PHE C 24 -29.85 -17.29 31.97
N SER C 25 -30.16 -17.16 33.26
CA SER C 25 -31.42 -16.60 33.74
C SER C 25 -31.15 -15.39 34.64
N HIS C 26 -31.51 -14.20 34.17
CA HIS C 26 -31.14 -12.95 34.86
C HIS C 26 -31.97 -12.67 36.12
N GLY C 27 -31.54 -11.66 36.88
CA GLY C 27 -32.23 -11.27 38.10
C GLY C 27 -33.32 -10.22 37.87
N TRP C 28 -33.92 -9.76 38.96
CA TRP C 28 -34.98 -8.76 38.93
C TRP C 28 -34.51 -7.44 38.33
N LEU C 29 -35.35 -6.83 37.49
CA LEU C 29 -35.08 -5.49 36.96
C LEU C 29 -34.19 -5.48 35.72
N LEU C 30 -33.32 -6.47 35.62
CA LEU C 30 -32.34 -6.50 34.54
C LEU C 30 -32.86 -7.22 33.30
N ASP C 31 -31.95 -7.64 32.44
CA ASP C 31 -32.31 -8.47 31.29
C ASP C 31 -31.08 -9.26 30.80
N ALA C 32 -31.17 -9.87 29.63
CA ALA C 32 -30.09 -10.73 29.13
C ALA C 32 -28.74 -10.02 29.06
N ASP C 33 -28.76 -8.69 28.96
CA ASP C 33 -27.51 -7.93 28.86
C ASP C 33 -26.64 -8.04 30.11
N MET C 34 -27.24 -8.43 31.23
CA MET C 34 -26.47 -8.53 32.47
C MET C 34 -25.39 -9.61 32.33
N TRP C 35 -25.57 -10.51 31.36
CA TRP C 35 -24.67 -11.65 31.18
C TRP C 35 -23.65 -11.44 30.06
N GLU C 36 -23.66 -10.28 29.42
CA GLU C 36 -22.86 -10.09 28.21
C GLU C 36 -21.38 -10.48 28.36
N TYR C 37 -20.78 -10.15 29.50
CA TYR C 37 -19.37 -10.46 29.71
C TYR C 37 -19.11 -11.96 29.93
N GLN C 38 -20.00 -12.63 30.66
CA GLN C 38 -19.88 -14.09 30.84
C GLN C 38 -20.09 -14.83 29.53
N MET C 39 -21.05 -14.36 28.74
CA MET C 39 -21.35 -14.96 27.44
C MET C 39 -20.17 -14.83 26.48
N GLU C 40 -19.59 -13.64 26.38
CA GLU C 40 -18.45 -13.44 25.50
C GLU C 40 -17.27 -14.28 25.98
N TYR C 41 -17.05 -14.28 27.28
CA TYR C 41 -15.95 -15.04 27.88
C TYR C 41 -16.03 -16.52 27.54
N LEU C 42 -17.20 -17.11 27.73
CA LEU C 42 -17.35 -18.55 27.54
C LEU C 42 -17.47 -18.95 26.05
N SER C 43 -18.15 -18.12 25.26
CA SER C 43 -18.36 -18.46 23.85
C SER C 43 -17.08 -18.30 23.02
N SER C 44 -16.15 -17.50 23.50
CA SER C 44 -14.86 -17.38 22.85
C SER C 44 -13.93 -18.47 23.35
N ARG C 45 -14.46 -19.32 24.23
CA ARG C 45 -13.68 -20.42 24.81
C ARG C 45 -14.35 -21.77 24.62
N GLY C 46 -15.14 -21.90 23.56
CA GLY C 46 -15.67 -23.19 23.13
C GLY C 46 -17.08 -23.57 23.55
N TYR C 47 -17.80 -22.63 24.16
CA TYR C 47 -19.16 -22.91 24.63
C TYR C 47 -20.22 -22.10 23.89
N ARG C 48 -21.42 -22.67 23.83
CA ARG C 48 -22.58 -21.98 23.28
C ARG C 48 -23.32 -21.35 24.45
N THR C 49 -23.59 -20.05 24.34
CA THR C 49 -24.26 -19.35 25.43
C THR C 49 -25.62 -18.78 25.00
N ILE C 50 -26.62 -18.98 25.84
CA ILE C 50 -27.98 -18.55 25.56
C ILE C 50 -28.49 -17.74 26.76
N ALA C 51 -29.15 -16.63 26.49
CA ALA C 51 -29.70 -15.79 27.55
C ALA C 51 -30.96 -15.11 27.06
N PHE C 52 -32.02 -15.20 27.86
CA PHE C 52 -33.31 -14.63 27.50
C PHE C 52 -33.67 -13.44 28.37
N ASP C 53 -34.57 -12.59 27.87
CA ASP C 53 -35.20 -11.54 28.67
C ASP C 53 -36.47 -12.14 29.26
N ARG C 54 -36.56 -12.22 30.58
CA ARG C 54 -37.74 -12.78 31.22
C ARG C 54 -38.99 -12.03 30.76
N ARG C 55 -40.12 -12.75 30.62
CA ARG C 55 -41.36 -12.08 30.27
C ARG C 55 -41.55 -10.84 31.13
N GLY C 56 -41.90 -9.72 30.50
CA GLY C 56 -42.11 -8.46 31.19
C GLY C 56 -40.86 -7.62 31.36
N PHE C 57 -39.73 -8.11 30.86
CA PHE C 57 -38.45 -7.43 31.03
C PHE C 57 -37.70 -7.26 29.72
N GLY C 58 -36.80 -6.28 29.68
CA GLY C 58 -35.98 -6.04 28.52
C GLY C 58 -36.79 -5.89 27.24
N ARG C 59 -36.44 -6.72 26.26
CA ARG C 59 -37.03 -6.67 24.93
C ARG C 59 -38.18 -7.66 24.72
N SER C 60 -38.61 -8.33 25.79
CA SER C 60 -39.73 -9.27 25.70
C SER C 60 -41.07 -8.55 25.84
N ASP C 61 -42.15 -9.23 25.43
CA ASP C 61 -43.50 -8.72 25.64
C ASP C 61 -43.81 -8.59 27.13
N GLN C 62 -44.85 -7.82 27.45
CA GLN C 62 -45.22 -7.56 28.85
C GLN C 62 -46.64 -8.02 29.17
N PRO C 63 -46.83 -9.34 29.34
CA PRO C 63 -48.15 -9.87 29.66
C PRO C 63 -48.62 -9.47 31.06
N TRP C 64 -49.93 -9.27 31.20
CA TRP C 64 -50.53 -8.98 32.49
C TRP C 64 -50.50 -10.24 33.37
N THR C 65 -50.66 -11.40 32.75
CA THR C 65 -50.71 -12.67 33.48
C THR C 65 -49.44 -13.50 33.32
N GLY C 66 -49.29 -14.49 34.18
CA GLY C 66 -48.22 -15.46 34.05
C GLY C 66 -46.91 -14.99 34.65
N ASN C 67 -46.96 -13.94 35.45
CA ASN C 67 -45.76 -13.45 36.12
C ASN C 67 -45.51 -14.18 37.43
N ASP C 68 -45.24 -15.47 37.32
CA ASP C 68 -45.02 -16.32 38.48
C ASP C 68 -44.03 -17.43 38.10
N TYR C 69 -43.48 -18.08 39.12
CA TYR C 69 -42.38 -19.02 38.89
C TYR C 69 -42.72 -20.26 38.07
N ASP C 70 -43.94 -20.76 38.20
CA ASP C 70 -44.35 -21.91 37.40
C ASP C 70 -44.33 -21.53 35.92
N THR C 71 -44.84 -20.35 35.60
CA THR C 71 -44.83 -19.87 34.22
C THR C 71 -43.41 -19.56 33.74
N PHE C 72 -42.61 -18.91 34.59
CA PHE C 72 -41.22 -18.61 34.25
C PHE C 72 -40.49 -19.90 33.89
N ALA C 73 -40.73 -20.94 34.69
CA ALA C 73 -40.06 -22.23 34.48
C ALA C 73 -40.51 -22.86 33.16
N ASP C 74 -41.79 -22.73 32.85
CA ASP C 74 -42.32 -23.27 31.60
C ASP C 74 -41.80 -22.50 30.38
N ASP C 75 -41.58 -21.19 30.55
CA ASP C 75 -40.96 -20.37 29.52
C ASP C 75 -39.58 -20.92 29.18
N ILE C 76 -38.78 -21.19 30.20
CA ILE C 76 -37.47 -21.78 30.01
C ILE C 76 -37.58 -23.15 29.31
N ALA C 77 -38.55 -23.94 29.72
CA ALA C 77 -38.79 -25.24 29.09
C ALA C 77 -39.05 -25.08 27.60
N GLN C 78 -39.86 -24.08 27.25
CA GLN C 78 -40.18 -23.81 25.86
C GLN C 78 -38.96 -23.36 25.07
N LEU C 79 -38.10 -22.55 25.68
CA LEU C 79 -36.88 -22.11 25.03
C LEU C 79 -35.95 -23.29 24.75
N ILE C 80 -35.79 -24.15 25.76
CA ILE C 80 -34.96 -25.34 25.62
C ILE C 80 -35.49 -26.27 24.53
N GLU C 81 -36.81 -26.43 24.49
CA GLU C 81 -37.44 -27.25 23.46
C GLU C 81 -37.31 -26.60 22.08
N HIS C 82 -37.53 -25.30 22.03
CA HIS C 82 -37.39 -24.52 20.80
C HIS C 82 -36.03 -24.75 20.13
N LEU C 83 -34.98 -24.71 20.93
CA LEU C 83 -33.62 -24.88 20.45
C LEU C 83 -33.17 -26.34 20.51
N ASP C 84 -34.03 -27.19 21.08
CA ASP C 84 -33.71 -28.60 21.26
C ASP C 84 -32.35 -28.79 21.93
N LEU C 85 -32.15 -28.09 23.05
CA LEU C 85 -30.88 -28.14 23.76
C LEU C 85 -30.72 -29.44 24.56
N LYS C 86 -29.48 -29.91 24.65
CA LYS C 86 -29.15 -31.07 25.45
C LYS C 86 -27.87 -30.80 26.23
N GLU C 87 -27.73 -31.47 27.38
N GLU C 87 -27.70 -31.48 27.36
CA GLU C 87 -26.59 -31.28 28.26
CA GLU C 87 -26.54 -31.27 28.24
C GLU C 87 -26.34 -29.81 28.56
C GLU C 87 -26.36 -29.79 28.61
N VAL C 88 -27.42 -29.09 28.87
N VAL C 88 -27.47 -29.11 28.89
CA VAL C 88 -27.34 -27.67 29.16
CA VAL C 88 -27.43 -27.69 29.23
C VAL C 88 -26.99 -27.39 30.61
C VAL C 88 -26.96 -27.44 30.65
N THR C 89 -26.10 -26.44 30.82
CA THR C 89 -25.73 -25.97 32.15
C THR C 89 -26.57 -24.73 32.44
N LEU C 90 -27.41 -24.80 33.46
CA LEU C 90 -28.29 -23.70 33.82
C LEU C 90 -27.62 -22.76 34.82
N VAL C 91 -27.67 -21.47 34.53
CA VAL C 91 -27.05 -20.46 35.41
C VAL C 91 -28.08 -19.38 35.74
N GLY C 92 -28.36 -19.21 37.02
CA GLY C 92 -29.34 -18.21 37.45
C GLY C 92 -28.80 -17.24 38.48
N PHE C 93 -29.12 -15.96 38.31
CA PHE C 93 -28.73 -14.94 39.28
C PHE C 93 -29.95 -14.39 40.02
N SER C 94 -29.82 -14.23 41.33
CA SER C 94 -30.88 -13.64 42.16
C SER C 94 -32.22 -14.37 41.98
N MET C 95 -33.26 -13.66 41.54
CA MET C 95 -34.56 -14.34 41.35
C MET C 95 -34.51 -15.36 40.22
N GLY C 96 -33.50 -15.24 39.36
CA GLY C 96 -33.31 -16.18 38.25
C GLY C 96 -32.83 -17.54 38.70
N GLY C 97 -32.30 -17.62 39.93
CA GLY C 97 -31.96 -18.90 40.53
C GLY C 97 -33.24 -19.70 40.73
N GLY C 98 -34.33 -19.00 41.01
CA GLY C 98 -35.63 -19.62 41.22
C GLY C 98 -36.23 -20.30 40.00
N ASP C 99 -36.22 -19.66 38.83
CA ASP C 99 -36.88 -20.28 37.69
C ASP C 99 -36.09 -21.42 37.04
N VAL C 100 -34.76 -21.40 37.16
CA VAL C 100 -33.98 -22.54 36.69
C VAL C 100 -34.18 -23.75 37.63
N ALA C 101 -34.30 -23.48 38.93
CA ALA C 101 -34.59 -24.53 39.89
C ALA C 101 -36.00 -25.09 39.67
N ARG C 102 -36.96 -24.20 39.48
CA ARG C 102 -38.35 -24.61 39.25
C ARG C 102 -38.47 -25.35 37.91
N TYR C 103 -37.63 -25.00 36.94
CA TYR C 103 -37.63 -25.72 35.68
C TYR C 103 -37.30 -27.20 35.92
N ILE C 104 -36.21 -27.44 36.63
CA ILE C 104 -35.79 -28.80 36.93
C ILE C 104 -36.88 -29.55 37.70
N ALA C 105 -37.46 -28.88 38.69
CA ALA C 105 -38.52 -29.49 39.51
C ALA C 105 -39.74 -29.90 38.68
N ARG C 106 -40.14 -29.03 37.75
CA ARG C 106 -41.33 -29.28 36.95
C ARG C 106 -41.09 -30.17 35.73
N HIS C 107 -39.87 -30.15 35.19
CA HIS C 107 -39.60 -30.83 33.92
C HIS C 107 -38.54 -31.91 33.99
N GLY C 108 -37.87 -32.02 35.12
CA GLY C 108 -36.79 -33.00 35.29
C GLY C 108 -35.47 -32.51 34.73
N SER C 109 -34.45 -33.35 34.79
CA SER C 109 -33.11 -32.94 34.40
C SER C 109 -32.53 -33.75 33.22
N ALA C 110 -33.40 -34.31 32.39
CA ALA C 110 -32.93 -35.12 31.26
C ALA C 110 -32.08 -34.29 30.29
N ARG C 111 -32.43 -33.01 30.14
CA ARG C 111 -31.69 -32.13 29.23
C ARG C 111 -30.62 -31.30 29.93
N VAL C 112 -30.43 -31.54 31.23
CA VAL C 112 -29.54 -30.71 32.04
C VAL C 112 -28.27 -31.40 32.49
N ALA C 113 -27.14 -30.73 32.31
CA ALA C 113 -25.84 -31.28 32.71
C ALA C 113 -25.33 -30.70 34.03
N GLY C 114 -25.81 -29.51 34.39
CA GLY C 114 -25.34 -28.86 35.60
C GLY C 114 -26.15 -27.64 35.98
N LEU C 115 -25.96 -27.16 37.20
CA LEU C 115 -26.68 -26.00 37.71
C LEU C 115 -25.76 -25.07 38.48
N VAL C 116 -25.91 -23.77 38.24
CA VAL C 116 -25.15 -22.76 38.96
C VAL C 116 -26.10 -21.71 39.53
N LEU C 117 -26.02 -21.49 40.84
CA LEU C 117 -26.87 -20.53 41.53
C LEU C 117 -26.06 -19.37 42.09
N LEU C 118 -26.24 -18.18 41.50
CA LEU C 118 -25.45 -17.00 41.84
C LEU C 118 -26.28 -15.98 42.63
N GLY C 119 -25.87 -15.70 43.86
CA GLY C 119 -26.60 -14.78 44.73
C GLY C 119 -28.10 -15.03 44.66
N ALA C 120 -28.49 -16.30 44.65
CA ALA C 120 -29.86 -16.68 44.36
C ALA C 120 -30.79 -16.68 45.58
N VAL C 121 -32.09 -16.49 45.32
CA VAL C 121 -33.10 -16.46 46.37
C VAL C 121 -33.41 -17.85 46.93
N THR C 122 -32.89 -18.88 46.27
CA THR C 122 -33.09 -20.25 46.72
C THR C 122 -32.40 -20.48 48.07
N PRO C 123 -32.96 -21.36 48.91
CA PRO C 123 -34.16 -22.15 48.68
C PRO C 123 -35.45 -21.42 49.04
N LEU C 124 -35.30 -20.28 49.72
N LEU C 124 -35.32 -20.31 49.76
CA LEU C 124 -36.44 -19.47 50.18
CA LEU C 124 -36.44 -19.41 49.98
C LEU C 124 -35.95 -18.09 50.61
C LEU C 124 -35.97 -18.10 50.57
N PHE C 125 -36.71 -17.05 50.26
CA PHE C 125 -36.28 -15.68 50.52
C PHE C 125 -37.05 -15.06 51.70
N GLY C 126 -38.38 -14.98 51.56
CA GLY C 126 -39.22 -14.37 52.60
C GLY C 126 -39.56 -15.30 53.75
N GLN C 127 -40.08 -14.72 54.84
CA GLN C 127 -40.48 -15.49 56.02
C GLN C 127 -41.60 -16.49 55.74
N LYS C 128 -41.49 -17.66 56.36
CA LYS C 128 -42.59 -18.63 56.40
C LYS C 128 -42.74 -19.07 57.84
N PRO C 129 -43.84 -19.77 58.18
CA PRO C 129 -44.06 -20.21 59.56
C PRO C 129 -42.86 -20.96 60.14
N ASP C 130 -42.23 -21.82 59.34
CA ASP C 130 -41.06 -22.56 59.80
C ASP C 130 -39.75 -21.95 59.31
N TYR C 131 -39.83 -20.70 58.85
CA TYR C 131 -38.65 -19.98 58.37
C TYR C 131 -38.69 -18.51 58.78
N PRO C 132 -38.75 -18.26 60.09
CA PRO C 132 -38.78 -16.90 60.62
C PRO C 132 -37.50 -16.13 60.33
N GLN C 133 -36.42 -16.86 59.99
CA GLN C 133 -35.15 -16.22 59.68
C GLN C 133 -35.16 -15.52 58.32
N GLY C 134 -36.18 -15.81 57.50
CA GLY C 134 -36.30 -15.17 56.20
C GLY C 134 -36.61 -13.68 56.33
N VAL C 135 -36.64 -12.97 55.20
CA VAL C 135 -36.94 -11.55 55.21
C VAL C 135 -38.42 -11.31 55.45
N PRO C 136 -38.75 -10.47 56.45
CA PRO C 136 -40.15 -10.20 56.74
C PRO C 136 -40.89 -9.68 55.51
N LEU C 137 -42.12 -10.16 55.29
CA LEU C 137 -42.85 -9.81 54.08
C LEU C 137 -43.18 -8.33 53.96
N ASP C 138 -43.20 -7.62 55.09
CA ASP C 138 -43.52 -6.20 55.06
C ASP C 138 -42.38 -5.38 54.42
N VAL C 139 -41.18 -5.97 54.38
CA VAL C 139 -40.07 -5.36 53.66
C VAL C 139 -40.40 -5.31 52.17
N PHE C 140 -40.93 -6.41 51.66
CA PHE C 140 -41.31 -6.51 50.26
C PHE C 140 -42.59 -5.72 49.98
N ALA C 141 -43.48 -5.69 50.95
CA ALA C 141 -44.68 -4.86 50.84
C ALA C 141 -44.27 -3.41 50.59
N ARG C 142 -43.23 -2.97 51.27
CA ARG C 142 -42.73 -1.61 51.10
C ARG C 142 -42.07 -1.40 49.74
N PHE C 143 -41.38 -2.42 49.24
CA PHE C 143 -40.87 -2.39 47.87
C PHE C 143 -42.00 -2.04 46.93
N LYS C 144 -43.10 -2.80 47.02
CA LYS C 144 -44.25 -2.61 46.15
C LYS C 144 -44.83 -1.21 46.28
N THR C 145 -45.01 -0.76 47.52
CA THR C 145 -45.55 0.58 47.77
C THR C 145 -44.73 1.65 47.05
N GLU C 146 -43.40 1.55 47.18
CA GLU C 146 -42.52 2.54 46.56
C GLU C 146 -42.50 2.41 45.03
N LEU C 147 -42.53 1.17 44.53
CA LEU C 147 -42.55 0.94 43.09
C LEU C 147 -43.82 1.49 42.44
N LEU C 148 -44.94 1.38 43.14
CA LEU C 148 -46.22 1.84 42.60
C LEU C 148 -46.37 3.36 42.70
N LYS C 149 -45.37 4.01 43.30
CA LYS C 149 -45.32 5.47 43.34
C LYS C 149 -44.34 6.00 42.30
N ASP C 150 -43.12 5.47 42.31
CA ASP C 150 -42.06 5.97 41.44
C ASP C 150 -41.01 4.88 41.24
N ARG C 151 -41.25 3.99 40.29
CA ARG C 151 -40.34 2.87 40.09
C ARG C 151 -38.99 3.32 39.52
N ALA C 152 -38.99 4.39 38.75
CA ALA C 152 -37.75 4.89 38.18
C ALA C 152 -36.76 5.31 39.27
N GLN C 153 -37.23 6.07 40.26
CA GLN C 153 -36.35 6.48 41.35
C GLN C 153 -36.02 5.31 42.28
N PHE C 154 -36.95 4.37 42.42
CA PHE C 154 -36.66 3.16 43.18
C PHE C 154 -35.46 2.44 42.60
N ILE C 155 -35.49 2.22 41.29
CA ILE C 155 -34.38 1.56 40.61
C ILE C 155 -33.07 2.31 40.82
N SER C 156 -33.11 3.63 40.65
CA SER C 156 -31.93 4.46 40.79
CA SER C 156 -31.93 4.46 40.81
C SER C 156 -31.35 4.32 42.20
N ASP C 157 -32.22 4.37 43.20
CA ASP C 157 -31.79 4.24 44.60
C ASP C 157 -31.26 2.83 44.90
N PHE C 158 -31.75 1.85 44.15
CA PHE C 158 -31.40 0.45 44.35
C PHE C 158 -29.94 0.17 43.97
N ASN C 159 -29.40 0.97 43.06
CA ASN C 159 -28.02 0.79 42.59
C ASN C 159 -27.01 0.69 43.74
N ALA C 160 -27.11 1.59 44.72
CA ALA C 160 -26.12 1.66 45.79
C ALA C 160 -25.99 0.35 46.57
N PRO C 161 -27.08 -0.10 47.21
CA PRO C 161 -27.00 -1.36 47.96
C PRO C 161 -26.85 -2.59 47.07
N PHE C 162 -27.33 -2.50 45.83
CA PHE C 162 -27.20 -3.59 44.88
C PHE C 162 -25.72 -3.89 44.60
N TYR C 163 -24.96 -2.84 44.31
CA TYR C 163 -23.54 -2.99 43.97
C TYR C 163 -22.61 -2.83 45.17
N GLY C 164 -23.18 -2.50 46.33
CA GLY C 164 -22.40 -2.31 47.54
C GLY C 164 -21.58 -1.02 47.53
N ILE C 165 -22.04 -0.05 46.74
CA ILE C 165 -21.37 1.23 46.62
C ILE C 165 -21.35 1.94 47.97
N ASN C 166 -22.38 1.69 48.77
CA ASN C 166 -22.49 2.27 50.11
C ASN C 166 -21.54 1.60 51.10
N LYS C 167 -20.85 0.56 50.66
CA LYS C 167 -19.92 -0.18 51.51
C LYS C 167 -18.53 -0.32 50.90
N GLY C 168 -18.19 0.58 50.00
CA GLY C 168 -16.82 0.63 49.49
C GLY C 168 -16.54 0.00 48.14
N GLN C 169 -17.53 -0.68 47.55
CA GLN C 169 -17.35 -1.21 46.21
C GLN C 169 -17.31 -0.06 45.21
N VAL C 170 -16.56 -0.23 44.14
CA VAL C 170 -16.42 0.81 43.13
C VAL C 170 -17.06 0.38 41.82
N VAL C 171 -18.08 1.11 41.40
CA VAL C 171 -18.79 0.82 40.16
C VAL C 171 -19.01 2.13 39.39
N SER C 172 -18.65 2.13 38.11
CA SER C 172 -18.70 3.35 37.30
C SER C 172 -20.12 3.90 37.14
N GLN C 173 -20.20 5.19 36.84
CA GLN C 173 -21.47 5.84 36.53
CA GLN C 173 -21.48 5.81 36.55
C GLN C 173 -22.09 5.19 35.31
N GLY C 174 -21.22 4.74 34.40
CA GLY C 174 -21.66 4.09 33.18
C GLY C 174 -22.48 2.84 33.47
N VAL C 175 -21.97 2.00 34.35
CA VAL C 175 -22.68 0.78 34.73
C VAL C 175 -24.02 1.11 35.41
N GLN C 176 -24.01 2.11 36.27
CA GLN C 176 -25.22 2.53 36.96
C GLN C 176 -26.26 3.07 35.98
N THR C 177 -25.79 3.78 34.96
CA THR C 177 -26.66 4.31 33.93
C THR C 177 -27.26 3.18 33.09
N GLN C 178 -26.42 2.22 32.70
CA GLN C 178 -26.90 1.08 31.93
C GLN C 178 -27.90 0.24 32.73
N THR C 179 -27.63 0.08 34.02
CA THR C 179 -28.54 -0.68 34.88
C THR C 179 -29.93 -0.04 34.88
N LEU C 180 -29.96 1.28 35.07
CA LEU C 180 -31.22 2.01 35.08
C LEU C 180 -31.92 1.96 33.72
N GLN C 181 -31.15 2.13 32.64
CA GLN C 181 -31.73 2.12 31.30
C GLN C 181 -32.44 0.79 31.02
N ILE C 182 -31.76 -0.31 31.33
CA ILE C 182 -32.35 -1.64 31.12
C ILE C 182 -33.60 -1.86 31.98
N ALA C 183 -33.51 -1.49 33.25
CA ALA C 183 -34.62 -1.68 34.18
C ALA C 183 -35.88 -0.94 33.74
N LEU C 184 -35.70 0.23 33.13
CA LEU C 184 -36.83 1.05 32.69
C LEU C 184 -37.57 0.43 31.50
N LEU C 185 -36.91 -0.48 30.79
CA LEU C 185 -37.53 -1.18 29.68
C LEU C 185 -38.67 -2.06 30.17
N ALA C 186 -38.53 -2.54 31.40
CA ALA C 186 -39.45 -3.54 31.97
C ALA C 186 -40.86 -3.01 32.24
N SER C 187 -41.80 -3.94 32.39
CA SER C 187 -43.17 -3.63 32.75
C SER C 187 -43.32 -3.29 34.22
N LEU C 188 -44.09 -2.25 34.53
CA LEU C 188 -44.41 -1.94 35.92
C LEU C 188 -45.09 -3.13 36.59
N LYS C 189 -46.05 -3.74 35.89
CA LYS C 189 -46.78 -4.90 36.41
C LYS C 189 -45.86 -6.08 36.68
N ALA C 190 -45.01 -6.42 35.73
CA ALA C 190 -44.07 -7.52 35.89
C ALA C 190 -43.11 -7.24 37.05
N THR C 191 -42.66 -6.00 37.15
CA THR C 191 -41.73 -5.62 38.21
C THR C 191 -42.32 -5.86 39.60
N VAL C 192 -43.58 -5.48 39.77
CA VAL C 192 -44.25 -5.66 41.05
C VAL C 192 -44.65 -7.12 41.29
N ASP C 193 -45.17 -7.79 40.26
CA ASP C 193 -45.52 -9.21 40.38
C ASP C 193 -44.31 -10.06 40.78
N CYS C 194 -43.14 -9.70 40.28
CA CYS C 194 -41.93 -10.46 40.60
C CYS C 194 -41.60 -10.37 42.09
N VAL C 195 -41.92 -9.24 42.72
CA VAL C 195 -41.71 -9.11 44.16
C VAL C 195 -42.53 -10.17 44.90
N THR C 196 -43.80 -10.31 44.53
CA THR C 196 -44.66 -11.32 45.11
C THR C 196 -44.06 -12.70 44.92
N ALA C 197 -43.62 -12.97 43.69
CA ALA C 197 -43.03 -14.27 43.34
C ALA C 197 -41.80 -14.60 44.17
N PHE C 198 -40.80 -13.72 44.19
CA PHE C 198 -39.57 -14.06 44.90
C PHE C 198 -39.68 -13.93 46.43
N ALA C 199 -40.64 -13.15 46.90
CA ALA C 199 -40.85 -13.00 48.34
C ALA C 199 -41.48 -14.23 48.97
N GLU C 200 -42.36 -14.90 48.24
CA GLU C 200 -43.24 -15.91 48.86
C GLU C 200 -43.13 -17.32 48.29
N THR C 201 -42.31 -17.52 47.26
CA THR C 201 -42.18 -18.84 46.65
C THR C 201 -41.17 -19.71 47.41
N ASP C 202 -41.60 -20.92 47.78
CA ASP C 202 -40.76 -21.84 48.54
C ASP C 202 -40.11 -22.86 47.60
N PHE C 203 -38.80 -22.80 47.47
CA PHE C 203 -38.07 -23.69 46.56
C PHE C 203 -37.46 -24.90 47.27
N ARG C 204 -37.82 -25.12 48.53
CA ARG C 204 -37.24 -26.24 49.25
C ARG C 204 -37.59 -27.61 48.64
N PRO C 205 -38.85 -27.77 48.19
CA PRO C 205 -39.16 -28.99 47.45
C PRO C 205 -38.27 -29.13 46.22
N ASP C 206 -38.01 -28.02 45.54
CA ASP C 206 -37.18 -28.02 44.34
C ASP C 206 -35.77 -28.54 44.61
N MET C 207 -35.20 -28.15 45.74
CA MET C 207 -33.83 -28.53 46.08
C MET C 207 -33.67 -30.05 46.09
N ALA C 208 -34.69 -30.73 46.57
CA ALA C 208 -34.64 -32.19 46.70
C ALA C 208 -34.67 -32.91 45.36
N LYS C 209 -35.09 -32.20 44.32
CA LYS C 209 -35.22 -32.80 43.00
C LYS C 209 -34.03 -32.49 42.08
N ILE C 210 -33.09 -31.70 42.59
CA ILE C 210 -31.90 -31.36 41.83
C ILE C 210 -30.86 -32.48 41.92
N ASP C 211 -30.73 -33.24 40.84
CA ASP C 211 -29.85 -34.41 40.82
C ASP C 211 -28.72 -34.26 39.80
N VAL C 212 -28.24 -33.04 39.64
CA VAL C 212 -27.10 -32.77 38.77
C VAL C 212 -26.02 -32.02 39.55
N PRO C 213 -24.78 -32.05 39.06
CA PRO C 213 -23.73 -31.27 39.69
C PRO C 213 -24.17 -29.81 39.83
N THR C 214 -23.95 -29.23 41.01
CA THR C 214 -24.43 -27.89 41.30
C THR C 214 -23.36 -27.04 41.98
N LEU C 215 -23.23 -25.79 41.54
CA LEU C 215 -22.30 -24.85 42.15
C LEU C 215 -23.08 -23.63 42.65
N VAL C 216 -22.93 -23.34 43.94
CA VAL C 216 -23.56 -22.18 44.54
C VAL C 216 -22.49 -21.13 44.83
N ILE C 217 -22.69 -19.92 44.30
CA ILE C 217 -21.80 -18.80 44.59
C ILE C 217 -22.59 -17.65 45.19
N HIS C 218 -22.05 -17.04 46.23
CA HIS C 218 -22.74 -15.95 46.93
C HIS C 218 -21.70 -15.04 47.56
N GLY C 219 -22.00 -13.75 47.63
CA GLY C 219 -21.17 -12.81 48.36
C GLY C 219 -21.69 -12.70 49.78
N ASP C 220 -20.80 -12.73 50.77
CA ASP C 220 -21.24 -12.61 52.15
C ASP C 220 -21.33 -11.14 52.58
N GLY C 221 -21.27 -10.25 51.60
CA GLY C 221 -21.55 -8.83 51.84
C GLY C 221 -22.88 -8.45 51.18
N ASP C 222 -23.60 -9.45 50.72
CA ASP C 222 -24.87 -9.24 50.00
C ASP C 222 -25.94 -8.55 50.85
N GLN C 223 -26.29 -7.32 50.47
CA GLN C 223 -27.27 -6.54 51.21
C GLN C 223 -28.70 -6.82 50.77
N ILE C 224 -28.84 -7.53 49.64
CA ILE C 224 -30.15 -7.72 49.04
C ILE C 224 -30.71 -9.10 49.32
N VAL C 225 -29.90 -10.13 49.04
CA VAL C 225 -30.30 -11.51 49.28
C VAL C 225 -29.33 -12.09 50.30
N PRO C 226 -29.76 -12.20 51.57
CA PRO C 226 -28.89 -12.59 52.67
C PRO C 226 -28.26 -13.96 52.47
N PHE C 227 -26.93 -14.00 52.45
CA PHE C 227 -26.20 -15.24 52.24
C PHE C 227 -26.61 -16.34 53.22
N GLU C 228 -26.68 -15.97 54.49
CA GLU C 228 -26.91 -16.93 55.57
C GLU C 228 -28.20 -17.74 55.44
N THR C 229 -29.24 -17.13 54.89
CA THR C 229 -30.53 -17.81 54.80
C THR C 229 -30.90 -18.26 53.38
N THR C 230 -30.00 -18.03 52.43
CA THR C 230 -30.24 -18.46 51.06
C THR C 230 -29.12 -19.35 50.54
N GLY C 231 -28.11 -18.75 49.91
CA GLY C 231 -26.99 -19.51 49.35
C GLY C 231 -26.40 -20.56 50.28
N LYS C 232 -26.21 -20.19 51.54
CA LYS C 232 -25.62 -21.10 52.52
C LYS C 232 -26.48 -22.34 52.69
N VAL C 233 -27.79 -22.15 52.69
CA VAL C 233 -28.73 -23.25 52.90
C VAL C 233 -28.93 -24.08 51.64
N ALA C 234 -28.99 -23.40 50.49
CA ALA C 234 -29.15 -24.10 49.22
C ALA C 234 -28.03 -25.11 49.00
N ALA C 235 -26.81 -24.72 49.35
CA ALA C 235 -25.64 -25.57 49.17
C ALA C 235 -25.74 -26.84 50.03
N GLU C 236 -26.45 -26.75 51.14
CA GLU C 236 -26.61 -27.90 52.04
C GLU C 236 -27.74 -28.83 51.59
N LEU C 237 -28.82 -28.23 51.10
CA LEU C 237 -30.02 -28.98 50.70
C LEU C 237 -29.87 -29.71 49.38
N ILE C 238 -28.97 -29.23 48.52
CA ILE C 238 -28.73 -29.88 47.24
C ILE C 238 -27.60 -30.89 47.37
N LYS C 239 -27.92 -32.17 47.18
CA LYS C 239 -26.93 -33.22 47.34
C LYS C 239 -25.73 -33.00 46.43
N GLY C 240 -24.54 -33.03 47.02
CA GLY C 240 -23.30 -32.93 46.25
C GLY C 240 -22.93 -31.52 45.78
N ALA C 241 -23.75 -30.54 46.14
CA ALA C 241 -23.49 -29.16 45.72
C ALA C 241 -22.19 -28.61 46.27
N GLU C 242 -21.53 -27.79 45.46
CA GLU C 242 -20.30 -27.09 45.87
C GLU C 242 -20.68 -25.65 46.21
N LEU C 243 -19.98 -25.07 47.18
CA LEU C 243 -20.25 -23.69 47.59
C LEU C 243 -19.00 -22.84 47.52
N LYS C 244 -19.10 -21.69 46.87
CA LYS C 244 -18.04 -20.70 46.86
C LYS C 244 -18.54 -19.37 47.39
N VAL C 245 -17.84 -18.81 48.38
CA VAL C 245 -18.22 -17.53 48.96
C VAL C 245 -17.21 -16.45 48.58
N TYR C 246 -17.68 -15.40 47.95
CA TYR C 246 -16.84 -14.25 47.62
C TYR C 246 -16.82 -13.29 48.80
N LYS C 247 -15.65 -13.12 49.42
CA LYS C 247 -15.55 -12.34 50.65
C LYS C 247 -15.96 -10.87 50.47
N ASP C 248 -16.95 -10.44 51.25
CA ASP C 248 -17.42 -9.06 51.25
C ASP C 248 -18.09 -8.63 49.95
N ALA C 249 -18.24 -9.57 49.02
CA ALA C 249 -18.85 -9.26 47.73
C ALA C 249 -20.31 -8.84 47.89
N PRO C 250 -20.76 -7.91 47.03
CA PRO C 250 -22.13 -7.41 47.08
C PRO C 250 -23.08 -8.34 46.34
N HIS C 251 -24.33 -7.94 46.21
CA HIS C 251 -25.29 -8.72 45.44
C HIS C 251 -24.92 -8.73 43.96
N GLY C 252 -24.55 -7.57 43.43
CA GLY C 252 -24.24 -7.44 42.01
C GLY C 252 -22.81 -7.82 41.68
N PHE C 253 -22.39 -9.01 42.12
CA PHE C 253 -20.99 -9.40 41.98
C PHE C 253 -20.59 -9.86 40.58
N ALA C 254 -21.56 -10.04 39.68
CA ALA C 254 -21.22 -10.31 38.29
C ALA C 254 -20.53 -9.10 37.68
N VAL C 255 -20.76 -7.94 38.28
CA VAL C 255 -20.07 -6.71 37.89
C VAL C 255 -18.78 -6.53 38.67
N THR C 256 -18.87 -6.53 40.00
CA THR C 256 -17.73 -6.23 40.86
C THR C 256 -16.68 -7.34 40.88
N HIS C 257 -17.12 -8.57 40.63
CA HIS C 257 -16.21 -9.73 40.65
C HIS C 257 -16.29 -10.51 39.34
N ALA C 258 -16.36 -9.77 38.22
CA ALA C 258 -16.59 -10.38 36.91
C ALA C 258 -15.53 -11.42 36.52
N GLN C 259 -14.26 -11.08 36.66
CA GLN C 259 -13.20 -12.00 36.23
C GLN C 259 -13.23 -13.26 37.06
N GLN C 260 -13.38 -13.11 38.38
CA GLN C 260 -13.46 -14.25 39.27
C GLN C 260 -14.63 -15.17 38.89
N LEU C 261 -15.79 -14.57 38.62
CA LEU C 261 -16.95 -15.35 38.21
C LEU C 261 -16.71 -16.07 36.88
N ASN C 262 -16.17 -15.35 35.91
CA ASN C 262 -15.86 -15.95 34.61
C ASN C 262 -15.01 -17.21 34.77
N GLU C 263 -13.98 -17.11 35.59
CA GLU C 263 -13.06 -18.23 35.78
C GLU C 263 -13.70 -19.38 36.54
N ASP C 264 -14.53 -19.05 37.53
CA ASP C 264 -15.24 -20.09 38.29
C ASP C 264 -16.24 -20.83 37.41
N LEU C 265 -16.92 -20.11 36.53
CA LEU C 265 -17.85 -20.74 35.60
C LEU C 265 -17.12 -21.69 34.66
N LEU C 266 -15.99 -21.25 34.12
CA LEU C 266 -15.22 -22.08 33.20
C LEU C 266 -14.70 -23.33 33.89
N ALA C 267 -14.21 -23.17 35.11
CA ALA C 267 -13.70 -24.30 35.88
C ALA C 267 -14.80 -25.31 36.18
N PHE C 268 -16.00 -24.82 36.44
CA PHE C 268 -17.14 -25.70 36.70
C PHE C 268 -17.48 -26.51 35.46
N LEU C 269 -17.51 -25.85 34.31
CA LEU C 269 -17.83 -26.52 33.06
C LEU C 269 -16.77 -27.56 32.68
N LYS C 270 -15.53 -27.30 33.04
N LYS C 270 -15.53 -27.32 33.09
CA LYS C 270 -14.42 -28.18 32.68
CA LYS C 270 -14.44 -28.25 32.82
C LYS C 270 -14.31 -29.38 33.61
C LYS C 270 -14.01 -29.04 34.05
N ARG C 271 -14.97 -29.29 34.77
N ARG C 271 -14.97 -29.42 34.89
CA ARG C 271 -15.03 -30.41 35.70
CA ARG C 271 -14.64 -30.19 36.09
C ARG C 271 -15.81 -31.56 35.07
C ARG C 271 -14.61 -31.69 35.80
N SER D 1 29.29 -14.58 -23.08
CA SER D 1 28.19 -15.28 -23.80
C SER D 1 27.08 -14.31 -24.15
N THR D 2 26.21 -14.70 -25.07
CA THR D 2 25.06 -13.89 -25.42
C THR D 2 23.83 -14.76 -25.71
N PHE D 3 22.66 -14.18 -25.52
CA PHE D 3 21.42 -14.75 -26.02
C PHE D 3 20.57 -13.62 -26.58
N VAL D 4 19.62 -13.96 -27.45
CA VAL D 4 18.77 -12.95 -28.07
C VAL D 4 17.37 -12.96 -27.44
N ALA D 5 16.98 -11.81 -26.90
CA ALA D 5 15.65 -11.67 -26.30
C ALA D 5 14.57 -11.67 -27.38
N LYS D 6 13.32 -11.74 -26.93
CA LYS D 6 12.19 -11.83 -27.85
C LYS D 6 12.19 -10.73 -28.91
N ASP D 7 12.51 -9.50 -28.50
CA ASP D 7 12.44 -8.37 -29.44
C ASP D 7 13.71 -8.19 -30.27
N GLY D 8 14.62 -9.15 -30.17
CA GLY D 8 15.87 -9.11 -30.93
C GLY D 8 17.07 -8.57 -30.18
N THR D 9 16.84 -8.08 -28.96
CA THR D 9 17.92 -7.51 -28.15
C THR D 9 18.93 -8.57 -27.73
N GLN D 10 20.19 -8.34 -28.07
CA GLN D 10 21.26 -9.24 -27.66
C GLN D 10 21.73 -8.89 -26.25
N ILE D 11 21.70 -9.87 -25.36
N ILE D 11 21.70 -9.86 -25.35
CA ILE D 11 22.07 -9.68 -23.96
CA ILE D 11 22.11 -9.61 -23.98
C ILE D 11 23.37 -10.42 -23.64
C ILE D 11 23.35 -10.41 -23.62
N TYR D 12 24.33 -9.72 -23.06
CA TYR D 12 25.61 -10.33 -22.67
C TYR D 12 25.52 -10.92 -21.28
N PHE D 13 26.13 -12.08 -21.09
CA PHE D 13 26.21 -12.68 -19.75
C PHE D 13 27.47 -13.51 -19.54
N LYS D 14 27.80 -13.72 -18.27
CA LYS D 14 28.89 -14.60 -17.88
C LYS D 14 28.31 -15.80 -17.14
N ASP D 15 28.88 -16.97 -17.39
CA ASP D 15 28.44 -18.20 -16.75
C ASP D 15 29.68 -18.93 -16.26
N TRP D 16 29.95 -18.85 -14.96
CA TRP D 16 31.19 -19.36 -14.38
C TRP D 16 30.98 -20.53 -13.43
N GLY D 17 31.86 -21.52 -13.50
CA GLY D 17 31.89 -22.60 -12.52
C GLY D 17 30.80 -23.63 -12.67
N SER D 18 30.64 -24.46 -11.64
CA SER D 18 29.64 -25.53 -11.66
C SER D 18 29.02 -25.72 -10.29
N GLY D 19 27.87 -26.38 -10.25
CA GLY D 19 27.14 -26.60 -9.02
C GLY D 19 25.81 -25.88 -9.07
N LYS D 20 25.19 -25.71 -7.91
CA LYS D 20 23.93 -24.98 -7.86
C LYS D 20 24.14 -23.55 -8.31
N PRO D 21 23.22 -23.03 -9.14
CA PRO D 21 23.37 -21.73 -9.77
C PRO D 21 22.97 -20.54 -8.91
N VAL D 22 23.73 -19.46 -9.04
CA VAL D 22 23.42 -18.19 -8.41
C VAL D 22 23.41 -17.13 -9.51
N LEU D 23 22.26 -16.47 -9.70
CA LEU D 23 22.12 -15.50 -10.79
C LEU D 23 22.03 -14.06 -10.25
N PHE D 24 22.93 -13.21 -10.74
CA PHE D 24 23.08 -11.85 -10.24
C PHE D 24 22.47 -10.81 -11.18
N SER D 25 21.75 -9.84 -10.60
CA SER D 25 21.14 -8.75 -11.36
C SER D 25 21.66 -7.41 -10.84
N HIS D 26 22.42 -6.70 -11.67
CA HIS D 26 23.14 -5.50 -11.22
C HIS D 26 22.26 -4.26 -11.07
N GLY D 27 22.83 -3.21 -10.47
CA GLY D 27 22.11 -1.96 -10.28
C GLY D 27 22.25 -0.97 -11.43
N TRP D 28 21.66 0.21 -11.26
CA TRP D 28 21.65 1.25 -12.29
C TRP D 28 23.06 1.68 -12.67
N LEU D 29 23.30 1.85 -13.96
CA LEU D 29 24.58 2.43 -14.43
C LEU D 29 25.70 1.41 -14.55
N LEU D 30 25.62 0.33 -13.77
CA LEU D 30 26.70 -0.65 -13.73
C LEU D 30 26.50 -1.72 -14.80
N ASP D 31 27.19 -2.85 -14.63
CA ASP D 31 26.91 -4.03 -15.45
C ASP D 31 27.35 -5.28 -14.69
N ALA D 32 27.44 -6.41 -15.39
CA ALA D 32 27.75 -7.67 -14.74
C ALA D 32 29.08 -7.65 -13.98
N ASP D 33 29.98 -6.72 -14.35
CA ASP D 33 31.28 -6.64 -13.70
C ASP D 33 31.19 -6.22 -12.23
N MET D 34 30.08 -5.61 -11.82
CA MET D 34 29.94 -5.21 -10.42
C MET D 34 29.97 -6.43 -9.50
N TRP D 35 29.69 -7.60 -10.05
CA TRP D 35 29.60 -8.83 -9.27
C TRP D 35 30.88 -9.66 -9.29
N GLU D 36 31.90 -9.19 -10.01
CA GLU D 36 33.07 -10.04 -10.26
C GLU D 36 33.66 -10.69 -9.00
N TYR D 37 33.73 -9.96 -7.90
CA TYR D 37 34.32 -10.50 -6.67
C TYR D 37 33.43 -11.54 -5.98
N GLN D 38 32.12 -11.32 -5.99
CA GLN D 38 31.19 -12.29 -5.43
C GLN D 38 31.15 -13.56 -6.29
N MET D 39 31.23 -13.38 -7.60
CA MET D 39 31.23 -14.53 -8.51
C MET D 39 32.48 -15.39 -8.32
N GLU D 40 33.65 -14.77 -8.27
CA GLU D 40 34.89 -15.52 -8.06
C GLU D 40 34.86 -16.21 -6.69
N TYR D 41 34.38 -15.49 -5.68
CA TYR D 41 34.31 -16.03 -4.32
C TYR D 41 33.45 -17.29 -4.25
N LEU D 42 32.25 -17.24 -4.85
CA LEU D 42 31.31 -18.35 -4.78
C LEU D 42 31.66 -19.49 -5.72
N SER D 43 32.16 -19.17 -6.92
CA SER D 43 32.50 -20.20 -7.89
C SER D 43 33.78 -20.96 -7.53
N SER D 44 34.64 -20.36 -6.70
CA SER D 44 35.80 -21.08 -6.20
CA SER D 44 35.81 -21.05 -6.19
C SER D 44 35.42 -21.88 -4.97
N ARG D 45 34.16 -21.78 -4.56
CA ARG D 45 33.67 -22.49 -3.38
C ARG D 45 32.47 -23.39 -3.70
N GLY D 46 32.43 -23.89 -4.93
CA GLY D 46 31.48 -24.93 -5.31
C GLY D 46 30.16 -24.51 -5.92
N TYR D 47 30.04 -23.25 -6.31
CA TYR D 47 28.81 -22.75 -6.92
C TYR D 47 29.00 -22.29 -8.36
N ARG D 48 27.91 -22.33 -9.11
CA ARG D 48 27.89 -21.80 -10.47
C ARG D 48 27.29 -20.40 -10.40
N THR D 49 28.00 -19.43 -10.95
CA THR D 49 27.54 -18.05 -10.89
C THR D 49 27.27 -17.49 -12.28
N ILE D 50 26.14 -16.78 -12.41
CA ILE D 50 25.74 -16.20 -13.68
C ILE D 50 25.38 -14.73 -13.46
N ALA D 51 25.84 -13.87 -14.37
CA ALA D 51 25.55 -12.44 -14.29
C ALA D 51 25.41 -11.88 -15.70
N PHE D 52 24.36 -11.09 -15.92
CA PHE D 52 24.09 -10.51 -17.23
C PHE D 52 24.20 -8.98 -17.20
N ASP D 53 24.40 -8.39 -18.37
CA ASP D 53 24.31 -6.94 -18.52
C ASP D 53 22.87 -6.62 -18.91
N ARG D 54 22.18 -5.83 -18.10
CA ARG D 54 20.80 -5.45 -18.40
C ARG D 54 20.74 -4.80 -19.78
N ARG D 55 19.65 -5.03 -20.51
CA ARG D 55 19.48 -4.39 -21.80
C ARG D 55 19.77 -2.89 -21.66
N GLY D 56 20.56 -2.35 -22.58
CA GLY D 56 20.92 -0.94 -22.54
C GLY D 56 22.17 -0.64 -21.74
N PHE D 57 22.76 -1.67 -21.14
CA PHE D 57 23.92 -1.47 -20.27
C PHE D 57 25.09 -2.37 -20.64
N GLY D 58 26.29 -1.94 -20.23
CA GLY D 58 27.49 -2.73 -20.45
C GLY D 58 27.65 -3.18 -21.89
N ARG D 59 27.79 -4.48 -22.09
CA ARG D 59 28.07 -5.07 -23.39
C ARG D 59 26.81 -5.53 -24.15
N SER D 60 25.63 -5.25 -23.59
CA SER D 60 24.38 -5.62 -24.25
C SER D 60 23.93 -4.58 -25.28
N ASP D 61 23.02 -4.99 -26.17
CA ASP D 61 22.42 -4.08 -27.14
C ASP D 61 21.62 -2.99 -26.43
N GLN D 62 21.32 -1.92 -27.16
CA GLN D 62 20.66 -0.73 -26.61
C GLN D 62 19.33 -0.42 -27.29
N PRO D 63 18.29 -1.22 -26.99
CA PRO D 63 16.97 -0.99 -27.60
C PRO D 63 16.33 0.31 -27.12
N TRP D 64 15.57 0.95 -28.01
CA TRP D 64 14.79 2.13 -27.66
C TRP D 64 13.59 1.74 -26.81
N THR D 65 13.04 0.55 -27.06
CA THR D 65 11.87 0.07 -26.34
C THR D 65 12.20 -1.03 -25.33
N GLY D 66 11.27 -1.28 -24.41
CA GLY D 66 11.39 -2.39 -23.48
C GLY D 66 12.22 -2.09 -22.24
N ASN D 67 12.47 -0.81 -21.99
CA ASN D 67 13.22 -0.42 -20.80
C ASN D 67 12.29 -0.24 -19.60
N ASP D 68 11.71 -1.34 -19.17
CA ASP D 68 10.75 -1.35 -18.06
C ASP D 68 10.85 -2.70 -17.35
N TYR D 69 10.30 -2.76 -16.13
CA TYR D 69 10.51 -3.93 -15.27
C TYR D 69 9.89 -5.23 -15.79
N ASP D 70 8.75 -5.13 -16.48
CA ASP D 70 8.12 -6.33 -17.04
C ASP D 70 9.03 -6.95 -18.10
N THR D 71 9.63 -6.12 -18.94
CA THR D 71 10.57 -6.60 -19.94
C THR D 71 11.86 -7.13 -19.29
N PHE D 72 12.37 -6.39 -18.30
CA PHE D 72 13.57 -6.85 -17.58
C PHE D 72 13.34 -8.23 -16.98
N ALA D 73 12.17 -8.41 -16.37
CA ALA D 73 11.83 -9.68 -15.75
C ALA D 73 11.76 -10.81 -16.78
N ASP D 74 11.22 -10.50 -17.95
CA ASP D 74 11.11 -11.48 -19.02
C ASP D 74 12.47 -11.79 -19.64
N ASP D 75 13.36 -10.81 -19.64
CA ASP D 75 14.74 -11.04 -20.07
C ASP D 75 15.39 -12.08 -19.17
N ILE D 76 15.21 -11.92 -17.86
CA ILE D 76 15.75 -12.88 -16.89
C ILE D 76 15.15 -14.27 -17.09
N ALA D 77 13.85 -14.33 -17.32
CA ALA D 77 13.18 -15.59 -17.58
C ALA D 77 13.81 -16.29 -18.78
N GLN D 78 14.07 -15.54 -19.84
CA GLN D 78 14.68 -16.10 -21.05
C GLN D 78 16.08 -16.63 -20.79
N LEU D 79 16.86 -15.92 -19.98
CA LEU D 79 18.20 -16.38 -19.62
C LEU D 79 18.12 -17.68 -18.83
N ILE D 80 17.21 -17.72 -17.86
CA ILE D 80 17.01 -18.91 -17.04
C ILE D 80 16.59 -20.12 -17.88
N GLU D 81 15.68 -19.88 -18.83
CA GLU D 81 15.23 -20.94 -19.74
C GLU D 81 16.33 -21.33 -20.73
N HIS D 82 17.08 -20.33 -21.18
CA HIS D 82 18.18 -20.55 -22.11
C HIS D 82 19.21 -21.52 -21.52
N LEU D 83 19.49 -21.36 -20.23
CA LEU D 83 20.47 -22.21 -19.56
C LEU D 83 19.82 -23.38 -18.81
N ASP D 84 18.50 -23.42 -18.83
CA ASP D 84 17.73 -24.45 -18.11
C ASP D 84 18.15 -24.52 -16.64
N LEU D 85 18.17 -23.37 -15.99
CA LEU D 85 18.59 -23.31 -14.58
C LEU D 85 17.51 -23.84 -13.65
N LYS D 86 17.95 -24.58 -12.63
CA LYS D 86 17.05 -25.09 -11.61
C LYS D 86 17.65 -24.84 -10.23
N GLU D 87 16.78 -24.66 -9.24
N GLU D 87 16.79 -24.64 -9.23
CA GLU D 87 17.20 -24.33 -7.88
CA GLU D 87 17.25 -24.35 -7.87
C GLU D 87 18.16 -23.15 -7.89
C GLU D 87 18.13 -23.11 -7.82
N VAL D 88 17.78 -22.10 -8.62
CA VAL D 88 18.61 -20.91 -8.73
CA VAL D 88 18.59 -20.89 -8.75
C VAL D 88 18.36 -19.93 -7.57
N THR D 89 19.45 -19.37 -7.06
CA THR D 89 19.35 -18.33 -6.04
C THR D 89 19.50 -16.99 -6.75
N LEU D 90 18.45 -16.17 -6.69
CA LEU D 90 18.47 -14.86 -7.35
C LEU D 90 19.04 -13.81 -6.41
N VAL D 91 19.96 -13.00 -6.92
CA VAL D 91 20.60 -11.95 -6.13
C VAL D 91 20.51 -10.63 -6.89
N GLY D 92 19.86 -9.64 -6.30
CA GLY D 92 19.68 -8.36 -6.96
C GLY D 92 20.19 -7.19 -6.14
N PHE D 93 20.87 -6.26 -6.80
CA PHE D 93 21.33 -5.04 -6.13
C PHE D 93 20.59 -3.81 -6.66
N SER D 94 20.18 -2.93 -5.75
CA SER D 94 19.55 -1.65 -6.10
C SER D 94 18.33 -1.87 -7.02
N MET D 95 18.34 -1.27 -8.20
CA MET D 95 17.22 -1.46 -9.13
C MET D 95 17.10 -2.92 -9.61
N GLY D 96 18.18 -3.68 -9.45
CA GLY D 96 18.20 -5.09 -9.84
C GLY D 96 17.41 -5.96 -8.90
N GLY D 97 17.11 -5.45 -7.71
CA GLY D 97 16.23 -6.16 -6.78
C GLY D 97 14.83 -6.22 -7.36
N GLY D 98 14.49 -5.19 -8.12
CA GLY D 98 13.18 -5.08 -8.75
C GLY D 98 12.92 -6.11 -9.83
N ASP D 99 13.88 -6.36 -10.71
CA ASP D 99 13.60 -7.30 -11.81
C ASP D 99 13.68 -8.77 -11.41
N VAL D 100 14.45 -9.11 -10.38
CA VAL D 100 14.40 -10.49 -9.87
C VAL D 100 13.08 -10.73 -9.13
N ALA D 101 12.59 -9.71 -8.45
CA ALA D 101 11.30 -9.80 -7.77
C ALA D 101 10.18 -9.94 -8.80
N ARG D 102 10.21 -9.08 -9.81
CA ARG D 102 9.20 -9.07 -10.87
C ARG D 102 9.26 -10.36 -11.70
N TYR D 103 10.43 -10.98 -11.78
CA TYR D 103 10.54 -12.28 -12.44
C TYR D 103 9.72 -13.33 -11.68
N ILE D 104 9.90 -13.40 -10.37
CA ILE D 104 9.14 -14.34 -9.55
C ILE D 104 7.64 -14.04 -9.63
N ALA D 105 7.30 -12.76 -9.59
CA ALA D 105 5.90 -12.36 -9.67
C ALA D 105 5.25 -12.78 -10.99
N ARG D 106 5.99 -12.65 -12.09
CA ARG D 106 5.46 -12.92 -13.42
C ARG D 106 5.56 -14.38 -13.85
N HIS D 107 6.57 -15.09 -13.34
CA HIS D 107 6.86 -16.44 -13.83
C HIS D 107 6.75 -17.53 -12.76
N GLY D 108 6.62 -17.12 -11.50
CA GLY D 108 6.57 -18.09 -10.40
C GLY D 108 7.96 -18.49 -9.95
N SER D 109 8.02 -19.36 -8.94
CA SER D 109 9.28 -19.70 -8.31
C SER D 109 9.69 -21.17 -8.49
N ALA D 110 9.14 -21.83 -9.50
CA ALA D 110 9.42 -23.25 -9.72
C ALA D 110 10.91 -23.53 -9.90
N ARG D 111 11.63 -22.59 -10.51
CA ARG D 111 13.06 -22.77 -10.75
C ARG D 111 13.92 -22.09 -9.69
N VAL D 112 13.28 -21.50 -8.69
CA VAL D 112 13.99 -20.66 -7.73
C VAL D 112 14.13 -21.30 -6.35
N ALA D 113 15.35 -21.28 -5.82
CA ALA D 113 15.65 -21.85 -4.52
C ALA D 113 15.66 -20.79 -3.42
N GLY D 114 15.98 -19.55 -3.79
CA GLY D 114 16.08 -18.47 -2.81
C GLY D 114 16.24 -17.11 -3.44
N LEU D 115 16.09 -16.06 -2.65
CA LEU D 115 16.17 -14.70 -3.13
C LEU D 115 17.01 -13.84 -2.18
N VAL D 116 17.89 -13.00 -2.75
CA VAL D 116 18.66 -12.07 -1.96
C VAL D 116 18.47 -10.65 -2.53
N LEU D 117 18.09 -9.72 -1.66
CA LEU D 117 17.85 -8.34 -2.06
C LEU D 117 18.85 -7.42 -1.38
N LEU D 118 19.78 -6.87 -2.17
CA LEU D 118 20.86 -6.04 -1.65
C LEU D 118 20.65 -4.55 -1.96
N GLY D 119 20.51 -3.74 -0.92
CA GLY D 119 20.27 -2.30 -1.08
C GLY D 119 19.21 -2.03 -2.13
N ALA D 120 18.17 -2.86 -2.15
CA ALA D 120 17.21 -2.87 -3.25
C ALA D 120 16.08 -1.84 -3.11
N VAL D 121 15.50 -1.49 -4.26
CA VAL D 121 14.44 -0.49 -4.33
C VAL D 121 13.10 -1.05 -3.86
N THR D 122 13.05 -2.37 -3.69
CA THR D 122 11.84 -3.03 -3.19
C THR D 122 11.52 -2.58 -1.77
N PRO D 123 10.23 -2.53 -1.41
CA PRO D 123 9.08 -2.89 -2.23
C PRO D 123 8.60 -1.73 -3.11
N LEU D 124 9.09 -0.52 -2.81
N LEU D 124 9.04 -0.51 -2.80
CA LEU D 124 8.69 0.70 -3.51
CA LEU D 124 8.80 0.64 -3.66
C LEU D 124 9.71 1.80 -3.22
C LEU D 124 9.73 1.76 -3.26
N PHE D 125 10.06 2.60 -4.23
CA PHE D 125 11.10 3.61 -4.08
C PHE D 125 10.53 5.02 -3.96
N GLY D 126 9.84 5.48 -5.00
CA GLY D 126 9.28 6.83 -5.02
C GLY D 126 7.95 6.96 -4.30
N GLN D 127 7.52 8.19 -4.08
CA GLN D 127 6.26 8.49 -3.40
C GLN D 127 5.04 7.96 -4.16
N LYS D 128 4.04 7.49 -3.39
CA LYS D 128 2.71 7.22 -3.90
C LYS D 128 1.74 7.90 -2.93
N PRO D 129 0.46 8.02 -3.31
CA PRO D 129 -0.52 8.65 -2.43
C PRO D 129 -0.56 7.98 -1.05
N ASP D 130 -0.42 6.67 -1.01
CA ASP D 130 -0.42 5.93 0.26
C ASP D 130 1.00 5.65 0.76
N TYR D 131 1.99 6.27 0.12
CA TYR D 131 3.39 6.09 0.52
C TYR D 131 4.13 7.42 0.44
N PRO D 132 3.68 8.41 1.22
CA PRO D 132 4.30 9.74 1.24
C PRO D 132 5.72 9.68 1.79
N GLN D 133 6.08 8.58 2.46
CA GLN D 133 7.43 8.43 3.01
C GLN D 133 8.47 8.10 1.94
N GLY D 134 7.99 7.77 0.74
CA GLY D 134 8.90 7.48 -0.38
C GLY D 134 9.64 8.74 -0.82
N VAL D 135 10.54 8.57 -1.79
CA VAL D 135 11.29 9.70 -2.34
C VAL D 135 10.41 10.51 -3.28
N PRO D 136 10.31 11.83 -3.05
CA PRO D 136 9.50 12.66 -3.93
C PRO D 136 9.93 12.50 -5.38
N LEU D 137 8.96 12.46 -6.29
CA LEU D 137 9.27 12.20 -7.69
C LEU D 137 10.08 13.32 -8.35
N ASP D 138 10.01 14.53 -7.82
CA ASP D 138 10.79 15.63 -8.41
C ASP D 138 12.29 15.45 -8.20
N VAL D 139 12.67 14.60 -7.25
CA VAL D 139 14.07 14.23 -7.08
C VAL D 139 14.54 13.46 -8.30
N PHE D 140 13.69 12.54 -8.77
CA PHE D 140 14.01 11.74 -9.94
C PHE D 140 13.85 12.53 -11.23
N ALA D 141 12.92 13.48 -11.23
CA ALA D 141 12.74 14.37 -12.37
C ALA D 141 14.02 15.17 -12.59
N ARG D 142 14.65 15.58 -11.48
CA ARG D 142 15.92 16.31 -11.54
C ARG D 142 17.04 15.42 -12.05
N PHE D 143 17.06 14.15 -11.61
CA PHE D 143 18.00 13.18 -12.14
C PHE D 143 17.96 13.20 -13.66
N LYS D 144 16.76 13.07 -14.21
CA LYS D 144 16.58 13.00 -15.66
C LYS D 144 17.03 14.28 -16.35
N THR D 145 16.68 15.43 -15.77
CA THR D 145 17.08 16.71 -16.33
C THR D 145 18.62 16.80 -16.44
N GLU D 146 19.30 16.42 -15.38
CA GLU D 146 20.77 16.47 -15.36
C GLU D 146 21.38 15.43 -16.31
N LEU D 147 20.78 14.25 -16.36
CA LEU D 147 21.27 13.20 -17.27
C LEU D 147 21.15 13.62 -18.74
N LEU D 148 20.09 14.35 -19.07
CA LEU D 148 19.83 14.76 -20.44
C LEU D 148 20.66 15.98 -20.83
N LYS D 149 21.42 16.51 -19.88
CA LYS D 149 22.40 17.56 -20.17
C LYS D 149 23.81 16.97 -20.27
N ASP D 150 24.20 16.21 -19.25
CA ASP D 150 25.56 15.70 -19.15
C ASP D 150 25.58 14.45 -18.28
N ARG D 151 25.29 13.30 -18.87
CA ARG D 151 25.26 12.07 -18.08
C ARG D 151 26.65 11.67 -17.57
N ALA D 152 27.69 12.00 -18.33
CA ALA D 152 29.04 11.63 -17.92
C ALA D 152 29.41 12.27 -16.59
N GLN D 153 29.17 13.58 -16.46
CA GLN D 153 29.49 14.26 -15.22
C GLN D 153 28.54 13.86 -14.09
N PHE D 154 27.28 13.58 -14.44
CA PHE D 154 26.33 13.08 -13.44
C PHE D 154 26.87 11.81 -12.80
N ILE D 155 27.29 10.87 -13.63
CA ILE D 155 27.83 9.60 -13.13
C ILE D 155 29.03 9.86 -12.23
N SER D 156 29.93 10.72 -12.69
CA SER D 156 31.14 11.04 -11.92
C SER D 156 30.80 11.65 -10.56
N ASP D 157 29.84 12.56 -10.53
CA ASP D 157 29.42 13.18 -9.27
C ASP D 157 28.71 12.18 -8.36
N PHE D 158 28.05 11.20 -8.99
CA PHE D 158 27.27 10.18 -8.27
C PHE D 158 28.15 9.28 -7.40
N ASN D 159 29.41 9.09 -7.82
CA ASN D 159 30.34 8.23 -7.08
C ASN D 159 30.39 8.53 -5.58
N ALA D 160 30.42 9.81 -5.22
CA ALA D 160 30.60 10.23 -3.83
C ALA D 160 29.49 9.70 -2.89
N PRO D 161 28.24 10.12 -3.12
CA PRO D 161 27.15 9.63 -2.28
C PRO D 161 26.89 8.13 -2.46
N PHE D 162 27.19 7.62 -3.66
CA PHE D 162 27.01 6.18 -3.93
C PHE D 162 27.87 5.35 -2.99
N TYR D 163 29.14 5.69 -2.88
CA TYR D 163 30.08 4.93 -2.05
C TYR D 163 30.22 5.47 -0.63
N GLY D 164 29.59 6.60 -0.35
CA GLY D 164 29.68 7.24 0.96
C GLY D 164 31.01 7.93 1.19
N ILE D 165 31.66 8.35 0.10
CA ILE D 165 32.94 9.05 0.19
CA ILE D 165 32.94 9.04 0.20
C ILE D 165 32.78 10.34 0.99
N ASN D 166 31.61 10.97 0.85
CA ASN D 166 31.32 12.20 1.57
C ASN D 166 30.98 11.94 3.04
N LYS D 167 30.97 10.67 3.43
CA LYS D 167 30.71 10.30 4.82
C LYS D 167 31.85 9.46 5.41
N GLY D 168 33.05 9.59 4.83
CA GLY D 168 34.23 8.96 5.41
C GLY D 168 34.56 7.54 4.95
N GLN D 169 33.80 7.01 3.99
CA GLN D 169 34.16 5.72 3.39
C GLN D 169 35.39 5.92 2.51
N VAL D 170 36.23 4.89 2.42
CA VAL D 170 37.45 4.98 1.62
C VAL D 170 37.34 4.08 0.39
N VAL D 171 37.36 4.69 -0.79
CA VAL D 171 37.32 3.94 -2.04
C VAL D 171 38.38 4.49 -3.00
N SER D 172 39.13 3.60 -3.63
CA SER D 172 40.27 4.00 -4.46
C SER D 172 39.85 4.75 -5.73
N GLN D 173 40.79 5.52 -6.28
CA GLN D 173 40.57 6.16 -7.56
C GLN D 173 40.26 5.10 -8.61
N GLY D 174 40.93 3.96 -8.49
CA GLY D 174 40.75 2.85 -9.41
C GLY D 174 39.29 2.41 -9.51
N VAL D 175 38.66 2.19 -8.36
CA VAL D 175 37.26 1.79 -8.34
C VAL D 175 36.36 2.88 -8.93
N GLN D 176 36.66 4.14 -8.60
CA GLN D 176 35.88 5.25 -9.13
C GLN D 176 36.00 5.33 -10.65
N THR D 177 37.20 5.12 -11.16
CA THR D 177 37.46 5.13 -12.59
C THR D 177 36.73 3.97 -13.29
N GLN D 178 36.80 2.78 -12.71
CA GLN D 178 36.12 1.62 -13.27
C GLN D 178 34.61 1.83 -13.29
N THR D 179 34.07 2.40 -12.22
CA THR D 179 32.64 2.67 -12.14
C THR D 179 32.19 3.56 -13.30
N LEU D 180 32.92 4.65 -13.52
CA LEU D 180 32.61 5.57 -14.60
C LEU D 180 32.76 4.91 -15.98
N GLN D 181 33.84 4.16 -16.16
CA GLN D 181 34.09 3.49 -17.45
C GLN D 181 32.91 2.60 -17.85
N ILE D 182 32.47 1.77 -16.90
CA ILE D 182 31.35 0.87 -17.15
C ILE D 182 30.05 1.62 -17.44
N ALA D 183 29.79 2.65 -16.65
CA ALA D 183 28.56 3.42 -16.79
C ALA D 183 28.48 4.09 -18.16
N LEU D 184 29.63 4.50 -18.70
CA LEU D 184 29.66 5.20 -19.98
C LEU D 184 29.33 4.27 -21.15
N LEU D 185 29.49 2.96 -20.94
CA LEU D 185 29.12 1.98 -21.97
C LEU D 185 27.63 2.01 -22.25
N ALA D 186 26.85 2.35 -21.23
CA ALA D 186 25.40 2.28 -21.30
C ALA D 186 24.75 3.28 -22.26
N SER D 187 23.51 2.97 -22.64
CA SER D 187 22.70 3.85 -23.47
C SER D 187 22.15 5.03 -22.67
N LEU D 188 22.24 6.24 -23.24
CA LEU D 188 21.58 7.39 -22.64
C LEU D 188 20.09 7.13 -22.42
N LYS D 189 19.44 6.55 -23.42
CA LYS D 189 18.01 6.28 -23.35
C LYS D 189 17.66 5.29 -22.25
N ALA D 190 18.43 4.21 -22.15
CA ALA D 190 18.18 3.21 -21.12
C ALA D 190 18.42 3.79 -19.73
N THR D 191 19.45 4.61 -19.63
CA THR D 191 19.82 5.25 -18.37
C THR D 191 18.66 6.11 -17.84
N VAL D 192 18.05 6.88 -18.74
CA VAL D 192 16.93 7.73 -18.37
C VAL D 192 15.64 6.93 -18.13
N ASP D 193 15.34 5.99 -19.02
CA ASP D 193 14.16 5.14 -18.85
C ASP D 193 14.20 4.40 -17.51
N CYS D 194 15.38 3.96 -17.11
CA CYS D 194 15.51 3.22 -15.85
C CYS D 194 15.11 4.06 -14.63
N VAL D 195 15.38 5.37 -14.69
CA VAL D 195 14.94 6.27 -13.62
C VAL D 195 13.42 6.21 -13.47
N THR D 196 12.71 6.32 -14.59
N THR D 196 12.71 6.34 -14.59
CA THR D 196 11.25 6.25 -14.56
CA THR D 196 11.25 6.25 -14.57
C THR D 196 10.79 4.92 -13.98
C THR D 196 10.81 4.93 -13.96
N ALA D 197 11.47 3.84 -14.37
CA ALA D 197 11.14 2.50 -13.89
C ALA D 197 11.30 2.35 -12.38
N PHE D 198 12.48 2.65 -11.86
CA PHE D 198 12.71 2.44 -10.43
C PHE D 198 12.05 3.50 -9.55
N ALA D 199 11.76 4.66 -10.13
CA ALA D 199 11.10 5.72 -9.40
C ALA D 199 9.63 5.39 -9.12
N GLU D 200 8.95 4.79 -10.09
CA GLU D 200 7.49 4.70 -10.02
C GLU D 200 6.90 3.30 -9.97
N THR D 201 7.73 2.27 -10.13
CA THR D 201 7.23 0.90 -10.12
C THR D 201 6.96 0.42 -8.69
N ASP D 202 5.76 -0.12 -8.48
CA ASP D 202 5.33 -0.60 -7.18
C ASP D 202 5.50 -2.12 -7.11
N PHE D 203 6.39 -2.59 -6.23
CA PHE D 203 6.65 -4.02 -6.11
C PHE D 203 5.97 -4.63 -4.89
N ARG D 204 5.04 -3.91 -4.29
CA ARG D 204 4.36 -4.43 -3.10
C ARG D 204 3.54 -5.69 -3.41
N PRO D 205 2.83 -5.70 -4.56
CA PRO D 205 2.17 -6.94 -4.98
C PRO D 205 3.17 -8.08 -5.12
N ASP D 206 4.34 -7.78 -5.68
CA ASP D 206 5.39 -8.78 -5.87
C ASP D 206 5.79 -9.45 -4.57
N MET D 207 5.94 -8.66 -3.52
CA MET D 207 6.38 -9.16 -2.22
C MET D 207 5.49 -10.31 -1.75
N ALA D 208 4.19 -10.18 -2.01
CA ALA D 208 3.22 -11.18 -1.56
C ALA D 208 3.35 -12.50 -2.32
N LYS D 209 4.02 -12.46 -3.46
CA LYS D 209 4.17 -13.65 -4.30
C LYS D 209 5.51 -14.35 -4.10
N ILE D 210 6.36 -13.80 -3.24
CA ILE D 210 7.65 -14.41 -2.96
C ILE D 210 7.52 -15.48 -1.89
N ASP D 211 7.64 -16.73 -2.32
CA ASP D 211 7.42 -17.88 -1.44
C ASP D 211 8.67 -18.76 -1.32
N VAL D 212 9.83 -18.11 -1.31
CA VAL D 212 11.10 -18.81 -1.14
C VAL D 212 11.90 -18.14 -0.03
N PRO D 213 12.87 -18.86 0.55
CA PRO D 213 13.73 -18.24 1.55
C PRO D 213 14.35 -16.96 0.99
N THR D 214 14.29 -15.89 1.79
CA THR D 214 14.76 -14.58 1.33
C THR D 214 15.68 -13.91 2.35
N LEU D 215 16.75 -13.32 1.86
CA LEU D 215 17.66 -12.56 2.70
C LEU D 215 17.72 -11.12 2.20
N VAL D 216 17.45 -10.17 3.08
CA VAL D 216 17.52 -8.76 2.74
C VAL D 216 18.72 -8.13 3.44
N ILE D 217 19.59 -7.50 2.66
CA ILE D 217 20.74 -6.82 3.23
C ILE D 217 20.74 -5.36 2.79
N HIS D 218 21.01 -4.46 3.73
CA HIS D 218 20.95 -3.04 3.43
C HIS D 218 21.88 -2.27 4.37
N GLY D 219 22.50 -1.21 3.86
CA GLY D 219 23.27 -0.33 4.71
C GLY D 219 22.36 0.75 5.27
N ASP D 220 22.45 1.03 6.56
CA ASP D 220 21.61 2.07 7.14
C ASP D 220 22.24 3.45 6.99
N GLY D 221 23.35 3.51 6.26
CA GLY D 221 23.96 4.78 5.85
C GLY D 221 23.72 5.05 4.38
N ASP D 222 22.81 4.28 3.78
CA ASP D 222 22.52 4.38 2.35
C ASP D 222 21.92 5.75 1.99
N GLN D 223 22.66 6.54 1.23
CA GLN D 223 22.20 7.87 0.83
C GLN D 223 21.37 7.86 -0.45
N ILE D 224 21.31 6.71 -1.11
CA ILE D 224 20.66 6.61 -2.41
C ILE D 224 19.30 5.94 -2.31
N VAL D 225 19.27 4.76 -1.70
CA VAL D 225 18.04 4.02 -1.50
C VAL D 225 17.80 3.89 0.00
N PRO D 226 16.89 4.70 0.55
CA PRO D 226 16.66 4.82 1.99
C PRO D 226 16.26 3.49 2.62
N PHE D 227 17.08 3.01 3.55
CA PHE D 227 16.82 1.74 4.22
C PHE D 227 15.42 1.68 4.83
N GLU D 228 15.02 2.74 5.52
CA GLU D 228 13.80 2.76 6.30
C GLU D 228 12.53 2.50 5.48
N THR D 229 12.53 2.91 4.21
CA THR D 229 11.33 2.80 3.40
C THR D 229 11.47 1.75 2.29
N THR D 230 12.61 1.05 2.26
CA THR D 230 12.81 0.00 1.27
C THR D 230 13.13 -1.34 1.94
N GLY D 231 14.41 -1.62 2.14
CA GLY D 231 14.85 -2.88 2.74
C GLY D 231 14.13 -3.25 4.03
N LYS D 232 13.98 -2.27 4.91
CA LYS D 232 13.30 -2.49 6.19
C LYS D 232 11.88 -3.01 5.98
N VAL D 233 11.19 -2.45 4.99
CA VAL D 233 9.81 -2.82 4.70
C VAL D 233 9.73 -4.14 3.93
N ALA D 234 10.63 -4.32 2.98
CA ALA D 234 10.65 -5.55 2.19
C ALA D 234 10.79 -6.78 3.09
N ALA D 235 11.65 -6.66 4.10
CA ALA D 235 11.90 -7.77 5.01
C ALA D 235 10.64 -8.14 5.80
N GLU D 236 9.76 -7.15 6.00
CA GLU D 236 8.51 -7.40 6.73
C GLU D 236 7.41 -7.96 5.82
N LEU D 237 7.40 -7.51 4.57
CA LEU D 237 6.36 -7.92 3.62
C LEU D 237 6.60 -9.33 3.06
N ILE D 238 7.84 -9.77 3.04
CA ILE D 238 8.15 -11.11 2.54
C ILE D 238 8.12 -12.11 3.68
N LYS D 239 7.23 -13.09 3.58
CA LYS D 239 7.06 -14.08 4.64
C LYS D 239 8.35 -14.85 4.90
N GLY D 240 8.80 -14.83 6.14
CA GLY D 240 9.96 -15.61 6.56
C GLY D 240 11.30 -15.00 6.19
N ALA D 241 11.29 -13.78 5.64
CA ALA D 241 12.52 -13.12 5.21
C ALA D 241 13.45 -12.80 6.38
N GLU D 242 14.74 -12.90 6.13
CA GLU D 242 15.76 -12.52 7.10
C GLU D 242 16.31 -11.15 6.73
N LEU D 243 16.64 -10.34 7.74
CA LEU D 243 17.19 -9.00 7.51
C LEU D 243 18.54 -8.83 8.18
N LYS D 244 19.52 -8.36 7.41
CA LYS D 244 20.80 -7.98 7.96
C LYS D 244 21.11 -6.53 7.60
N VAL D 245 21.43 -5.74 8.61
CA VAL D 245 21.74 -4.33 8.40
C VAL D 245 23.22 -4.07 8.65
N TYR D 246 23.91 -3.61 7.61
CA TYR D 246 25.32 -3.25 7.73
C TYR D 246 25.41 -1.84 8.30
N LYS D 247 25.96 -1.72 9.51
CA LYS D 247 25.96 -0.44 10.21
C LYS D 247 26.75 0.65 9.48
N ASP D 248 26.07 1.75 9.16
CA ASP D 248 26.69 2.92 8.54
C ASP D 248 27.17 2.66 7.11
N ALA D 249 26.89 1.47 6.59
CA ALA D 249 27.32 1.13 5.23
C ALA D 249 26.59 1.99 4.20
N PRO D 250 27.27 2.29 3.08
CA PRO D 250 26.72 3.11 2.01
C PRO D 250 25.85 2.27 1.07
N HIS D 251 25.39 2.89 -0.01
CA HIS D 251 24.64 2.14 -1.01
C HIS D 251 25.54 1.13 -1.71
N GLY D 252 26.75 1.55 -2.05
CA GLY D 252 27.68 0.70 -2.79
C GLY D 252 28.47 -0.24 -1.91
N PHE D 253 27.79 -0.99 -1.07
CA PHE D 253 28.48 -1.81 -0.07
C PHE D 253 29.07 -3.11 -0.62
N ALA D 254 28.75 -3.46 -1.86
CA ALA D 254 29.40 -4.62 -2.48
C ALA D 254 30.89 -4.32 -2.65
N VAL D 255 31.23 -3.04 -2.69
CA VAL D 255 32.62 -2.60 -2.74
C VAL D 255 33.17 -2.40 -1.33
N THR D 256 32.50 -1.56 -0.54
CA THR D 256 33.00 -1.18 0.78
C THR D 256 32.94 -2.31 1.80
N HIS D 257 31.97 -3.21 1.66
CA HIS D 257 31.80 -4.32 2.59
C HIS D 257 31.85 -5.66 1.86
N ALA D 258 32.77 -5.77 0.91
CA ALA D 258 32.85 -6.94 0.03
C ALA D 258 32.98 -8.27 0.78
N GLN D 259 33.91 -8.34 1.73
CA GLN D 259 34.17 -9.60 2.42
C GLN D 259 32.96 -10.03 3.24
N GLN D 260 32.35 -9.07 3.92
CA GLN D 260 31.16 -9.33 4.73
C GLN D 260 30.02 -9.85 3.85
N LEU D 261 29.83 -9.22 2.70
CA LEU D 261 28.81 -9.65 1.75
C LEU D 261 29.10 -11.06 1.24
N ASN D 262 30.35 -11.30 0.85
CA ASN D 262 30.75 -12.62 0.38
C ASN D 262 30.39 -13.71 1.37
N GLU D 263 30.77 -13.51 2.62
CA GLU D 263 30.54 -14.48 3.67
C GLU D 263 29.05 -14.66 3.96
N ASP D 264 28.30 -13.57 3.93
CA ASP D 264 26.86 -13.63 4.14
C ASP D 264 26.15 -14.37 3.03
N LEU D 265 26.61 -14.18 1.79
CA LEU D 265 26.03 -14.90 0.66
C LEU D 265 26.29 -16.39 0.78
N LEU D 266 27.51 -16.76 1.15
CA LEU D 266 27.87 -18.17 1.29
C LEU D 266 27.03 -18.82 2.39
N ALA D 267 26.86 -18.11 3.50
CA ALA D 267 26.09 -18.62 4.62
C ALA D 267 24.63 -18.85 4.24
N PHE D 268 24.07 -17.94 3.46
CA PHE D 268 22.68 -18.08 3.01
C PHE D 268 22.53 -19.31 2.14
N LEU D 269 23.49 -19.52 1.24
CA LEU D 269 23.46 -20.67 0.33
C LEU D 269 23.58 -21.98 1.09
N LYS D 270 24.33 -21.98 2.19
CA LYS D 270 24.56 -23.19 2.97
C LYS D 270 23.58 -23.36 4.12
N ARG D 271 22.54 -22.52 4.15
CA ARG D 271 21.55 -22.56 5.23
C ARG D 271 20.94 -23.95 5.35
N SER E 1 37.75 -9.28 -35.94
CA SER E 1 37.46 -10.69 -36.34
C SER E 1 37.32 -11.55 -35.10
N THR E 2 36.69 -12.70 -35.26
CA THR E 2 36.56 -13.65 -34.15
C THR E 2 36.61 -15.08 -34.66
N PHE E 3 37.02 -15.98 -33.77
CA PHE E 3 36.79 -17.40 -33.95
C PHE E 3 36.43 -17.96 -32.58
N VAL E 4 35.90 -19.18 -32.54
CA VAL E 4 35.50 -19.79 -31.29
C VAL E 4 36.38 -20.99 -30.97
N ALA E 5 37.02 -20.96 -29.81
CA ALA E 5 37.92 -22.02 -29.39
C ALA E 5 37.15 -23.27 -28.99
N LYS E 6 37.87 -24.38 -28.84
CA LYS E 6 37.26 -25.68 -28.56
C LYS E 6 36.18 -25.65 -27.49
N ASP E 7 36.44 -24.96 -26.38
CA ASP E 7 35.52 -24.99 -25.24
C ASP E 7 34.37 -23.99 -25.36
N GLY E 8 34.28 -23.31 -26.50
CA GLY E 8 33.19 -22.37 -26.75
C GLY E 8 33.55 -20.92 -26.50
N THR E 9 34.81 -20.67 -26.16
CA THR E 9 35.29 -19.32 -25.89
C THR E 9 35.55 -18.56 -27.19
N GLN E 10 34.81 -17.47 -27.39
CA GLN E 10 35.03 -16.62 -28.56
C GLN E 10 36.26 -15.75 -28.35
N ILE E 11 37.17 -15.75 -29.33
CA ILE E 11 38.41 -15.00 -29.26
C ILE E 11 38.43 -13.88 -30.31
N TYR E 12 38.69 -12.66 -29.86
CA TYR E 12 38.81 -11.52 -30.77
C TYR E 12 40.23 -11.43 -31.33
N PHE E 13 40.33 -11.10 -32.61
CA PHE E 13 41.64 -10.86 -33.21
C PHE E 13 41.58 -9.84 -34.34
N LYS E 14 42.75 -9.28 -34.66
CA LYS E 14 42.90 -8.38 -35.80
C LYS E 14 43.83 -9.04 -36.80
N ASP E 15 43.48 -8.94 -38.08
CA ASP E 15 44.27 -9.51 -39.16
C ASP E 15 44.48 -8.40 -40.20
N TRP E 16 45.68 -7.82 -40.22
CA TRP E 16 45.96 -6.65 -41.06
C TRP E 16 46.99 -6.93 -42.14
N GLY E 17 46.75 -6.38 -43.33
CA GLY E 17 47.77 -6.37 -44.38
C GLY E 17 47.93 -7.68 -45.09
N SER E 18 49.02 -7.80 -45.85
CA SER E 18 49.27 -8.99 -46.64
C SER E 18 50.78 -9.25 -46.70
N GLY E 19 51.15 -10.47 -47.02
CA GLY E 19 52.55 -10.86 -47.04
C GLY E 19 52.80 -11.94 -46.00
N LYS E 20 54.07 -12.18 -45.69
CA LYS E 20 54.41 -13.14 -44.65
C LYS E 20 53.82 -12.69 -43.31
N PRO E 21 53.19 -13.63 -42.59
CA PRO E 21 52.46 -13.31 -41.37
C PRO E 21 53.33 -13.18 -40.11
N VAL E 22 52.99 -12.21 -39.27
CA VAL E 22 53.64 -12.02 -37.99
C VAL E 22 52.54 -12.03 -36.94
N LEU E 23 52.58 -13.00 -36.02
CA LEU E 23 51.50 -13.17 -35.03
C LEU E 23 51.96 -12.76 -33.64
N PHE E 24 51.20 -11.85 -33.03
CA PHE E 24 51.59 -11.23 -31.75
C PHE E 24 50.76 -11.77 -30.56
N SER E 25 51.46 -12.05 -29.46
CA SER E 25 50.82 -12.52 -28.23
C SER E 25 51.11 -11.56 -27.06
N HIS E 26 50.07 -10.89 -26.57
CA HIS E 26 50.25 -9.81 -25.60
C HIS E 26 50.56 -10.29 -24.18
N GLY E 27 50.96 -9.35 -23.33
CA GLY E 27 51.26 -9.67 -21.93
C GLY E 27 50.05 -9.62 -21.02
N TRP E 28 50.31 -9.72 -19.72
CA TRP E 28 49.26 -9.72 -18.70
C TRP E 28 48.55 -8.36 -18.64
N LEU E 29 47.23 -8.41 -18.48
CA LEU E 29 46.44 -7.20 -18.25
C LEU E 29 46.06 -6.47 -19.54
N LEU E 30 46.87 -6.64 -20.57
CA LEU E 30 46.68 -5.90 -21.82
C LEU E 30 45.76 -6.63 -22.79
N ASP E 31 45.80 -6.23 -24.06
CA ASP E 31 45.14 -6.99 -25.13
C ASP E 31 45.83 -6.69 -26.47
N ALA E 32 45.19 -7.05 -27.58
CA ALA E 32 45.82 -6.91 -28.89
C ALA E 32 46.25 -5.48 -29.20
N ASP E 33 45.60 -4.50 -28.55
CA ASP E 33 45.92 -3.10 -28.79
C ASP E 33 47.35 -2.71 -28.40
N MET E 34 47.98 -3.48 -27.52
CA MET E 34 49.35 -3.17 -27.12
C MET E 34 50.29 -3.25 -28.33
N TRP E 35 49.86 -3.93 -29.38
CA TRP E 35 50.71 -4.15 -30.54
C TRP E 35 50.41 -3.19 -31.70
N GLU E 36 49.47 -2.27 -31.49
CA GLU E 36 48.99 -1.44 -32.61
C GLU E 36 50.11 -0.77 -33.39
N TYR E 37 51.12 -0.26 -32.70
CA TYR E 37 52.20 0.45 -33.38
C TYR E 37 53.12 -0.48 -34.17
N GLN E 38 53.41 -1.66 -33.62
CA GLN E 38 54.22 -2.64 -34.35
C GLN E 38 53.47 -3.18 -35.57
N MET E 39 52.17 -3.40 -35.43
CA MET E 39 51.35 -3.90 -36.52
C MET E 39 51.29 -2.91 -37.68
N GLU E 40 51.04 -1.64 -37.38
CA GLU E 40 50.99 -0.63 -38.43
C GLU E 40 52.34 -0.48 -39.09
N TYR E 41 53.40 -0.50 -38.27
CA TYR E 41 54.76 -0.34 -38.78
C TYR E 41 55.11 -1.44 -39.78
N LEU E 42 54.84 -2.69 -39.41
CA LEU E 42 55.18 -3.82 -40.27
C LEU E 42 54.24 -4.01 -41.44
N SER E 43 52.94 -3.80 -41.21
CA SER E 43 51.97 -3.99 -42.30
C SER E 43 52.07 -2.89 -43.36
N SER E 44 52.63 -1.75 -43.00
CA SER E 44 52.88 -0.68 -43.96
CA SER E 44 52.86 -0.69 -43.98
C SER E 44 54.17 -0.95 -44.72
N ARG E 45 54.83 -2.05 -44.37
CA ARG E 45 56.12 -2.39 -44.97
C ARG E 45 56.16 -3.81 -45.50
N GLY E 46 55.00 -4.31 -45.93
CA GLY E 46 54.93 -5.56 -46.69
C GLY E 46 54.65 -6.84 -45.91
N TYR E 47 54.22 -6.71 -44.66
CA TYR E 47 53.92 -7.88 -43.85
C TYR E 47 52.46 -7.95 -43.43
N ARG E 48 51.98 -9.16 -43.18
CA ARG E 48 50.66 -9.37 -42.64
C ARG E 48 50.80 -9.53 -41.13
N THR E 49 50.05 -8.75 -40.36
CA THR E 49 50.16 -8.81 -38.91
C THR E 49 48.86 -9.26 -38.27
N ILE E 50 48.98 -10.14 -37.29
CA ILE E 50 47.82 -10.71 -36.60
C ILE E 50 48.04 -10.61 -35.10
N ALA E 51 47.00 -10.20 -34.38
CA ALA E 51 47.08 -10.09 -32.92
C ALA E 51 45.73 -10.41 -32.32
N PHE E 52 45.73 -11.24 -31.28
CA PHE E 52 44.49 -11.67 -30.63
C PHE E 52 44.40 -11.15 -29.20
N ASP E 53 43.19 -11.11 -28.67
CA ASP E 53 42.96 -10.87 -27.25
C ASP E 53 42.91 -12.23 -26.56
N ARG E 54 43.82 -12.48 -25.64
CA ARG E 54 43.84 -13.75 -24.92
C ARG E 54 42.49 -14.00 -24.25
N ARG E 55 42.09 -15.27 -24.16
CA ARG E 55 40.85 -15.59 -23.45
C ARG E 55 40.85 -14.89 -22.10
N GLY E 56 39.73 -14.23 -21.78
CA GLY E 56 39.58 -13.52 -20.51
C GLY E 56 40.05 -12.08 -20.54
N PHE E 57 40.54 -11.63 -21.70
CA PHE E 57 41.09 -10.29 -21.82
C PHE E 57 40.50 -9.52 -22.99
N GLY E 58 40.56 -8.19 -22.89
CA GLY E 58 40.07 -7.32 -23.95
C GLY E 58 38.66 -7.65 -24.40
N ARG E 59 38.52 -7.92 -25.69
CA ARG E 59 37.23 -8.12 -26.33
C ARG E 59 36.83 -9.60 -26.44
N SER E 60 37.65 -10.48 -25.90
CA SER E 60 37.36 -11.93 -25.93
C SER E 60 36.41 -12.33 -24.81
N ASP E 61 35.80 -13.52 -24.93
CA ASP E 61 34.96 -14.07 -23.87
C ASP E 61 35.77 -14.33 -22.60
N GLN E 62 35.07 -14.52 -21.48
CA GLN E 62 35.70 -14.69 -20.17
C GLN E 62 35.36 -16.03 -19.53
N PRO E 63 36.06 -17.11 -19.95
CA PRO E 63 35.76 -18.43 -19.41
C PRO E 63 36.27 -18.60 -17.98
N TRP E 64 35.56 -19.39 -17.18
CA TRP E 64 35.99 -19.72 -15.83
C TRP E 64 37.15 -20.71 -15.87
N THR E 65 37.11 -21.62 -16.85
CA THR E 65 38.15 -22.65 -17.00
C THR E 65 39.08 -22.41 -18.18
N GLY E 66 40.21 -23.10 -18.19
CA GLY E 66 41.14 -23.05 -19.32
C GLY E 66 42.12 -21.89 -19.30
N ASN E 67 42.20 -21.19 -18.17
CA ASN E 67 43.17 -20.12 -18.04
C ASN E 67 44.54 -20.66 -17.65
N ASP E 68 45.12 -21.43 -18.57
CA ASP E 68 46.41 -22.06 -18.35
C ASP E 68 47.17 -22.13 -19.68
N TYR E 69 48.48 -22.34 -19.61
CA TYR E 69 49.33 -22.25 -20.80
C TYR E 69 49.06 -23.30 -21.87
N ASP E 70 48.67 -24.51 -21.47
CA ASP E 70 48.31 -25.53 -22.44
C ASP E 70 47.13 -25.08 -23.28
N THR E 71 46.11 -24.52 -22.62
CA THR E 71 44.95 -24.00 -23.33
C THR E 71 45.29 -22.75 -24.15
N PHE E 72 46.09 -21.85 -23.57
CA PHE E 72 46.53 -20.66 -24.30
C PHE E 72 47.23 -21.05 -25.60
N ALA E 73 48.08 -22.07 -25.51
CA ALA E 73 48.82 -22.55 -26.68
C ALA E 73 47.90 -23.14 -27.73
N ASP E 74 46.90 -23.90 -27.29
CA ASP E 74 45.95 -24.51 -28.22
C ASP E 74 45.04 -23.45 -28.85
N ASP E 75 44.77 -22.37 -28.11
CA ASP E 75 44.04 -21.24 -28.66
C ASP E 75 44.79 -20.66 -29.85
N ILE E 76 46.10 -20.46 -29.66
CA ILE E 76 46.96 -19.94 -30.71
C ILE E 76 46.97 -20.90 -31.90
N ALA E 77 47.03 -22.19 -31.61
CA ALA E 77 46.98 -23.21 -32.66
C ALA E 77 45.71 -23.07 -33.49
N GLN E 78 44.58 -22.88 -32.82
CA GLN E 78 43.30 -22.76 -33.52
C GLN E 78 43.22 -21.50 -34.38
N LEU E 79 43.81 -20.41 -33.90
CA LEU E 79 43.85 -19.18 -34.68
C LEU E 79 44.68 -19.38 -35.94
N ILE E 80 45.87 -19.96 -35.77
CA ILE E 80 46.76 -20.24 -36.89
C ILE E 80 46.09 -21.14 -37.93
N GLU E 81 45.38 -22.17 -37.46
CA GLU E 81 44.71 -23.10 -38.37
C GLU E 81 43.45 -22.50 -38.97
N HIS E 82 42.80 -21.62 -38.21
CA HIS E 82 41.63 -20.89 -38.70
C HIS E 82 42.01 -20.05 -39.92
N LEU E 83 43.19 -19.45 -39.89
CA LEU E 83 43.66 -18.59 -40.97
C LEU E 83 44.59 -19.34 -41.93
N ASP E 84 44.92 -20.57 -41.59
CA ASP E 84 45.83 -21.39 -42.38
C ASP E 84 47.17 -20.67 -42.62
N LEU E 85 47.73 -20.12 -41.54
CA LEU E 85 48.98 -19.37 -41.63
C LEU E 85 50.19 -20.28 -41.85
N LYS E 86 51.14 -19.79 -42.63
CA LYS E 86 52.39 -20.50 -42.86
C LYS E 86 53.56 -19.54 -42.82
N GLU E 87 54.74 -20.06 -42.47
CA GLU E 87 55.93 -19.23 -42.32
C GLU E 87 55.66 -18.08 -41.36
N VAL E 88 54.95 -18.36 -40.27
CA VAL E 88 54.59 -17.33 -39.32
CA VAL E 88 54.58 -17.35 -39.29
C VAL E 88 55.74 -17.03 -38.35
N THR E 89 55.93 -15.74 -38.08
CA THR E 89 56.89 -15.32 -37.09
C THR E 89 56.10 -14.99 -35.83
N LEU E 90 56.35 -15.76 -34.77
CA LEU E 90 55.64 -15.59 -33.51
C LEU E 90 56.34 -14.57 -32.63
N VAL E 91 55.58 -13.62 -32.10
CA VAL E 91 56.14 -12.58 -31.24
C VAL E 91 55.35 -12.51 -29.93
N GLY E 92 56.04 -12.72 -28.82
CA GLY E 92 55.38 -12.73 -27.50
C GLY E 92 56.00 -11.76 -26.52
N PHE E 93 55.16 -11.04 -25.79
CA PHE E 93 55.63 -10.13 -24.75
C PHE E 93 55.23 -10.63 -23.36
N SER E 94 56.18 -10.59 -22.41
CA SER E 94 55.90 -10.94 -21.02
C SER E 94 55.32 -12.36 -20.90
N MET E 95 54.14 -12.51 -20.32
CA MET E 95 53.53 -13.83 -20.20
C MET E 95 53.20 -14.42 -21.57
N GLY E 96 53.11 -13.56 -22.58
CA GLY E 96 52.80 -13.98 -23.95
C GLY E 96 53.96 -14.70 -24.63
N GLY E 97 55.15 -14.56 -24.08
CA GLY E 97 56.29 -15.33 -24.55
C GLY E 97 56.05 -16.80 -24.25
N GLY E 98 55.31 -17.04 -23.17
CA GLY E 98 54.98 -18.38 -22.73
C GLY E 98 54.07 -19.17 -23.64
N ASP E 99 52.97 -18.56 -24.11
CA ASP E 99 52.03 -19.32 -24.93
C ASP E 99 52.50 -19.58 -26.37
N VAL E 100 53.33 -18.69 -26.92
CA VAL E 100 53.92 -18.96 -28.24
C VAL E 100 54.96 -20.07 -28.14
N ALA E 101 55.74 -20.06 -27.06
CA ALA E 101 56.71 -21.14 -26.82
C ALA E 101 55.99 -22.47 -26.63
N ARG E 102 54.94 -22.46 -25.81
CA ARG E 102 54.16 -23.67 -25.55
C ARG E 102 53.41 -24.13 -26.79
N TYR E 103 53.07 -23.20 -27.68
CA TYR E 103 52.45 -23.58 -28.94
C TYR E 103 53.39 -24.47 -29.76
N ILE E 104 54.64 -24.05 -29.87
CA ILE E 104 55.65 -24.79 -30.61
C ILE E 104 55.90 -26.15 -29.94
N ALA E 105 56.01 -26.12 -28.62
CA ALA E 105 56.25 -27.35 -27.86
C ALA E 105 55.13 -28.37 -28.09
N ARG E 106 53.90 -27.89 -28.17
CA ARG E 106 52.73 -28.78 -28.29
C ARG E 106 52.34 -29.13 -29.72
N HIS E 107 52.62 -28.25 -30.67
CA HIS E 107 52.13 -28.43 -32.04
C HIS E 107 53.23 -28.53 -33.10
N GLY E 108 54.47 -28.30 -32.70
CA GLY E 108 55.58 -28.34 -33.64
C GLY E 108 55.78 -27.02 -34.35
N SER E 109 56.82 -26.92 -35.17
CA SER E 109 57.17 -25.67 -35.83
C SER E 109 56.98 -25.69 -37.34
N ALA E 110 56.16 -26.61 -37.84
CA ALA E 110 55.94 -26.74 -39.28
C ALA E 110 55.45 -25.44 -39.91
N ARG E 111 54.60 -24.71 -39.19
CA ARG E 111 54.02 -23.47 -39.71
C ARG E 111 54.82 -22.25 -39.28
N VAL E 112 55.93 -22.48 -38.58
CA VAL E 112 56.66 -21.39 -37.94
C VAL E 112 57.99 -21.07 -38.63
N ALA E 113 58.21 -19.79 -38.90
CA ALA E 113 59.43 -19.33 -39.55
C ALA E 113 60.43 -18.73 -38.55
N GLY E 114 59.93 -18.25 -37.42
CA GLY E 114 60.78 -17.60 -36.43
C GLY E 114 60.06 -17.27 -35.15
N LEU E 115 60.82 -16.93 -34.12
CA LEU E 115 60.27 -16.64 -32.80
C LEU E 115 60.95 -15.41 -32.19
N VAL E 116 60.14 -14.53 -31.60
CA VAL E 116 60.66 -13.36 -30.92
C VAL E 116 60.09 -13.31 -29.50
N LEU E 117 60.98 -13.23 -28.51
CA LEU E 117 60.58 -13.21 -27.10
C LEU E 117 60.96 -11.89 -26.46
N LEU E 118 59.94 -11.08 -26.14
CA LEU E 118 60.14 -9.73 -25.61
C LEU E 118 59.82 -9.64 -24.13
N GLY E 119 60.83 -9.32 -23.31
CA GLY E 119 60.67 -9.25 -21.87
C GLY E 119 59.88 -10.43 -21.34
N ALA E 120 60.16 -11.61 -21.88
CA ALA E 120 59.32 -12.78 -21.65
C ALA E 120 59.63 -13.52 -20.35
N VAL E 121 58.64 -14.26 -19.86
CA VAL E 121 58.77 -15.04 -18.62
C VAL E 121 59.57 -16.33 -18.83
N THR E 122 59.82 -16.66 -20.09
CA THR E 122 60.62 -17.84 -20.43
C THR E 122 62.06 -17.69 -19.93
N PRO E 123 62.70 -18.80 -19.54
CA PRO E 123 62.19 -20.16 -19.58
C PRO E 123 61.38 -20.53 -18.33
N LEU E 124 61.48 -19.70 -17.29
N LEU E 124 61.51 -19.73 -17.28
CA LEU E 124 60.84 -19.94 -16.01
CA LEU E 124 60.66 -19.88 -16.11
C LEU E 124 60.82 -18.66 -15.19
C LEU E 124 60.78 -18.65 -15.23
N PHE E 125 59.70 -18.35 -14.53
CA PHE E 125 59.56 -17.11 -13.80
C PHE E 125 59.73 -17.30 -12.28
N GLY E 126 58.85 -18.09 -11.68
CA GLY E 126 58.89 -18.30 -10.23
C GLY E 126 59.91 -19.34 -9.78
N GLN E 127 60.15 -19.38 -8.47
CA GLN E 127 61.07 -20.36 -7.88
C GLN E 127 60.62 -21.80 -8.08
N LYS E 128 61.59 -22.69 -8.31
CA LYS E 128 61.38 -24.13 -8.28
C LYS E 128 62.49 -24.73 -7.42
N PRO E 129 62.36 -26.03 -7.07
CA PRO E 129 63.39 -26.66 -6.25
C PRO E 129 64.79 -26.50 -6.83
N ASP E 130 64.91 -26.64 -8.15
CA ASP E 130 66.19 -26.49 -8.83
C ASP E 130 66.36 -25.09 -9.42
N TYR E 131 65.49 -24.17 -9.02
CA TYR E 131 65.59 -22.80 -9.51
C TYR E 131 65.28 -21.80 -8.39
N PRO E 132 66.09 -21.81 -7.32
CA PRO E 132 65.91 -20.88 -6.20
C PRO E 132 66.15 -19.43 -6.61
N GLN E 133 66.78 -19.22 -7.76
CA GLN E 133 67.04 -17.86 -8.22
C GLN E 133 65.80 -17.20 -8.81
N GLY E 134 64.75 -17.99 -9.01
CA GLY E 134 63.48 -17.47 -9.53
C GLY E 134 62.80 -16.55 -8.52
N VAL E 135 61.67 -15.98 -8.92
CA VAL E 135 60.92 -15.10 -8.02
C VAL E 135 60.16 -15.92 -7.00
N PRO E 136 60.35 -15.62 -5.71
CA PRO E 136 59.65 -16.38 -4.67
C PRO E 136 58.14 -16.34 -4.90
N LEU E 137 57.47 -17.46 -4.65
CA LEU E 137 56.05 -17.56 -4.98
C LEU E 137 55.15 -16.68 -4.11
N ASP E 138 55.63 -16.28 -2.94
N ASP E 138 55.64 -16.28 -2.94
CA ASP E 138 54.82 -15.43 -2.07
CA ASP E 138 54.87 -15.42 -2.04
C ASP E 138 54.66 -14.02 -2.64
C ASP E 138 54.68 -14.02 -2.63
N VAL E 139 55.55 -13.65 -3.56
CA VAL E 139 55.43 -12.38 -4.27
C VAL E 139 54.15 -12.41 -5.10
N PHE E 140 53.93 -13.53 -5.78
CA PHE E 140 52.77 -13.73 -6.63
C PHE E 140 51.51 -13.97 -5.81
N ALA E 141 51.66 -14.64 -4.67
CA ALA E 141 50.56 -14.83 -3.74
C ALA E 141 50.03 -13.47 -3.31
N ARG E 142 50.94 -12.52 -3.11
CA ARG E 142 50.56 -11.17 -2.71
C ARG E 142 49.88 -10.41 -3.85
N PHE E 143 50.33 -10.62 -5.08
CA PHE E 143 49.62 -10.09 -6.25
C PHE E 143 48.16 -10.52 -6.15
N LYS E 144 47.94 -11.81 -6.00
CA LYS E 144 46.58 -12.37 -5.96
C LYS E 144 45.74 -11.77 -4.84
N THR E 145 46.33 -11.66 -3.66
CA THR E 145 45.63 -11.11 -2.51
C THR E 145 45.13 -9.69 -2.79
N GLU E 146 46.00 -8.88 -3.38
CA GLU E 146 45.67 -7.49 -3.69
C GLU E 146 44.65 -7.40 -4.83
N LEU E 147 44.80 -8.25 -5.84
CA LEU E 147 43.86 -8.30 -6.96
C LEU E 147 42.45 -8.69 -6.51
N LEU E 148 42.36 -9.56 -5.52
CA LEU E 148 41.07 -10.03 -5.03
C LEU E 148 40.45 -9.04 -4.05
N LYS E 149 41.15 -7.94 -3.79
CA LYS E 149 40.60 -6.84 -2.99
C LYS E 149 40.21 -5.66 -3.88
N ASP E 150 41.10 -5.28 -4.78
CA ASP E 150 40.88 -4.11 -5.62
C ASP E 150 41.77 -4.17 -6.85
N ARG E 151 41.33 -4.91 -7.87
CA ARG E 151 42.16 -5.07 -9.06
C ARG E 151 42.33 -3.77 -9.83
N ALA E 152 41.34 -2.89 -9.77
CA ALA E 152 41.41 -1.62 -10.48
C ALA E 152 42.59 -0.78 -9.99
N GLN E 153 42.74 -0.67 -8.66
CA GLN E 153 43.83 0.12 -8.10
C GLN E 153 45.17 -0.61 -8.24
N PHE E 154 45.14 -1.94 -8.22
CA PHE E 154 46.34 -2.71 -8.47
C PHE E 154 46.91 -2.37 -9.84
N ILE E 155 46.04 -2.38 -10.85
CA ILE E 155 46.47 -2.05 -12.21
C ILE E 155 47.07 -0.65 -12.27
N SER E 156 46.37 0.30 -11.65
CA SER E 156 46.83 1.69 -11.63
CA SER E 156 46.83 1.69 -11.63
C SER E 156 48.22 1.79 -11.01
N ASP E 157 48.41 1.14 -9.88
CA ASP E 157 49.69 1.17 -9.16
C ASP E 157 50.80 0.45 -9.94
N PHE E 158 50.40 -0.52 -10.76
CA PHE E 158 51.32 -1.35 -11.53
C PHE E 158 52.00 -0.53 -12.63
N ASN E 159 51.33 0.52 -13.11
CA ASN E 159 51.87 1.36 -14.18
C ASN E 159 53.30 1.84 -13.92
N ALA E 160 53.58 2.29 -12.71
CA ALA E 160 54.88 2.90 -12.40
C ALA E 160 56.05 1.94 -12.62
N PRO E 161 56.06 0.79 -11.93
CA PRO E 161 57.16 -0.17 -12.11
C PRO E 161 57.13 -0.83 -13.49
N PHE E 162 55.94 -0.96 -14.08
CA PHE E 162 55.80 -1.57 -15.40
C PHE E 162 56.55 -0.76 -16.46
N TYR E 163 56.32 0.55 -16.48
CA TYR E 163 56.93 1.43 -17.46
C TYR E 163 58.23 2.06 -16.97
N GLY E 164 58.59 1.79 -15.71
CA GLY E 164 59.80 2.34 -15.12
C GLY E 164 59.69 3.82 -14.81
N ILE E 165 58.47 4.28 -14.55
N ILE E 165 58.47 4.29 -14.54
CA ILE E 165 58.23 5.68 -14.21
CA ILE E 165 58.24 5.69 -14.22
C ILE E 165 59.02 6.06 -12.98
C ILE E 165 58.99 6.08 -12.95
N ASN E 166 59.15 5.11 -12.05
CA ASN E 166 59.89 5.33 -10.82
C ASN E 166 61.40 5.32 -11.04
N LYS E 167 61.83 5.05 -12.28
CA LYS E 167 63.25 4.95 -12.58
C LYS E 167 63.68 5.67 -13.87
N GLY E 168 63.16 6.88 -14.08
CA GLY E 168 63.67 7.74 -15.14
C GLY E 168 62.98 7.68 -16.50
N GLN E 169 62.09 6.71 -16.68
CA GLN E 169 61.33 6.64 -17.92
C GLN E 169 60.18 7.65 -17.86
N VAL E 170 59.77 8.14 -19.02
CA VAL E 170 58.65 9.07 -19.09
C VAL E 170 57.55 8.53 -20.01
N VAL E 171 56.36 8.37 -19.44
CA VAL E 171 55.21 7.90 -20.19
CA VAL E 171 55.21 7.90 -20.19
C VAL E 171 54.01 8.81 -19.94
N SER E 172 53.32 9.17 -21.01
CA SER E 172 52.21 10.13 -20.90
C SER E 172 51.07 9.63 -20.03
N GLN E 173 50.23 10.55 -19.58
CA GLN E 173 49.02 10.17 -18.87
C GLN E 173 48.09 9.41 -19.79
N GLY E 174 48.14 9.75 -21.08
CA GLY E 174 47.33 9.07 -22.09
C GLY E 174 47.60 7.57 -22.12
N VAL E 175 48.88 7.22 -22.17
CA VAL E 175 49.28 5.81 -22.18
C VAL E 175 48.83 5.11 -20.89
N GLN E 176 48.98 5.78 -19.76
CA GLN E 176 48.60 5.18 -18.49
C GLN E 176 47.08 4.99 -18.43
N THR E 177 46.34 5.93 -19.00
CA THR E 177 44.90 5.86 -19.03
C THR E 177 44.43 4.73 -19.93
N GLN E 178 45.04 4.62 -21.11
CA GLN E 178 44.70 3.54 -22.04
C GLN E 178 45.03 2.18 -21.45
N THR E 179 46.16 2.09 -20.76
CA THR E 179 46.56 0.84 -20.13
C THR E 179 45.51 0.37 -19.13
N LEU E 180 45.04 1.28 -18.29
CA LEU E 180 44.00 0.95 -17.31
C LEU E 180 42.67 0.59 -17.98
N GLN E 181 42.27 1.37 -18.98
CA GLN E 181 41.02 1.11 -19.69
C GLN E 181 40.98 -0.30 -20.25
N ILE E 182 42.05 -0.68 -20.93
CA ILE E 182 42.14 -2.01 -21.53
C ILE E 182 42.14 -3.10 -20.46
N ALA E 183 42.92 -2.88 -19.41
CA ALA E 183 43.03 -3.87 -18.33
C ALA E 183 41.70 -4.14 -17.64
N LEU E 184 40.87 -3.10 -17.52
CA LEU E 184 39.59 -3.24 -16.85
C LEU E 184 38.57 -4.04 -17.67
N LEU E 185 38.81 -4.17 -18.97
CA LEU E 185 37.97 -4.99 -19.82
C LEU E 185 38.06 -6.46 -19.43
N ALA E 186 39.23 -6.85 -18.90
CA ALA E 186 39.51 -8.25 -18.61
C ALA E 186 38.69 -8.82 -17.45
N SER E 187 38.68 -10.15 -17.38
CA SER E 187 38.01 -10.88 -16.30
C SER E 187 38.86 -10.88 -15.04
N LEU E 188 38.22 -10.68 -13.88
CA LEU E 188 38.91 -10.81 -12.61
C LEU E 188 39.50 -12.21 -12.49
N LYS E 189 38.72 -13.21 -12.88
CA LYS E 189 39.15 -14.62 -12.79
C LYS E 189 40.37 -14.88 -13.66
N ALA E 190 40.33 -14.43 -14.91
CA ALA E 190 41.44 -14.64 -15.83
C ALA E 190 42.68 -13.92 -15.31
N THR E 191 42.48 -12.71 -14.80
CA THR E 191 43.59 -11.92 -14.29
C THR E 191 44.35 -12.65 -13.19
N VAL E 192 43.61 -13.20 -12.23
CA VAL E 192 44.22 -13.95 -11.12
C VAL E 192 44.78 -15.30 -11.58
N ASP E 193 44.03 -16.03 -12.39
CA ASP E 193 44.49 -17.32 -12.91
C ASP E 193 45.82 -17.19 -13.65
N CYS E 194 45.97 -16.11 -14.41
CA CYS E 194 47.22 -15.89 -15.16
C CYS E 194 48.42 -15.76 -14.24
N VAL E 195 48.23 -15.21 -13.05
CA VAL E 195 49.32 -15.13 -12.07
C VAL E 195 49.81 -16.54 -11.75
N THR E 196 48.87 -17.43 -11.42
CA THR E 196 49.22 -18.84 -11.19
C THR E 196 49.96 -19.41 -12.39
N ALA E 197 49.48 -19.10 -13.58
CA ALA E 197 50.06 -19.64 -14.81
C ALA E 197 51.50 -19.19 -15.01
N PHE E 198 51.74 -17.88 -15.05
CA PHE E 198 53.10 -17.40 -15.32
C PHE E 198 54.05 -17.55 -14.12
N ALA E 199 53.48 -17.69 -12.93
CA ALA E 199 54.31 -17.86 -11.73
C ALA E 199 54.92 -19.26 -11.66
N GLU E 200 54.18 -20.27 -12.10
CA GLU E 200 54.55 -21.65 -11.81
C GLU E 200 54.79 -22.56 -13.01
N THR E 201 54.53 -22.06 -14.21
CA THR E 201 54.72 -22.89 -15.41
C THR E 201 56.20 -22.91 -15.83
N ASP E 202 56.71 -24.10 -16.10
CA ASP E 202 58.11 -24.30 -16.46
C ASP E 202 58.24 -24.52 -17.97
N PHE E 203 58.92 -23.61 -18.65
CA PHE E 203 59.06 -23.69 -20.11
C PHE E 203 60.44 -24.18 -20.51
N ARG E 204 61.20 -24.70 -19.56
CA ARG E 204 62.54 -25.19 -19.89
C ARG E 204 62.51 -26.34 -20.90
N PRO E 205 61.57 -27.29 -20.73
CA PRO E 205 61.41 -28.31 -21.76
C PRO E 205 61.08 -27.70 -23.12
N ASP E 206 60.28 -26.64 -23.11
CA ASP E 206 59.88 -25.96 -24.34
C ASP E 206 61.09 -25.42 -25.10
N MET E 207 62.06 -24.88 -24.37
CA MET E 207 63.24 -24.27 -24.97
C MET E 207 63.95 -25.25 -25.91
N ALA E 208 63.96 -26.53 -25.52
CA ALA E 208 64.66 -27.55 -26.30
C ALA E 208 63.93 -27.92 -27.59
N LYS E 209 62.64 -27.58 -27.65
CA LYS E 209 61.81 -27.90 -28.81
C LYS E 209 61.83 -26.80 -29.87
N ILE E 210 62.42 -25.66 -29.53
CA ILE E 210 62.44 -24.52 -30.44
C ILE E 210 63.55 -24.64 -31.48
N ASP E 211 63.18 -25.03 -32.70
CA ASP E 211 64.14 -25.27 -33.76
C ASP E 211 64.02 -24.27 -34.91
N VAL E 212 63.76 -23.01 -34.58
CA VAL E 212 63.66 -21.96 -35.57
C VAL E 212 64.48 -20.75 -35.13
N PRO E 213 64.85 -19.88 -36.08
CA PRO E 213 65.56 -18.66 -35.71
C PRO E 213 64.80 -17.92 -34.61
N THR E 214 65.53 -17.47 -33.59
CA THR E 214 64.93 -16.85 -32.41
C THR E 214 65.66 -15.59 -31.99
N LEU E 215 64.90 -14.54 -31.69
CA LEU E 215 65.45 -13.31 -31.17
C LEU E 215 64.88 -13.03 -29.79
N VAL E 216 65.75 -12.83 -28.82
CA VAL E 216 65.35 -12.50 -27.46
C VAL E 216 65.71 -11.04 -27.16
N ILE E 217 64.69 -10.25 -26.79
CA ILE E 217 64.93 -8.88 -26.41
C ILE E 217 64.43 -8.64 -24.99
N HIS E 218 65.22 -7.92 -24.20
CA HIS E 218 64.88 -7.70 -22.80
C HIS E 218 65.54 -6.40 -22.33
N GLY E 219 64.85 -5.65 -21.48
CA GLY E 219 65.45 -4.47 -20.87
C GLY E 219 66.17 -4.88 -19.59
N ASP E 220 67.37 -4.35 -19.38
CA ASP E 220 68.10 -4.71 -18.17
C ASP E 220 67.75 -3.79 -16.99
N GLY E 221 66.68 -3.02 -17.16
CA GLY E 221 66.10 -2.25 -16.05
C GLY E 221 64.74 -2.80 -15.69
N ASP E 222 64.42 -3.99 -16.21
CA ASP E 222 63.12 -4.61 -16.00
C ASP E 222 62.84 -4.93 -14.53
N GLN E 223 61.85 -4.24 -13.96
CA GLN E 223 61.48 -4.43 -12.55
C GLN E 223 60.45 -5.52 -12.34
N ILE E 224 59.89 -6.03 -13.44
CA ILE E 224 58.80 -6.99 -13.36
C ILE E 224 59.27 -8.41 -13.63
N VAL E 225 59.91 -8.59 -14.77
CA VAL E 225 60.45 -9.88 -15.18
C VAL E 225 61.98 -9.78 -15.24
N PRO E 226 62.66 -10.37 -14.26
CA PRO E 226 64.12 -10.26 -14.09
C PRO E 226 64.90 -10.81 -15.27
N PHE E 227 65.60 -9.94 -15.99
CA PHE E 227 66.41 -10.31 -17.13
C PHE E 227 67.36 -11.48 -16.82
N GLU E 228 68.06 -11.37 -15.69
CA GLU E 228 69.10 -12.34 -15.33
C GLU E 228 68.62 -13.80 -15.27
N THR E 229 67.37 -14.00 -14.88
CA THR E 229 66.86 -15.37 -14.73
C THR E 229 65.80 -15.75 -15.76
N THR E 230 65.52 -14.84 -16.70
CA THR E 230 64.55 -15.13 -17.76
C THR E 230 65.20 -14.98 -19.14
N GLY E 231 65.15 -13.77 -19.69
CA GLY E 231 65.69 -13.50 -21.02
C GLY E 231 67.11 -13.99 -21.21
N LYS E 232 67.97 -13.68 -20.25
CA LYS E 232 69.38 -14.07 -20.32
C LYS E 232 69.53 -15.58 -20.50
N VAL E 233 68.70 -16.33 -19.78
CA VAL E 233 68.78 -17.80 -19.81
C VAL E 233 68.13 -18.38 -21.06
N ALA E 234 67.00 -17.81 -21.46
CA ALA E 234 66.29 -18.28 -22.66
C ALA E 234 67.18 -18.21 -23.90
N ALA E 235 67.95 -17.13 -24.02
CA ALA E 235 68.83 -16.95 -25.16
C ALA E 235 69.90 -18.03 -25.22
N GLU E 236 70.27 -18.56 -24.05
CA GLU E 236 71.28 -19.61 -23.96
C GLU E 236 70.67 -20.99 -24.23
N LEU E 237 69.46 -21.21 -23.75
CA LEU E 237 68.81 -22.51 -23.85
C LEU E 237 68.24 -22.78 -25.25
N ILE E 238 67.96 -21.72 -26.00
CA ILE E 238 67.47 -21.87 -27.36
C ILE E 238 68.63 -21.87 -28.34
N LYS E 239 68.80 -22.97 -29.05
CA LYS E 239 69.92 -23.13 -29.97
C LYS E 239 69.91 -22.06 -31.06
N GLY E 240 71.03 -21.34 -31.18
CA GLY E 240 71.19 -20.36 -32.23
C GLY E 240 70.46 -19.04 -31.99
N ALA E 241 69.89 -18.89 -30.81
CA ALA E 241 69.14 -17.68 -30.47
C ALA E 241 70.02 -16.43 -30.36
N GLU E 242 69.50 -15.30 -30.81
CA GLU E 242 70.18 -14.02 -30.69
C GLU E 242 69.61 -13.24 -29.51
N LEU E 243 70.47 -12.51 -28.81
CA LEU E 243 70.04 -11.71 -27.66
C LEU E 243 70.34 -10.22 -27.83
N LYS E 244 69.32 -9.39 -27.62
CA LYS E 244 69.50 -7.95 -27.60
C LYS E 244 69.03 -7.39 -26.24
N VAL E 245 69.90 -6.63 -25.59
CA VAL E 245 69.57 -6.02 -24.32
C VAL E 245 69.44 -4.50 -24.46
N TYR E 246 68.24 -3.98 -24.20
CA TYR E 246 68.01 -2.54 -24.21
C TYR E 246 68.49 -1.95 -22.89
N LYS E 247 69.52 -1.10 -22.95
CA LYS E 247 70.14 -0.59 -21.72
C LYS E 247 69.18 0.23 -20.84
N ASP E 248 69.01 -0.22 -19.60
CA ASP E 248 68.20 0.51 -18.62
C ASP E 248 66.71 0.51 -18.94
N ALA E 249 66.33 -0.14 -20.04
CA ALA E 249 64.93 -0.17 -20.46
C ALA E 249 64.07 -0.89 -19.42
N PRO E 250 62.80 -0.50 -19.31
CA PRO E 250 61.88 -1.09 -18.34
C PRO E 250 61.21 -2.33 -18.92
N HIS E 251 60.26 -2.88 -18.19
CA HIS E 251 59.49 -4.00 -18.69
C HIS E 251 58.66 -3.61 -19.90
N GLY E 252 57.96 -2.48 -19.79
CA GLY E 252 57.07 -2.04 -20.85
C GLY E 252 57.77 -1.30 -21.96
N PHE E 253 58.80 -1.92 -22.54
CA PHE E 253 59.65 -1.23 -23.50
C PHE E 253 59.07 -1.09 -24.91
N ALA E 254 57.96 -1.77 -25.18
CA ALA E 254 57.28 -1.57 -26.46
C ALA E 254 56.74 -0.15 -26.52
N VAL E 255 56.54 0.45 -25.35
CA VAL E 255 56.13 1.84 -25.25
C VAL E 255 57.35 2.76 -25.23
N THR E 256 58.27 2.54 -24.31
CA THR E 256 59.39 3.45 -24.10
C THR E 256 60.45 3.35 -25.20
N HIS E 257 60.54 2.19 -25.83
CA HIS E 257 61.55 1.95 -26.87
C HIS E 257 60.89 1.49 -28.17
N ALA E 258 59.74 2.08 -28.48
CA ALA E 258 58.93 1.67 -29.63
C ALA E 258 59.69 1.65 -30.95
N GLN E 259 60.38 2.75 -31.27
CA GLN E 259 61.06 2.85 -32.55
C GLN E 259 62.16 1.81 -32.68
N GLN E 260 62.95 1.66 -31.61
CA GLN E 260 64.02 0.67 -31.59
C GLN E 260 63.46 -0.74 -31.81
N LEU E 261 62.36 -1.04 -31.14
CA LEU E 261 61.72 -2.35 -31.29
C LEU E 261 61.20 -2.56 -32.70
N ASN E 262 60.56 -1.53 -33.26
CA ASN E 262 60.06 -1.61 -34.62
C ASN E 262 61.16 -1.99 -35.60
N GLU E 263 62.28 -1.28 -35.50
CA GLU E 263 63.41 -1.51 -36.39
C GLU E 263 64.02 -2.89 -36.19
N ASP E 264 64.11 -3.33 -34.94
CA ASP E 264 64.66 -4.64 -34.64
C ASP E 264 63.80 -5.78 -35.18
N LEU E 265 62.48 -5.61 -35.09
CA LEU E 265 61.57 -6.62 -35.64
C LEU E 265 61.73 -6.72 -37.17
N LEU E 266 61.78 -5.56 -37.82
CA LEU E 266 61.92 -5.52 -39.28
C LEU E 266 63.22 -6.19 -39.71
N ALA E 267 64.31 -5.87 -39.01
CA ALA E 267 65.62 -6.43 -39.31
C ALA E 267 65.62 -7.95 -39.17
N PHE E 268 64.93 -8.44 -38.14
CA PHE E 268 64.84 -9.87 -37.88
C PHE E 268 64.09 -10.57 -39.01
N LEU E 269 62.99 -9.98 -39.44
CA LEU E 269 62.18 -10.54 -40.52
C LEU E 269 62.97 -10.58 -41.82
N LYS E 270 63.82 -9.57 -42.03
CA LYS E 270 64.60 -9.47 -43.26
C LYS E 270 65.92 -10.22 -43.18
N ARG E 271 66.23 -10.79 -42.02
CA ARG E 271 67.49 -11.48 -41.81
C ARG E 271 67.85 -12.36 -43.01
N SER F 1 23.06 -3.07 -32.81
CA SER F 1 22.79 -3.88 -34.04
C SER F 1 24.04 -3.94 -34.91
N THR F 2 24.08 -4.89 -35.83
N THR F 2 24.04 -4.87 -35.84
CA THR F 2 25.22 -5.01 -36.74
CA THR F 2 25.17 -5.07 -36.75
C THR F 2 24.81 -5.39 -38.16
C THR F 2 24.70 -5.28 -38.19
N PHE F 3 25.51 -4.81 -39.13
CA PHE F 3 25.34 -5.18 -40.53
C PHE F 3 26.73 -5.44 -41.12
N VAL F 4 26.78 -6.18 -42.22
CA VAL F 4 28.05 -6.57 -42.80
C VAL F 4 28.27 -5.83 -44.12
N ALA F 5 29.41 -5.13 -44.21
CA ALA F 5 29.77 -4.41 -45.42
C ALA F 5 30.14 -5.38 -46.54
N LYS F 6 30.26 -4.87 -47.76
CA LYS F 6 30.61 -5.69 -48.92
C LYS F 6 31.86 -6.52 -48.68
N ASP F 7 32.86 -5.93 -48.04
CA ASP F 7 34.15 -6.62 -47.84
C ASP F 7 34.18 -7.51 -46.60
N GLY F 8 33.05 -7.64 -45.91
CA GLY F 8 32.96 -8.51 -44.75
C GLY F 8 33.08 -7.80 -43.41
N THR F 9 33.38 -6.49 -43.45
CA THR F 9 33.52 -5.71 -42.22
C THR F 9 32.21 -5.60 -41.46
N GLN F 10 32.22 -6.00 -40.19
CA GLN F 10 31.05 -5.88 -39.33
C GLN F 10 30.96 -4.46 -38.76
N ILE F 11 29.82 -3.82 -38.98
CA ILE F 11 29.61 -2.43 -38.57
CA ILE F 11 29.64 -2.44 -38.56
C ILE F 11 28.49 -2.30 -37.55
N TYR F 12 28.79 -1.68 -36.40
CA TYR F 12 27.81 -1.48 -35.35
C TYR F 12 26.91 -0.26 -35.62
N PHE F 13 25.64 -0.39 -35.29
CA PHE F 13 24.72 0.74 -35.37
C PHE F 13 23.60 0.67 -34.35
N LYS F 14 22.98 1.83 -34.10
CA LYS F 14 21.80 1.91 -33.25
C LYS F 14 20.64 2.40 -34.11
N ASP F 15 19.47 1.80 -33.89
CA ASP F 15 18.27 2.15 -34.64
C ASP F 15 17.16 2.36 -33.60
N TRP F 16 16.83 3.62 -33.35
CA TRP F 16 15.88 3.97 -32.29
C TRP F 16 14.58 4.59 -32.81
N GLY F 17 13.47 4.23 -32.18
CA GLY F 17 12.20 4.90 -32.43
C GLY F 17 11.53 4.55 -33.74
N SER F 18 10.52 5.34 -34.09
CA SER F 18 9.77 5.12 -35.31
C SER F 18 9.40 6.46 -35.94
N GLY F 19 9.09 6.44 -37.23
CA GLY F 19 8.77 7.66 -37.97
C GLY F 19 9.74 7.86 -39.10
N LYS F 20 9.78 9.06 -39.66
CA LYS F 20 10.74 9.39 -40.70
C LYS F 20 12.16 9.24 -40.15
N PRO F 21 13.04 8.59 -40.93
CA PRO F 21 14.39 8.26 -40.47
C PRO F 21 15.39 9.40 -40.56
N VAL F 22 16.22 9.53 -39.53
CA VAL F 22 17.32 10.48 -39.51
C VAL F 22 18.59 9.67 -39.26
N LEU F 23 19.54 9.75 -40.19
CA LEU F 23 20.75 8.94 -40.12
C LEU F 23 21.99 9.81 -39.86
N PHE F 24 22.68 9.52 -38.76
CA PHE F 24 23.81 10.33 -38.29
C PHE F 24 25.18 9.71 -38.59
N SER F 25 26.10 10.54 -39.07
CA SER F 25 27.47 10.13 -39.38
C SER F 25 28.46 10.94 -38.53
N HIS F 26 29.14 10.26 -37.60
CA HIS F 26 29.98 10.94 -36.61
C HIS F 26 31.31 11.45 -37.17
N GLY F 27 32.01 12.25 -36.36
CA GLY F 27 33.30 12.80 -36.75
C GLY F 27 34.47 11.89 -36.40
N TRP F 28 35.68 12.38 -36.65
CA TRP F 28 36.91 11.64 -36.42
C TRP F 28 37.06 11.30 -34.94
N LEU F 29 37.55 10.10 -34.65
CA LEU F 29 37.91 9.72 -33.28
C LEU F 29 36.74 9.24 -32.44
N LEU F 30 35.56 9.78 -32.73
CA LEU F 30 34.37 9.49 -31.93
C LEU F 30 33.67 8.21 -32.39
N ASP F 31 32.40 8.07 -32.00
CA ASP F 31 31.53 7.01 -32.56
C ASP F 31 30.06 7.41 -32.43
N ALA F 32 29.16 6.46 -32.64
CA ALA F 32 27.72 6.75 -32.62
C ALA F 32 27.23 7.41 -31.33
N ASP F 33 27.96 7.21 -30.23
CA ASP F 33 27.57 7.80 -28.95
C ASP F 33 27.60 9.33 -28.96
N MET F 34 28.36 9.93 -29.88
CA MET F 34 28.43 11.39 -29.93
C MET F 34 27.05 11.99 -30.22
N TRP F 35 26.14 11.18 -30.74
CA TRP F 35 24.82 11.65 -31.15
C TRP F 35 23.73 11.36 -30.13
N GLU F 36 24.09 10.69 -29.04
CA GLU F 36 23.09 10.17 -28.10
C GLU F 36 22.01 11.18 -27.71
N TYR F 37 22.41 12.43 -27.47
CA TYR F 37 21.43 13.44 -27.05
C TYR F 37 20.50 13.87 -28.18
N GLN F 38 21.03 14.01 -29.39
CA GLN F 38 20.19 14.34 -30.55
C GLN F 38 19.24 13.20 -30.89
N MET F 39 19.71 11.98 -30.73
CA MET F 39 18.88 10.80 -31.01
C MET F 39 17.71 10.69 -30.03
N GLU F 40 17.99 10.84 -28.74
CA GLU F 40 16.93 10.80 -27.74
C GLU F 40 15.95 11.95 -27.95
N TYR F 41 16.49 13.14 -28.24
CA TYR F 41 15.66 14.32 -28.45
C TYR F 41 14.65 14.10 -29.58
N LEU F 42 15.12 13.64 -30.73
CA LEU F 42 14.28 13.49 -31.91
C LEU F 42 13.37 12.25 -31.87
N SER F 43 13.89 11.15 -31.33
CA SER F 43 13.10 9.92 -31.26
C SER F 43 11.97 10.02 -30.22
N SER F 44 12.14 10.91 -29.24
CA SER F 44 11.08 11.15 -28.27
CA SER F 44 11.09 11.19 -28.26
C SER F 44 10.08 12.16 -28.85
N ARG F 45 10.36 12.62 -30.06
CA ARG F 45 9.51 13.60 -30.72
C ARG F 45 9.06 13.13 -32.11
N GLY F 46 8.93 11.81 -32.26
CA GLY F 46 8.27 11.25 -33.44
C GLY F 46 9.14 10.86 -34.62
N TYR F 47 10.45 10.81 -34.42
CA TYR F 47 11.36 10.43 -35.49
C TYR F 47 12.11 9.14 -35.19
N ARG F 48 12.56 8.48 -36.25
CA ARG F 48 13.40 7.30 -36.12
C ARG F 48 14.84 7.74 -36.33
N THR F 49 15.69 7.47 -35.35
CA THR F 49 17.09 7.89 -35.44
C THR F 49 18.04 6.70 -35.58
N ILE F 50 18.99 6.84 -36.51
CA ILE F 50 19.95 5.78 -36.78
CA ILE F 50 19.96 5.78 -36.78
C ILE F 50 21.38 6.35 -36.76
N ALA F 51 22.30 5.61 -36.14
CA ALA F 51 23.67 6.07 -36.06
C ALA F 51 24.62 4.88 -36.00
N PHE F 52 25.67 4.93 -36.82
CA PHE F 52 26.61 3.83 -36.92
C PHE F 52 27.99 4.23 -36.41
N ASP F 53 28.79 3.23 -36.03
CA ASP F 53 30.21 3.44 -35.74
C ASP F 53 30.97 3.21 -37.04
N ARG F 54 31.64 4.25 -37.54
CA ARG F 54 32.40 4.12 -38.78
C ARG F 54 33.38 2.95 -38.68
N ARG F 55 33.58 2.25 -39.79
CA ARG F 55 34.57 1.16 -39.78
C ARG F 55 35.85 1.67 -39.14
N GLY F 56 36.42 0.88 -38.25
CA GLY F 56 37.66 1.25 -37.55
C GLY F 56 37.45 2.01 -36.25
N PHE F 57 36.19 2.33 -35.93
CA PHE F 57 35.90 3.15 -34.75
C PHE F 57 34.85 2.51 -33.86
N GLY F 58 34.84 2.92 -32.59
CA GLY F 58 33.86 2.45 -31.64
C GLY F 58 33.81 0.95 -31.54
N ARG F 59 32.61 0.41 -31.76
CA ARG F 59 32.32 -1.01 -31.61
C ARG F 59 32.40 -1.79 -32.94
N SER F 60 32.79 -1.11 -34.00
CA SER F 60 32.88 -1.75 -35.32
C SER F 60 34.20 -2.48 -35.51
N ASP F 61 34.24 -3.41 -36.47
CA ASP F 61 35.49 -4.07 -36.85
C ASP F 61 36.53 -3.05 -37.33
N GLN F 62 37.80 -3.45 -37.32
CA GLN F 62 38.91 -2.56 -37.68
C GLN F 62 39.70 -3.08 -38.87
N PRO F 63 39.11 -3.02 -40.08
CA PRO F 63 39.82 -3.53 -41.25
C PRO F 63 41.04 -2.69 -41.62
N TRP F 64 42.06 -3.35 -42.16
CA TRP F 64 43.27 -2.65 -42.62
C TRP F 64 42.97 -1.84 -43.88
N THR F 65 42.04 -2.33 -44.69
CA THR F 65 41.70 -1.70 -45.97
C THR F 65 40.34 -1.02 -45.95
N GLY F 66 40.14 -0.11 -46.91
CA GLY F 66 38.83 0.53 -47.11
C GLY F 66 38.60 1.74 -46.24
N ASN F 67 39.66 2.28 -45.65
CA ASN F 67 39.55 3.48 -44.84
C ASN F 67 39.64 4.72 -45.72
N ASP F 68 38.65 4.89 -46.59
CA ASP F 68 38.60 6.02 -47.51
C ASP F 68 37.15 6.42 -47.74
N TYR F 69 36.93 7.63 -48.26
CA TYR F 69 35.58 8.17 -48.37
C TYR F 69 34.65 7.40 -49.32
N ASP F 70 35.20 6.85 -50.38
CA ASP F 70 34.38 6.04 -51.29
C ASP F 70 33.81 4.84 -50.57
N THR F 71 34.66 4.15 -49.81
CA THR F 71 34.23 3.01 -49.01
C THR F 71 33.26 3.44 -47.91
N PHE F 72 33.57 4.52 -47.21
CA PHE F 72 32.67 5.04 -46.17
C PHE F 72 31.28 5.31 -46.75
N ALA F 73 31.24 5.94 -47.91
CA ALA F 73 29.98 6.25 -48.58
C ALA F 73 29.21 4.97 -48.93
N ASP F 74 29.93 3.95 -49.38
CA ASP F 74 29.31 2.68 -49.71
C ASP F 74 28.81 1.94 -48.48
N ASP F 75 29.48 2.14 -47.35
CA ASP F 75 29.02 1.55 -46.08
C ASP F 75 27.67 2.14 -45.70
N ILE F 76 27.54 3.45 -45.84
CA ILE F 76 26.27 4.13 -45.57
C ILE F 76 25.18 3.62 -46.51
N ALA F 77 25.50 3.45 -47.78
CA ALA F 77 24.55 2.92 -48.75
C ALA F 77 24.06 1.55 -48.32
N GLN F 78 24.98 0.75 -47.79
CA GLN F 78 24.66 -0.63 -47.39
C GLN F 78 23.76 -0.67 -46.16
N LEU F 79 23.94 0.29 -45.27
CA LEU F 79 23.09 0.40 -44.07
C LEU F 79 21.69 0.85 -44.47
N ILE F 80 21.63 1.83 -45.37
CA ILE F 80 20.35 2.32 -45.86
C ILE F 80 19.56 1.22 -46.56
N GLU F 81 20.25 0.44 -47.39
CA GLU F 81 19.62 -0.69 -48.08
C GLU F 81 19.22 -1.78 -47.09
N HIS F 82 20.11 -2.05 -46.14
CA HIS F 82 19.87 -3.06 -45.11
C HIS F 82 18.56 -2.80 -44.36
N LEU F 83 18.29 -1.53 -44.09
CA LEU F 83 17.08 -1.15 -43.35
C LEU F 83 15.96 -0.69 -44.28
N ASP F 84 16.26 -0.63 -45.57
CA ASP F 84 15.31 -0.17 -46.58
C ASP F 84 14.72 1.20 -46.21
N LEU F 85 15.60 2.12 -45.84
CA LEU F 85 15.17 3.46 -45.43
C LEU F 85 14.68 4.30 -46.61
N LYS F 86 13.65 5.09 -46.36
CA LYS F 86 13.12 6.01 -47.37
C LYS F 86 12.98 7.40 -46.76
N GLU F 87 13.13 8.43 -47.58
CA GLU F 87 13.02 9.81 -47.13
CA GLU F 87 13.00 9.80 -47.12
C GLU F 87 13.91 10.06 -45.91
N VAL F 88 15.16 9.62 -46.01
CA VAL F 88 16.12 9.77 -44.92
CA VAL F 88 16.11 9.77 -44.91
C VAL F 88 16.70 11.18 -44.89
N THR F 89 16.87 11.71 -43.69
CA THR F 89 17.59 12.97 -43.52
C THR F 89 18.99 12.61 -43.02
N LEU F 90 19.99 12.91 -43.85
CA LEU F 90 21.38 12.60 -43.52
C LEU F 90 22.01 13.73 -42.72
N VAL F 91 22.65 13.38 -41.61
CA VAL F 91 23.30 14.37 -40.74
C VAL F 91 24.75 13.97 -40.48
N GLY F 92 25.69 14.82 -40.91
CA GLY F 92 27.11 14.52 -40.76
C GLY F 92 27.85 15.57 -39.95
N PHE F 93 28.72 15.12 -39.05
CA PHE F 93 29.57 16.05 -38.30
C PHE F 93 31.04 15.90 -38.72
N SER F 94 31.73 17.03 -38.86
CA SER F 94 33.16 17.06 -39.17
C SER F 94 33.48 16.21 -40.40
N MET F 95 34.33 15.19 -40.26
CA MET F 95 34.62 14.31 -41.41
C MET F 95 33.39 13.53 -41.86
N GLY F 96 32.41 13.40 -40.97
CA GLY F 96 31.17 12.67 -41.28
C GLY F 96 30.30 13.41 -42.29
N GLY F 97 30.54 14.71 -42.44
CA GLY F 97 29.87 15.48 -43.49
C GLY F 97 30.33 14.98 -44.84
N GLY F 98 31.58 14.54 -44.90
CA GLY F 98 32.18 14.04 -46.13
C GLY F 98 31.55 12.76 -46.64
N ASP F 99 31.33 11.77 -45.77
CA ASP F 99 30.79 10.51 -46.28
C ASP F 99 29.30 10.53 -46.61
N VAL F 100 28.52 11.38 -45.93
CA VAL F 100 27.11 11.54 -46.33
C VAL F 100 27.02 12.27 -47.68
N ALA F 101 27.90 13.25 -47.89
CA ALA F 101 27.96 13.94 -49.18
C ALA F 101 28.39 12.99 -50.29
N ARG F 102 29.43 12.20 -50.01
CA ARG F 102 29.95 11.24 -51.00
C ARG F 102 28.93 10.14 -51.27
N TYR F 103 28.12 9.80 -50.27
CA TYR F 103 27.04 8.85 -50.49
C TYR F 103 26.09 9.35 -51.58
N ILE F 104 25.61 10.59 -51.42
CA ILE F 104 24.71 11.19 -52.40
C ILE F 104 25.36 11.23 -53.78
N ALA F 105 26.64 11.60 -53.83
CA ALA F 105 27.36 11.72 -55.10
C ALA F 105 27.50 10.39 -55.82
N ARG F 106 27.76 9.32 -55.06
CA ARG F 106 27.97 8.01 -55.65
C ARG F 106 26.67 7.24 -55.90
N HIS F 107 25.67 7.46 -55.06
CA HIS F 107 24.46 6.64 -55.08
C HIS F 107 23.19 7.40 -55.45
N GLY F 108 23.28 8.74 -55.50
CA GLY F 108 22.12 9.56 -55.81
C GLY F 108 21.28 9.86 -54.58
N SER F 109 20.19 10.60 -54.76
CA SER F 109 19.38 11.04 -53.62
C SER F 109 17.96 10.48 -53.61
N ALA F 110 17.74 9.36 -54.29
CA ALA F 110 16.41 8.77 -54.35
C ALA F 110 15.83 8.48 -52.97
N ARG F 111 16.69 8.07 -52.03
CA ARG F 111 16.23 7.70 -50.69
C ARG F 111 16.37 8.83 -49.68
N VAL F 112 16.80 10.00 -50.15
CA VAL F 112 17.17 11.10 -49.27
C VAL F 112 16.16 12.25 -49.31
N ALA F 113 15.72 12.69 -48.14
CA ALA F 113 14.79 13.80 -48.02
C ALA F 113 15.50 15.11 -47.70
N GLY F 114 16.68 15.04 -47.10
CA GLY F 114 17.40 16.24 -46.70
C GLY F 114 18.81 15.95 -46.22
N LEU F 115 19.62 16.99 -46.12
CA LEU F 115 21.00 16.86 -45.69
C LEU F 115 21.37 17.96 -44.71
N VAL F 116 22.06 17.58 -43.63
CA VAL F 116 22.57 18.54 -42.65
C VAL F 116 24.07 18.36 -42.47
N LEU F 117 24.82 19.44 -42.64
CA LEU F 117 26.28 19.40 -42.51
C LEU F 117 26.73 20.22 -41.31
N LEU F 118 27.22 19.54 -40.28
CA LEU F 118 27.60 20.18 -39.02
C LEU F 118 29.11 20.27 -38.86
N GLY F 119 29.63 21.49 -38.79
CA GLY F 119 31.08 21.70 -38.67
C GLY F 119 31.86 20.82 -39.63
N ALA F 120 31.33 20.67 -40.84
CA ALA F 120 31.83 19.67 -41.77
C ALA F 120 33.03 20.12 -42.61
N VAL F 121 33.80 19.14 -43.08
CA VAL F 121 35.00 19.38 -43.88
C VAL F 121 34.68 19.77 -45.32
N THR F 122 33.41 19.64 -45.69
CA THR F 122 32.96 20.05 -47.02
C THR F 122 33.12 21.56 -47.19
N PRO F 123 33.45 22.02 -48.41
CA PRO F 123 33.62 21.22 -49.62
C PRO F 123 35.05 20.68 -49.80
N LEU F 124 35.98 21.24 -49.02
N LEU F 124 35.99 21.25 -49.06
CA LEU F 124 37.40 20.87 -49.09
CA LEU F 124 37.33 20.68 -48.98
C LEU F 124 38.12 21.35 -47.83
C LEU F 124 38.11 21.32 -47.85
N PHE F 125 38.98 20.52 -47.26
CA PHE F 125 39.64 20.84 -46.00
C PHE F 125 41.09 21.29 -46.22
N GLY F 126 41.90 20.41 -46.82
CA GLY F 126 43.31 20.70 -47.04
C GLY F 126 43.58 21.54 -48.27
N GLN F 127 44.81 22.02 -48.40
CA GLN F 127 45.22 22.85 -49.53
C GLN F 127 45.20 22.08 -50.86
N LYS F 128 44.79 22.78 -51.91
CA LYS F 128 44.93 22.30 -53.28
C LYS F 128 45.55 23.44 -54.09
N PRO F 129 46.01 23.16 -55.32
CA PRO F 129 46.62 24.19 -56.14
C PRO F 129 45.73 25.44 -56.29
N ASP F 130 44.43 25.23 -56.46
CA ASP F 130 43.49 26.35 -56.57
C ASP F 130 42.82 26.69 -55.24
N TYR F 131 43.34 26.12 -54.15
CA TYR F 131 42.77 26.36 -52.83
C TYR F 131 43.85 26.52 -51.77
N PRO F 132 44.74 27.51 -51.97
CA PRO F 132 45.81 27.78 -51.01
C PRO F 132 45.28 28.17 -49.63
N GLN F 133 44.02 28.58 -49.56
CA GLN F 133 43.42 28.98 -48.29
C GLN F 133 43.09 27.79 -47.39
N GLY F 134 43.16 26.59 -47.94
CA GLY F 134 42.93 25.37 -47.17
C GLY F 134 44.05 25.14 -46.17
N VAL F 135 43.88 24.16 -45.29
CA VAL F 135 44.90 23.83 -44.30
C VAL F 135 46.08 23.15 -44.97
N PRO F 136 47.30 23.66 -44.73
CA PRO F 136 48.49 23.07 -45.33
C PRO F 136 48.62 21.60 -44.97
N LEU F 137 49.05 20.78 -45.92
CA LEU F 137 49.12 19.34 -45.70
C LEU F 137 50.13 18.98 -44.61
N ASP F 138 51.10 19.85 -44.39
N ASP F 138 51.11 19.85 -44.37
CA ASP F 138 52.12 19.63 -43.35
CA ASP F 138 52.11 19.57 -43.35
C ASP F 138 51.47 19.54 -41.97
C ASP F 138 51.52 19.59 -41.94
N VAL F 139 50.39 20.28 -41.77
CA VAL F 139 49.68 20.26 -40.50
C VAL F 139 49.16 18.84 -40.24
N PHE F 140 48.59 18.24 -41.29
CA PHE F 140 48.06 16.89 -41.18
C PHE F 140 49.20 15.87 -41.09
N ALA F 141 50.30 16.14 -41.77
CA ALA F 141 51.48 15.28 -41.67
C ALA F 141 51.92 15.19 -40.22
N ARG F 142 51.85 16.32 -39.51
CA ARG F 142 52.25 16.34 -38.11
C ARG F 142 51.24 15.59 -37.23
N PHE F 143 49.96 15.68 -37.57
CA PHE F 143 48.95 14.86 -36.91
C PHE F 143 49.39 13.41 -36.94
N LYS F 144 49.70 12.92 -38.13
CA LYS F 144 50.10 11.53 -38.32
C LYS F 144 51.34 11.16 -37.52
N THR F 145 52.35 12.01 -37.60
CA THR F 145 53.60 11.79 -36.86
C THR F 145 53.34 11.63 -35.36
N GLU F 146 52.50 12.49 -34.81
N GLU F 146 52.49 12.47 -34.80
CA GLU F 146 52.17 12.46 -33.38
CA GLU F 146 52.21 12.42 -33.37
C GLU F 146 51.34 11.23 -33.03
C GLU F 146 51.31 11.24 -33.01
N LEU F 147 50.36 10.92 -33.88
CA LEU F 147 49.50 9.76 -33.67
C LEU F 147 50.30 8.46 -33.67
N LEU F 148 51.33 8.40 -34.51
CA LEU F 148 52.14 7.20 -34.63
C LEU F 148 53.18 7.09 -33.51
N LYS F 149 53.25 8.11 -32.66
CA LYS F 149 54.09 8.06 -31.47
C LYS F 149 53.26 7.73 -30.24
N ASP F 150 52.15 8.44 -30.06
CA ASP F 150 51.33 8.32 -28.85
C ASP F 150 49.93 8.83 -29.14
N ARG F 151 49.08 7.99 -29.69
CA ARG F 151 47.73 8.45 -30.06
C ARG F 151 46.87 8.75 -28.84
N ALA F 152 47.08 8.04 -27.74
CA ALA F 152 46.31 8.29 -26.53
C ALA F 152 46.50 9.72 -26.03
N GLN F 153 47.75 10.18 -25.98
CA GLN F 153 48.01 11.55 -25.52
C GLN F 153 47.60 12.57 -26.58
N PHE F 154 47.70 12.21 -27.86
CA PHE F 154 47.21 13.09 -28.91
C PHE F 154 45.72 13.37 -28.72
N ILE F 155 44.94 12.32 -28.49
CA ILE F 155 43.51 12.47 -28.28
C ILE F 155 43.24 13.36 -27.07
N SER F 156 43.94 13.07 -25.97
CA SER F 156 43.76 13.84 -24.75
CA SER F 156 43.78 13.85 -24.74
C SER F 156 44.01 15.33 -25.00
N ASP F 157 45.13 15.64 -25.65
CA ASP F 157 45.49 17.01 -25.98
C ASP F 157 44.49 17.64 -26.94
N PHE F 158 43.91 16.82 -27.82
CA PHE F 158 42.98 17.30 -28.84
C PHE F 158 41.67 17.83 -28.23
N ASN F 159 41.31 17.33 -27.06
CA ASN F 159 40.12 17.82 -26.35
C ASN F 159 40.04 19.33 -26.23
N ALA F 160 41.16 19.97 -25.89
CA ALA F 160 41.15 21.42 -25.64
C ALA F 160 40.71 22.25 -26.84
N PRO F 161 41.43 22.15 -27.97
CA PRO F 161 41.02 22.90 -29.16
C PRO F 161 39.70 22.39 -29.76
N PHE F 162 39.41 21.10 -29.58
CA PHE F 162 38.17 20.52 -30.08
C PHE F 162 36.96 21.21 -29.46
N TYR F 163 36.97 21.36 -28.13
CA TYR F 163 35.85 21.94 -27.41
C TYR F 163 36.01 23.43 -27.16
N GLY F 164 37.17 23.98 -27.51
CA GLY F 164 37.45 25.39 -27.30
C GLY F 164 37.80 25.71 -25.85
N ILE F 165 38.17 24.67 -25.10
CA ILE F 165 38.55 24.82 -23.70
C ILE F 165 39.74 25.76 -23.56
N ASN F 166 40.62 25.75 -24.56
CA ASN F 166 41.78 26.61 -24.57
C ASN F 166 41.42 28.08 -24.82
N LYS F 167 40.15 28.33 -25.11
CA LYS F 167 39.65 29.70 -25.25
C LYS F 167 38.65 30.04 -24.15
N GLY F 168 38.50 29.13 -23.19
CA GLY F 168 37.65 29.37 -22.03
C GLY F 168 36.32 28.63 -22.01
N GLN F 169 36.03 27.87 -23.07
CA GLN F 169 34.79 27.11 -23.12
C GLN F 169 34.71 26.19 -21.90
N VAL F 170 33.56 26.21 -21.23
CA VAL F 170 33.37 25.37 -20.04
C VAL F 170 32.84 24.00 -20.45
N VAL F 171 33.61 22.97 -20.12
CA VAL F 171 33.24 21.59 -20.48
C VAL F 171 33.62 20.68 -19.31
N SER F 172 32.70 19.81 -18.91
CA SER F 172 32.93 18.97 -17.73
C SER F 172 34.06 17.98 -17.97
N GLN F 173 34.70 17.57 -16.88
CA GLN F 173 35.73 16.53 -16.96
C GLN F 173 35.10 15.22 -17.44
N GLY F 174 33.84 15.01 -17.09
CA GLY F 174 33.12 13.80 -17.52
C GLY F 174 33.06 13.69 -19.03
N VAL F 175 32.69 14.78 -19.68
CA VAL F 175 32.65 14.81 -21.14
C VAL F 175 34.02 14.52 -21.75
N GLN F 176 35.05 15.12 -21.17
CA GLN F 176 36.41 14.91 -21.66
C GLN F 176 36.86 13.46 -21.48
N THR F 177 36.46 12.86 -20.36
CA THR F 177 36.77 11.47 -20.09
C THR F 177 36.05 10.54 -21.07
N GLN F 178 34.78 10.81 -21.32
CA GLN F 178 34.02 9.98 -22.25
C GLN F 178 34.58 10.10 -23.66
N THR F 179 34.98 11.31 -24.04
CA THR F 179 35.53 11.53 -25.37
C THR F 179 36.80 10.68 -25.56
N LEU F 180 37.68 10.71 -24.57
CA LEU F 180 38.90 9.92 -24.62
C LEU F 180 38.62 8.41 -24.65
N GLN F 181 37.70 7.96 -23.79
CA GLN F 181 37.34 6.56 -23.72
C GLN F 181 36.88 6.01 -25.07
N ILE F 182 35.97 6.74 -25.71
CA ILE F 182 35.46 6.33 -27.01
C ILE F 182 36.55 6.30 -28.08
N ALA F 183 37.38 7.35 -28.10
CA ALA F 183 38.44 7.47 -29.09
C ALA F 183 39.44 6.31 -28.99
N LEU F 184 39.68 5.84 -27.76
CA LEU F 184 40.65 4.77 -27.56
C LEU F 184 40.16 3.42 -28.10
N LEU F 185 38.85 3.29 -28.29
CA LEU F 185 38.28 2.07 -28.85
C LEU F 185 38.73 1.88 -30.29
N ALA F 186 39.00 3.00 -30.97
CA ALA F 186 39.28 3.00 -32.40
C ALA F 186 40.62 2.35 -32.79
N SER F 187 40.73 2.02 -34.07
CA SER F 187 41.96 1.49 -34.64
C SER F 187 43.00 2.58 -34.88
N LEU F 188 44.26 2.30 -34.54
CA LEU F 188 45.35 3.20 -34.87
C LEU F 188 45.42 3.42 -36.39
N LYS F 189 45.27 2.33 -37.15
CA LYS F 189 45.33 2.40 -38.60
C LYS F 189 44.20 3.25 -39.18
N ALA F 190 42.97 3.01 -38.71
CA ALA F 190 41.83 3.77 -39.19
C ALA F 190 41.99 5.25 -38.83
N THR F 191 42.51 5.50 -37.63
CA THR F 191 42.67 6.87 -37.15
C THR F 191 43.61 7.66 -38.05
N VAL F 192 44.74 7.06 -38.39
CA VAL F 192 45.71 7.68 -39.30
C VAL F 192 45.21 7.76 -40.74
N ASP F 193 44.61 6.67 -41.24
CA ASP F 193 44.05 6.68 -42.60
C ASP F 193 42.99 7.76 -42.79
N CYS F 194 42.19 8.02 -41.76
CA CYS F 194 41.17 9.06 -41.86
C CYS F 194 41.78 10.45 -42.07
N VAL F 195 42.95 10.68 -41.48
CA VAL F 195 43.66 11.93 -41.71
C VAL F 195 43.94 12.13 -43.21
N THR F 196 44.48 11.10 -43.84
CA THR F 196 44.73 11.14 -45.28
C THR F 196 43.44 11.47 -46.01
N ALA F 197 42.36 10.77 -45.65
CA ALA F 197 41.06 10.95 -46.26
C ALA F 197 40.55 12.38 -46.16
N PHE F 198 40.45 12.90 -44.94
CA PHE F 198 39.86 14.24 -44.79
C PHE F 198 40.80 15.38 -45.19
N ALA F 199 42.09 15.11 -45.17
CA ALA F 199 43.09 16.11 -45.56
C ALA F 199 43.06 16.39 -47.06
N GLU F 200 42.81 15.37 -47.86
CA GLU F 200 43.09 15.47 -49.30
C GLU F 200 41.89 15.25 -50.23
N THR F 201 40.74 14.89 -49.67
CA THR F 201 39.57 14.63 -50.49
C THR F 201 38.84 15.92 -50.85
N ASP F 202 38.57 16.09 -52.15
CA ASP F 202 37.88 17.28 -52.66
C ASP F 202 36.41 16.95 -52.90
N PHE F 203 35.52 17.58 -52.15
CA PHE F 203 34.09 17.31 -52.26
C PHE F 203 33.35 18.34 -53.11
N ARG F 204 34.09 19.19 -53.81
CA ARG F 204 33.45 20.22 -54.64
C ARG F 204 32.58 19.61 -55.75
N PRO F 205 33.06 18.53 -56.40
CA PRO F 205 32.20 17.83 -57.34
C PRO F 205 30.92 17.32 -56.68
N ASP F 206 31.04 16.84 -55.44
CA ASP F 206 29.89 16.34 -54.69
C ASP F 206 28.84 17.43 -54.47
N MET F 207 29.30 18.64 -54.16
CA MET F 207 28.40 19.73 -53.84
C MET F 207 27.41 19.97 -54.99
N ALA F 208 27.89 19.81 -56.22
CA ALA F 208 27.07 20.07 -57.40
C ALA F 208 25.99 19.01 -57.59
N LYS F 209 26.17 17.86 -56.96
CA LYS F 209 25.23 16.75 -57.10
C LYS F 209 24.20 16.69 -55.98
N ILE F 210 24.29 17.60 -55.03
CA ILE F 210 23.34 17.64 -53.93
C ILE F 210 22.08 18.41 -54.32
N ASP F 211 21.00 17.66 -54.56
CA ASP F 211 19.76 18.24 -55.05
C ASP F 211 18.62 18.06 -54.05
N VAL F 212 18.95 18.14 -52.77
CA VAL F 212 17.94 18.07 -51.71
C VAL F 212 18.08 19.27 -50.78
N PRO F 213 17.02 19.55 -50.01
CA PRO F 213 17.11 20.65 -49.04
C PRO F 213 18.30 20.38 -48.10
N THR F 214 19.10 21.42 -47.86
CA THR F 214 20.33 21.27 -47.10
C THR F 214 20.48 22.37 -46.06
N LEU F 215 20.91 21.99 -44.86
CA LEU F 215 21.19 22.95 -43.80
C LEU F 215 22.66 22.83 -43.36
N VAL F 216 23.39 23.94 -43.43
CA VAL F 216 24.78 23.97 -42.98
C VAL F 216 24.86 24.72 -41.66
N ILE F 217 25.36 24.06 -40.63
CA ILE F 217 25.61 24.72 -39.35
C ILE F 217 27.09 24.64 -39.01
N HIS F 218 27.66 25.74 -38.55
CA HIS F 218 29.08 25.80 -38.25
C HIS F 218 29.32 26.82 -37.15
N GLY F 219 30.28 26.55 -36.27
CA GLY F 219 30.70 27.54 -35.28
C GLY F 219 31.79 28.40 -35.90
N ASP F 220 31.68 29.71 -35.77
CA ASP F 220 32.72 30.57 -36.32
C ASP F 220 33.90 30.76 -35.36
N GLY F 221 33.89 29.99 -34.27
CA GLY F 221 35.04 29.89 -33.39
C GLY F 221 35.76 28.55 -33.55
N ASP F 222 35.42 27.83 -34.62
CA ASP F 222 35.94 26.49 -34.89
C ASP F 222 37.45 26.51 -35.16
N GLN F 223 38.23 25.90 -34.26
CA GLN F 223 39.69 25.87 -34.39
C GLN F 223 40.18 24.67 -35.20
N ILE F 224 39.29 23.73 -35.47
CA ILE F 224 39.66 22.48 -36.12
C ILE F 224 39.33 22.51 -37.61
N VAL F 225 38.08 22.83 -37.91
CA VAL F 225 37.62 22.93 -39.30
C VAL F 225 37.16 24.37 -39.55
N PRO F 226 38.03 25.18 -40.17
CA PRO F 226 37.82 26.62 -40.32
C PRO F 226 36.54 26.96 -41.06
N PHE F 227 35.63 27.67 -40.39
CA PHE F 227 34.35 28.04 -40.98
C PHE F 227 34.51 28.69 -42.35
N GLU F 228 35.39 29.69 -42.42
CA GLU F 228 35.54 30.52 -43.61
C GLU F 228 35.84 29.74 -44.89
N THR F 229 36.54 28.61 -44.77
CA THR F 229 36.95 27.85 -45.96
C THR F 229 36.21 26.52 -46.11
N THR F 230 35.29 26.25 -45.19
CA THR F 230 34.49 25.03 -45.27
C THR F 230 32.99 25.35 -45.29
N GLY F 231 32.37 25.40 -44.12
CA GLY F 231 30.93 25.66 -44.01
C GLY F 231 30.46 26.84 -44.83
N LYS F 232 31.19 27.95 -44.74
CA LYS F 232 30.83 29.16 -45.47
C LYS F 232 30.72 28.90 -46.97
N VAL F 233 31.67 28.12 -47.50
CA VAL F 233 31.73 27.84 -48.93
C VAL F 233 30.70 26.78 -49.34
N ALA F 234 30.54 25.76 -48.51
CA ALA F 234 29.58 24.69 -48.79
C ALA F 234 28.17 25.25 -48.96
N ALA F 235 27.82 26.21 -48.10
CA ALA F 235 26.48 26.81 -48.13
C ALA F 235 26.24 27.55 -49.44
N GLU F 236 27.31 27.99 -50.10
CA GLU F 236 27.16 28.71 -51.36
C GLU F 236 27.15 27.77 -52.57
N LEU F 237 27.93 26.69 -52.48
CA LEU F 237 28.06 25.75 -53.59
C LEU F 237 26.86 24.81 -53.71
N ILE F 238 26.16 24.57 -52.61
CA ILE F 238 24.97 23.72 -52.63
C ILE F 238 23.72 24.57 -52.92
N LYS F 239 23.09 24.31 -54.07
CA LYS F 239 21.92 25.08 -54.46
C LYS F 239 20.84 25.05 -53.39
N GLY F 240 20.40 26.24 -52.98
CA GLY F 240 19.27 26.36 -52.06
C GLY F 240 19.61 26.06 -50.61
N ALA F 241 20.88 25.86 -50.32
CA ALA F 241 21.30 25.52 -48.96
C ALA F 241 21.06 26.66 -47.98
N GLU F 242 20.69 26.30 -46.75
CA GLU F 242 20.55 27.27 -45.67
C GLU F 242 21.78 27.24 -44.78
N LEU F 243 22.17 28.39 -44.25
CA LEU F 243 23.35 28.47 -43.39
C LEU F 243 23.02 29.07 -42.03
N LYS F 244 23.45 28.40 -40.96
CA LYS F 244 23.34 28.94 -39.62
C LYS F 244 24.71 28.91 -38.95
N VAL F 245 25.13 30.07 -38.43
CA VAL F 245 26.41 30.18 -37.76
C VAL F 245 26.22 30.39 -36.27
N TYR F 246 26.73 29.46 -35.47
CA TYR F 246 26.70 29.63 -34.02
C TYR F 246 27.86 30.52 -33.62
N LYS F 247 27.57 31.70 -33.09
CA LYS F 247 28.61 32.68 -32.78
C LYS F 247 29.60 32.21 -31.72
N ASP F 248 30.89 32.26 -32.07
CA ASP F 248 31.99 31.90 -31.17
C ASP F 248 31.99 30.42 -30.77
N ALA F 249 31.09 29.64 -31.35
CA ALA F 249 31.02 28.21 -31.03
C ALA F 249 32.28 27.49 -31.51
N PRO F 250 32.69 26.44 -30.77
CA PRO F 250 33.86 25.64 -31.11
C PRO F 250 33.50 24.57 -32.13
N HIS F 251 34.47 23.73 -32.47
CA HIS F 251 34.21 22.60 -33.35
C HIS F 251 33.20 21.65 -32.71
N GLY F 252 33.40 21.34 -31.43
CA GLY F 252 32.58 20.34 -30.75
C GLY F 252 31.27 20.89 -30.22
N PHE F 253 30.49 21.54 -31.09
CA PHE F 253 29.31 22.26 -30.62
C PHE F 253 28.08 21.40 -30.37
N ALA F 254 28.13 20.13 -30.73
CA ALA F 254 27.03 19.22 -30.39
C ALA F 254 27.00 19.03 -28.87
N VAL F 255 28.15 19.26 -28.23
CA VAL F 255 28.24 19.23 -26.78
C VAL F 255 27.94 20.60 -26.19
N THR F 256 28.64 21.63 -26.68
CA THR F 256 28.56 22.96 -26.08
C THR F 256 27.26 23.69 -26.43
N HIS F 257 26.69 23.39 -27.59
CA HIS F 257 25.46 24.03 -28.04
C HIS F 257 24.37 22.99 -28.32
N ALA F 258 24.28 21.99 -27.46
CA ALA F 258 23.38 20.85 -27.67
C ALA F 258 21.92 21.23 -27.85
N GLN F 259 21.39 22.06 -26.96
CA GLN F 259 19.96 22.42 -27.04
C GLN F 259 19.65 23.16 -28.33
N GLN F 260 20.51 24.10 -28.69
CA GLN F 260 20.33 24.87 -29.92
C GLN F 260 20.34 23.96 -31.14
N LEU F 261 21.28 23.01 -31.17
CA LEU F 261 21.36 22.05 -32.26
C LEU F 261 20.10 21.18 -32.33
N ASN F 262 19.66 20.68 -31.18
CA ASN F 262 18.46 19.86 -31.12
C ASN F 262 17.28 20.58 -31.76
N GLU F 263 17.09 21.84 -31.37
CA GLU F 263 15.97 22.63 -31.83
C GLU F 263 16.08 22.95 -33.33
N ASP F 264 17.30 23.21 -33.79
CA ASP F 264 17.53 23.49 -35.20
C ASP F 264 17.29 22.27 -36.08
N LEU F 265 17.68 21.10 -35.58
CA LEU F 265 17.41 19.86 -36.30
C LEU F 265 15.90 19.60 -36.40
N LEU F 266 15.19 19.82 -35.30
CA LEU F 266 13.75 19.62 -35.28
C LEU F 266 13.06 20.58 -36.24
N ALA F 267 13.50 21.84 -36.24
CA ALA F 267 12.93 22.85 -37.12
C ALA F 267 13.13 22.48 -38.59
N PHE F 268 14.33 21.99 -38.91
CA PHE F 268 14.65 21.59 -40.28
C PHE F 268 13.76 20.44 -40.74
N LEU F 269 13.59 19.43 -39.89
CA LEU F 269 12.76 18.29 -40.21
C LEU F 269 11.30 18.72 -40.43
N LYS F 270 10.86 19.72 -39.69
CA LYS F 270 9.48 20.20 -39.77
C LYS F 270 9.32 21.37 -40.74
N ARG F 271 10.32 21.60 -41.57
CA ARG F 271 10.30 22.73 -42.50
C ARG F 271 9.09 22.67 -43.43
C1 J6Z G . -48.49 19.09 24.25
S1 J6Z G . -48.66 17.41 24.89
C2 J6Z G . -47.01 19.43 24.11
O2 J6Z G . -47.50 17.09 25.67
C3 J6Z G . -49.20 19.19 22.90
O3 J6Z G . -48.80 16.49 23.80
C4 J6Z G . -46.81 20.73 23.35
C1 GOL H . -47.43 -6.16 25.84
O1 GOL H . -46.05 -6.11 25.54
C2 GOL H . -47.92 -7.60 25.67
O2 GOL H . -47.76 -8.00 24.33
C3 GOL H . -49.38 -7.72 26.10
O3 GOL H . -50.20 -6.91 25.28
C1 GOL I . -46.58 27.26 11.80
O1 GOL I . -45.70 28.21 11.23
C2 GOL I . -45.90 26.54 12.95
O2 GOL I . -44.67 25.98 12.52
C3 GOL I . -46.82 25.44 13.47
O3 GOL I . -47.00 24.47 12.48
C1 GOL J . -42.39 9.58 33.46
O1 GOL J . -42.10 8.63 34.46
C2 GOL J . -43.44 9.02 32.51
O2 GOL J . -42.92 7.86 31.87
C3 GOL J . -43.78 10.07 31.45
O3 GOL J . -44.53 11.11 32.04
C1 GOL K . -47.46 27.17 24.67
O1 GOL K . -47.81 27.53 25.99
C2 GOL K . -46.29 26.20 24.70
O2 GOL K . -46.74 24.92 25.06
C3 GOL K . -45.25 26.69 25.71
O3 GOL K . -45.16 28.10 25.64
S SO4 L . -60.20 11.12 4.41
O1 SO4 L . -61.63 11.10 4.73
O2 SO4 L . -60.03 11.51 3.01
O3 SO4 L . -59.53 12.10 5.26
O4 SO4 L . -59.63 9.80 4.62
C1 J6Z M . -14.21 4.89 14.48
S1 J6Z M . -15.90 5.35 14.02
C2 J6Z M . -14.17 4.57 15.97
O2 J6Z M . -16.55 5.91 15.18
C3 J6Z M . -13.76 3.70 13.67
O3 J6Z M . -16.61 4.18 13.57
C4 J6Z M . -12.77 4.17 16.41
C1 GOL N . -4.77 -6.45 17.32
O1 GOL N . -3.83 -6.84 18.29
C2 GOL N . -5.74 -5.44 17.94
O2 GOL N . -6.48 -6.08 18.96
C3 GOL N . -6.70 -4.93 16.87
O3 GOL N . -7.42 -6.02 16.32
C1 GOL O . -39.09 3.02 10.18
O1 GOL O . -39.30 2.60 11.52
C2 GOL O . -40.36 2.76 9.39
O2 GOL O . -40.63 1.37 9.39
C3 GOL O . -40.21 3.26 7.95
O3 GOL O . -39.17 2.56 7.30
C1 GOL P . -26.25 12.08 19.05
O1 GOL P . -27.36 12.95 18.97
C2 GOL P . -26.28 11.12 17.86
O2 GOL P . -27.36 10.23 18.03
C3 GOL P . -24.98 10.35 17.81
O3 GOL P . -23.99 11.10 17.12
C1 GOL Q . -7.43 5.85 17.69
O1 GOL Q . -8.70 6.46 17.73
C2 GOL Q . -6.40 6.75 18.37
O2 GOL Q . -7.05 7.61 19.28
C3 GOL Q . -5.68 7.58 17.31
O3 GOL Q . -6.58 7.95 16.29
S SO4 R . -16.38 -14.58 0.12
O1 SO4 R . -16.30 -15.91 0.69
O2 SO4 R . -15.87 -14.59 -1.24
O3 SO4 R . -17.78 -14.15 0.11
O4 SO4 R . -15.60 -13.65 0.93
C1 J6Z S . -33.52 -10.01 44.20
S1 J6Z S . -32.65 -10.23 42.62
C2 J6Z S . -34.02 -8.58 44.28
O2 J6Z S . -32.14 -8.95 42.20
C3 J6Z S . -34.67 -11.00 44.27
O3 J6Z S . -33.58 -10.72 41.64
C4 J6Z S . -34.82 -8.35 45.55
C1 GOL T . -29.50 -12.05 19.28
O1 GOL T . -30.04 -10.76 19.09
C2 GOL T . -29.38 -12.74 17.93
O2 GOL T . -30.66 -12.88 17.36
C3 GOL T . -28.72 -14.11 18.10
O3 GOL T . -29.47 -14.93 18.97
C1 GOL U . -46.88 -9.69 50.95
O1 GOL U . -47.85 -8.87 51.56
C2 GOL U . -45.79 -8.82 50.33
O2 GOL U . -46.38 -7.82 49.54
C3 GOL U . -44.89 -9.68 49.47
O3 GOL U . -45.64 -10.28 48.44
C1 GOL V . -24.88 -3.39 34.21
O1 GOL V . -23.68 -3.30 33.49
C2 GOL V . -25.50 -4.76 33.98
O2 GOL V . -26.18 -4.74 32.74
C3 GOL V . -26.48 -5.06 35.10
O3 GOL V . -25.79 -5.44 36.28
C1 GOL W . -34.45 -7.62 51.14
O1 GOL W . -33.73 -7.19 50.00
C2 GOL W . -33.76 -7.14 52.41
O2 GOL W . -33.53 -5.75 52.31
C3 GOL W . -32.42 -7.86 52.57
O3 GOL W . -32.33 -8.41 53.87
S SO4 X . -49.84 -26.47 36.59
O1 SO4 X . -50.76 -27.61 36.64
O2 SO4 X . -49.02 -26.57 35.38
O3 SO4 X . -50.62 -25.23 36.55
O4 SO4 X . -48.98 -26.48 37.77
C1 J6Z Y . 19.42 3.12 -7.53
S1 J6Z Y . 20.46 1.67 -7.84
C2 J6Z Y . 20.03 4.34 -8.22
O2 J6Z Y . 21.83 2.09 -8.00
C3 J6Z Y . 18.02 2.85 -8.04
O3 J6Z Y . 20.02 1.00 -9.02
C4 J6Z Y . 19.13 5.55 -8.04
C1 GOL Z . 8.20 11.73 -12.54
O1 GOL Z . 7.97 13.07 -12.87
C2 GOL Z . 9.70 11.50 -12.43
O2 GOL Z . 10.34 12.01 -13.58
C3 GOL Z . 10.00 10.01 -12.27
O3 GOL Z . 9.70 9.33 -13.46
C1 GOL AA . 31.79 -14.89 -20.51
O1 GOL AA . 32.33 -13.91 -21.38
C2 GOL AA . 32.01 -16.25 -21.14
O2 GOL AA . 31.35 -16.29 -22.39
C3 GOL AA . 31.48 -17.37 -20.22
O3 GOL AA . 30.11 -17.19 -19.96
C1 GOL BA . 33.54 -0.79 -9.41
O1 GOL BA . 34.72 -1.48 -9.05
C2 GOL BA . 32.40 -1.78 -9.61
O2 GOL BA . 32.53 -2.37 -10.88
C3 GOL BA . 31.07 -1.03 -9.55
O3 GOL BA . 30.64 -0.88 -8.21
C1 GOL CA . 17.11 9.39 -4.11
O1 GOL CA . 18.29 8.72 -4.51
C2 GOL CA . 17.39 10.26 -2.89
O2 GOL CA . 18.65 10.87 -3.03
C3 GOL CA . 17.38 9.38 -1.64
O3 GOL CA . 16.68 10.05 -0.60
S SO4 DA . 2.23 -8.24 -20.15
O1 SO4 DA . 1.65 -8.64 -18.86
O2 SO4 DA . 1.17 -8.11 -21.13
O3 SO4 DA . 2.91 -6.96 -19.99
O4 SO4 DA . 3.18 -9.25 -20.58
C1 J6Z EA . 54.27 -10.27 -16.45
S1 J6Z EA . 53.72 -9.70 -18.07
C2 J6Z EA . 53.40 -9.65 -15.38
O2 J6Z EA . 53.16 -8.38 -17.93
C3 J6Z EA . 54.19 -11.79 -16.41
O3 J6Z EA . 52.73 -10.60 -18.59
C4 J6Z EA . 53.80 -10.12 -14.00
C1 GOL FA . 39.65 -6.38 -36.79
O1 GOL FA . 38.66 -5.79 -35.97
C2 GOL FA . 39.08 -6.63 -38.19
O2 GOL FA . 37.99 -7.52 -38.09
C3 GOL FA . 40.15 -7.20 -39.12
O3 GOL FA . 40.65 -8.43 -38.62
C1 GOL GA . 51.47 -19.79 -5.21
O1 GOL GA . 51.25 -19.79 -3.82
C2 GOL GA . 51.31 -18.38 -5.74
O2 GOL GA . 50.02 -17.89 -5.42
C3 GOL GA . 51.49 -18.37 -7.25
O3 GOL GA . 50.54 -19.22 -7.86
C1 GOL HA . 50.16 -0.89 -23.96
O1 GOL HA . 51.04 -0.87 -22.84
C2 GOL HA . 49.25 0.32 -23.94
O2 GOL HA . 48.11 0.06 -24.72
C3 GOL HA . 50.00 1.52 -24.50
O3 GOL HA . 49.18 2.67 -24.48
C1 GOL IA . 42.10 -27.79 -30.82
O1 GOL IA . 41.79 -28.53 -29.67
C2 GOL IA . 43.47 -28.22 -31.36
O2 GOL IA . 44.46 -27.98 -30.38
C3 GOL IA . 43.78 -27.42 -32.62
O3 GOL IA . 45.08 -27.70 -33.07
C1 GOL JA . 57.52 -8.54 -9.89
O1 GOL JA . 57.11 -9.67 -10.62
C2 GOL JA . 58.55 -8.96 -8.84
O2 GOL JA . 58.47 -8.10 -7.73
C3 GOL JA . 59.94 -8.86 -9.45
O3 GOL JA . 60.13 -9.90 -10.38
S SO4 KA . 46.72 -32.44 -22.99
O1 SO4 KA . 46.75 -33.88 -23.16
O2 SO4 KA . 46.20 -31.82 -24.20
O3 SO4 KA . 45.88 -32.08 -21.85
O4 SO4 KA . 48.09 -31.96 -22.75
C1 J6Z LA . 38.03 16.81 -38.19
S1 J6Z LA . 36.51 16.09 -37.50
C2 J6Z LA . 39.21 16.39 -37.32
O2 J6Z LA . 36.66 15.98 -36.07
C3 J6Z LA . 38.21 16.31 -39.62
O3 J6Z LA . 36.29 14.79 -38.07
C4 J6Z LA . 40.51 16.99 -37.82
C1 GOL MA . 21.58 -0.83 -30.55
O1 GOL MA . 22.56 -1.32 -29.65
C2 GOL MA . 20.40 -1.80 -30.58
O2 GOL MA . 20.80 -3.00 -31.18
C3 GOL MA . 19.23 -1.18 -31.34
O3 GOL MA . 19.64 -0.78 -32.64
C1 GOL NA . 31.35 13.52 -25.30
O1 GOL NA . 30.37 13.48 -24.28
C2 GOL NA . 30.79 13.00 -26.60
O2 GOL NA . 30.57 11.60 -26.48
C3 GOL NA . 31.79 13.25 -27.72
O3 GOL NA . 31.69 14.58 -28.19
C1 GOL OA . 49.99 14.57 -46.73
O1 GOL OA . 51.39 14.47 -46.71
C2 GOL OA . 49.48 14.53 -45.30
O2 GOL OA . 50.09 13.46 -44.60
C3 GOL OA . 47.97 14.33 -45.31
O3 GOL OA . 47.66 13.09 -45.91
C1 GOL PA . 44.15 22.95 -36.84
O1 GOL PA . 45.51 23.30 -36.68
C2 GOL PA . 43.82 22.88 -38.32
O2 GOL PA . 42.73 23.71 -38.61
C3 GOL PA . 43.46 21.43 -38.67
O3 GOL PA . 42.68 20.89 -37.65
#